data_9DCW
# 
_entry.id   9DCW 
# 
_audit_conform.dict_name       mmcif_pdbx.dic 
_audit_conform.dict_version    5.403 
_audit_conform.dict_location   http://mmcif.pdb.org/dictionaries/ascii/mmcif_pdbx.dic 
# 
loop_
_database_2.database_id 
_database_2.database_code 
_database_2.pdbx_database_accession 
_database_2.pdbx_DOI 
PDB   9DCW         pdb_00009dcw 10.2210/pdb9dcw/pdb 
WWPDB D_1000286084 ?            ?                   
# 
loop_
_pdbx_audit_revision_history.ordinal 
_pdbx_audit_revision_history.data_content_type 
_pdbx_audit_revision_history.major_revision 
_pdbx_audit_revision_history.minor_revision 
_pdbx_audit_revision_history.revision_date 
_pdbx_audit_revision_history.part_number 
1 'Structure model' 1 0 2025-03-26 ? 
2 'Structure model' 1 1 2025-05-21 ? 
# 
_pdbx_audit_revision_details.ordinal             1 
_pdbx_audit_revision_details.revision_ordinal    1 
_pdbx_audit_revision_details.data_content_type   'Structure model' 
_pdbx_audit_revision_details.provider            repository 
_pdbx_audit_revision_details.type                'Initial release' 
_pdbx_audit_revision_details.description         ? 
_pdbx_audit_revision_details.details             ? 
# 
_pdbx_audit_revision_group.ordinal             1 
_pdbx_audit_revision_group.revision_ordinal    2 
_pdbx_audit_revision_group.data_content_type   'Structure model' 
_pdbx_audit_revision_group.group               'Database references' 
# 
loop_
_pdbx_audit_revision_category.ordinal 
_pdbx_audit_revision_category.revision_ordinal 
_pdbx_audit_revision_category.data_content_type 
_pdbx_audit_revision_category.category 
1 2 'Structure model' citation        
2 2 'Structure model' citation_author 
# 
loop_
_pdbx_audit_revision_item.ordinal 
_pdbx_audit_revision_item.revision_ordinal 
_pdbx_audit_revision_item.data_content_type 
_pdbx_audit_revision_item.item 
1 2 'Structure model' '_citation.journal_volume'          
2 2 'Structure model' '_citation.page_first'              
3 2 'Structure model' '_citation.page_last'               
4 2 'Structure model' '_citation_author.identifier_ORCID' 
# 
_pdbx_database_status.status_code                     REL 
_pdbx_database_status.status_code_sf                  REL 
_pdbx_database_status.status_code_mr                  ? 
_pdbx_database_status.entry_id                        9DCW 
_pdbx_database_status.recvd_initial_deposition_date   2024-08-27 
_pdbx_database_status.SG_entry                        N 
_pdbx_database_status.deposit_site                    RCSB 
_pdbx_database_status.process_site                    RCSB 
_pdbx_database_status.status_code_cs                  ? 
_pdbx_database_status.status_code_nmr_data            ? 
_pdbx_database_status.methods_development_category    ? 
_pdbx_database_status.pdb_format_compatible           N 
# 
_pdbx_contact_author.id                 3 
_pdbx_contact_author.email              michael.salcius@novartis.com 
_pdbx_contact_author.name_first         Michael 
_pdbx_contact_author.name_last          Salcius 
_pdbx_contact_author.name_mi            J. 
_pdbx_contact_author.role               'principal investigator/group leader' 
_pdbx_contact_author.identifier_ORCID   0000-0001-6695-6513 
# 
loop_
_audit_author.name 
_audit_author.pdbx_ordinal 
_audit_author.identifier_ORCID 
'Salcius, M.J.' 1 0000-0001-6695-6513 
'King, D.A.'    2 0000-0002-2581-2318 
'Clark, K.'     3 0000-0001-8424-4798 
# 
_citation.abstract                  ? 
_citation.abstract_id_CAS           ? 
_citation.book_id_ISBN              ? 
_citation.book_publisher            ? 
_citation.book_publisher_city       ? 
_citation.book_title                ? 
_citation.coordinate_linkage        ? 
_citation.country                   UK 
_citation.database_id_Medline       ? 
_citation.details                   ? 
_citation.id                        primary 
_citation.journal_abbrev            'Rsc Chem Biol' 
_citation.journal_id_ASTM           ? 
_citation.journal_id_CSD            ? 
_citation.journal_id_ISSN           2633-0679 
_citation.journal_full              ? 
_citation.journal_issue             ? 
_citation.journal_volume            6 
_citation.language                  ? 
_citation.page_first                788 
_citation.page_last                 799 
_citation.title                     
'Identification and characterization of ternary complexes consisting of FKBP12, MAPRE1 and macrocyclic molecular glues.' 
_citation.year                      2025 
_citation.database_id_CSD           ? 
_citation.pdbx_database_id_DOI      10.1039/d4cb00279b 
_citation.pdbx_database_id_PubMed   40059881 
_citation.pdbx_database_id_patent   ? 
_citation.unpublished_flag          ? 
# 
loop_
_citation_author.citation_id 
_citation_author.name 
_citation_author.ordinal 
_citation_author.identifier_ORCID 
primary 'Salcius, M.'  1  ? 
primary 'Tutter, A.'   2  ? 
primary 'Fouche, M.'   3  ? 
primary 'Koc, H.'      4  ? 
primary 'King, D.'     5  ? 
primary 'Dhembi, A.'   6  ? 
primary 'Golosov, A.'  7  ? 
primary 'Jahnke, W.'   8  ? 
primary 'Henry, C.'    9  ? 
primary 'Argoti, D.'   10 ? 
primary 'Jia, W.'      11 ? 
primary 'Pedro, L.'    12 ? 
primary 'Connor, L.'   13 ? 
primary 'Piechon, P.'  14 ? 
primary 'Fabbiani, F.' 15 ? 
primary 'Denay, R.'    16 ? 
primary 'Sager, E.'    17 ? 
primary 'Kuehnoel, J.' 18 ? 
primary 'Lozach, M.A.' 19 ? 
primary 'Lima, F.'     20 ? 
primary 'Vitrey, A.'   21 ? 
primary 'Chen, S.Y.'   22 ? 
primary 'Michaud, G.'  23 ? 
primary 'Roth, H.J.'   24 ? 
# 
loop_
_entity.id 
_entity.type 
_entity.src_method 
_entity.pdbx_description 
_entity.formula_weight 
_entity.pdbx_number_of_molecules 
_entity.pdbx_ec 
_entity.pdbx_mutation 
_entity.pdbx_fragment 
_entity.details 
1 polymer     man 'Peptidyl-prolyl cis-trans isomerase FKBP1A' 12054.782 1  5.2.1.8 ? ? ? 
2 non-polymer syn 
;(5S,14R,16aS,21R,28S,30aR)-14-[2-(3,4-dimethoxyphenyl)ethyl]-24,24,28-trimethyl-2-methylidene-1,3,4,17,18,19,20,24,25,28,29,30a-dodecahydro-2H,14H-9,13-(metheno)dipyrido[1,2-d:1',2'-o][1,10,18,4,7,15]trioxatriazacyclotetracosine-6,16,22,23,27,30(7H,16aH)-hexone
;
761.857   1  ?       ? ? ? 
3 water       nat water 18.015    97 ?       ? ? ? 
# 
_entity_name_com.entity_id   1 
_entity_name_com.name        
;PPIase FKBP1A,12 kDa FK506-binding protein,12 kDa FKBP,FKBP-12,Calstabin-1,FK506-binding protein 1A,FKBP-1A,Immunophilin FKBP12,Rotamase
;
# 
_entity_poly.entity_id                      1 
_entity_poly.type                           'polypeptide(L)' 
_entity_poly.nstd_linkage                   no 
_entity_poly.nstd_monomer                   no 
_entity_poly.pdbx_seq_one_letter_code       
;SMGVQVETISPGDGRTFPKRGQTCVVHYTGMLEDGKKFDSSRDRNKPFKFMLGKQEVIRGWEEGVAQMSVGQRAKLTISP
DYAYGATGHPGIIPPHATLVFDVELLKLE
;
_entity_poly.pdbx_seq_one_letter_code_can   
;SMGVQVETISPGDGRTFPKRGQTCVVHYTGMLEDGKKFDSSRDRNKPFKFMLGKQEVIRGWEEGVAQMSVGQRAKLTISP
DYAYGATGHPGIIPPHATLVFDVELLKLE
;
_entity_poly.pdbx_strand_id                 A 
_entity_poly.pdbx_target_identifier         ? 
# 
loop_
_pdbx_entity_nonpoly.entity_id 
_pdbx_entity_nonpoly.name 
_pdbx_entity_nonpoly.comp_id 
2 
;(5S,14R,16aS,21R,28S,30aR)-14-[2-(3,4-dimethoxyphenyl)ethyl]-24,24,28-trimethyl-2-methylidene-1,3,4,17,18,19,20,24,25,28,29,30a-dodecahydro-2H,14H-9,13-(metheno)dipyrido[1,2-d:1',2'-o][1,10,18,4,7,15]trioxatriazacyclotetracosine-6,16,22,23,27,30(7H,16aH)-hexone
;
A1AZI 
3 water HOH   
# 
loop_
_entity_poly_seq.entity_id 
_entity_poly_seq.num 
_entity_poly_seq.mon_id 
_entity_poly_seq.hetero 
1 1   SER n 
1 2   MET n 
1 3   GLY n 
1 4   VAL n 
1 5   GLN n 
1 6   VAL n 
1 7   GLU n 
1 8   THR n 
1 9   ILE n 
1 10  SER n 
1 11  PRO n 
1 12  GLY n 
1 13  ASP n 
1 14  GLY n 
1 15  ARG n 
1 16  THR n 
1 17  PHE n 
1 18  PRO n 
1 19  LYS n 
1 20  ARG n 
1 21  GLY n 
1 22  GLN n 
1 23  THR n 
1 24  CYS n 
1 25  VAL n 
1 26  VAL n 
1 27  HIS n 
1 28  TYR n 
1 29  THR n 
1 30  GLY n 
1 31  MET n 
1 32  LEU n 
1 33  GLU n 
1 34  ASP n 
1 35  GLY n 
1 36  LYS n 
1 37  LYS n 
1 38  PHE n 
1 39  ASP n 
1 40  SER n 
1 41  SER n 
1 42  ARG n 
1 43  ASP n 
1 44  ARG n 
1 45  ASN n 
1 46  LYS n 
1 47  PRO n 
1 48  PHE n 
1 49  LYS n 
1 50  PHE n 
1 51  MET n 
1 52  LEU n 
1 53  GLY n 
1 54  LYS n 
1 55  GLN n 
1 56  GLU n 
1 57  VAL n 
1 58  ILE n 
1 59  ARG n 
1 60  GLY n 
1 61  TRP n 
1 62  GLU n 
1 63  GLU n 
1 64  GLY n 
1 65  VAL n 
1 66  ALA n 
1 67  GLN n 
1 68  MET n 
1 69  SER n 
1 70  VAL n 
1 71  GLY n 
1 72  GLN n 
1 73  ARG n 
1 74  ALA n 
1 75  LYS n 
1 76  LEU n 
1 77  THR n 
1 78  ILE n 
1 79  SER n 
1 80  PRO n 
1 81  ASP n 
1 82  TYR n 
1 83  ALA n 
1 84  TYR n 
1 85  GLY n 
1 86  ALA n 
1 87  THR n 
1 88  GLY n 
1 89  HIS n 
1 90  PRO n 
1 91  GLY n 
1 92  ILE n 
1 93  ILE n 
1 94  PRO n 
1 95  PRO n 
1 96  HIS n 
1 97  ALA n 
1 98  THR n 
1 99  LEU n 
1 100 VAL n 
1 101 PHE n 
1 102 ASP n 
1 103 VAL n 
1 104 GLU n 
1 105 LEU n 
1 106 LEU n 
1 107 LYS n 
1 108 LEU n 
1 109 GLU n 
# 
_entity_src_gen.entity_id                          1 
_entity_src_gen.pdbx_src_id                        1 
_entity_src_gen.pdbx_alt_source_flag               sample 
_entity_src_gen.pdbx_seq_type                      'Biological sequence' 
_entity_src_gen.pdbx_beg_seq_num                   1 
_entity_src_gen.pdbx_end_seq_num                   109 
_entity_src_gen.gene_src_common_name               human 
_entity_src_gen.gene_src_genus                     ? 
_entity_src_gen.pdbx_gene_src_gene                 'FKBP1A, FKBP1, FKBP12' 
_entity_src_gen.gene_src_species                   ? 
_entity_src_gen.gene_src_strain                    ? 
_entity_src_gen.gene_src_tissue                    ? 
_entity_src_gen.gene_src_tissue_fraction           ? 
_entity_src_gen.gene_src_details                   ? 
_entity_src_gen.pdbx_gene_src_fragment             ? 
_entity_src_gen.pdbx_gene_src_scientific_name      'Homo sapiens' 
_entity_src_gen.pdbx_gene_src_ncbi_taxonomy_id     9606 
_entity_src_gen.pdbx_gene_src_variant              ? 
_entity_src_gen.pdbx_gene_src_cell_line            ? 
_entity_src_gen.pdbx_gene_src_atcc                 ? 
_entity_src_gen.pdbx_gene_src_organ                ? 
_entity_src_gen.pdbx_gene_src_organelle            ? 
_entity_src_gen.pdbx_gene_src_cell                 ? 
_entity_src_gen.pdbx_gene_src_cellular_location    ? 
_entity_src_gen.host_org_common_name               ? 
_entity_src_gen.pdbx_host_org_scientific_name      'Escherichia coli' 
_entity_src_gen.pdbx_host_org_ncbi_taxonomy_id     562 
_entity_src_gen.host_org_genus                     ? 
_entity_src_gen.pdbx_host_org_gene                 ? 
_entity_src_gen.pdbx_host_org_organ                ? 
_entity_src_gen.host_org_species                   ? 
_entity_src_gen.pdbx_host_org_tissue               ? 
_entity_src_gen.pdbx_host_org_tissue_fraction      ? 
_entity_src_gen.pdbx_host_org_strain               ? 
_entity_src_gen.pdbx_host_org_variant              ? 
_entity_src_gen.pdbx_host_org_cell_line            ? 
_entity_src_gen.pdbx_host_org_atcc                 ? 
_entity_src_gen.pdbx_host_org_culture_collection   ? 
_entity_src_gen.pdbx_host_org_cell                 ? 
_entity_src_gen.pdbx_host_org_organelle            ? 
_entity_src_gen.pdbx_host_org_cellular_location    ? 
_entity_src_gen.pdbx_host_org_vector_type          ? 
_entity_src_gen.pdbx_host_org_vector               ? 
_entity_src_gen.host_org_details                   ? 
_entity_src_gen.expression_system_id               ? 
_entity_src_gen.plasmid_name                       ? 
_entity_src_gen.plasmid_details                    ? 
_entity_src_gen.pdbx_description                   ? 
# 
loop_
_chem_comp.id 
_chem_comp.type 
_chem_comp.mon_nstd_flag 
_chem_comp.name 
_chem_comp.pdbx_synonyms 
_chem_comp.formula 
_chem_comp.formula_weight 
A1AZI non-polymer         . 
;(5S,14R,16aS,21R,28S,30aR)-14-[2-(3,4-dimethoxyphenyl)ethyl]-24,24,28-trimethyl-2-methylidene-1,3,4,17,18,19,20,24,25,28,29,30a-dodecahydro-2H,14H-9,13-(metheno)dipyrido[1,2-d:1',2'-o][1,10,18,4,7,15]trioxatriazacyclotetracosine-6,16,22,23,27,30(7H,16aH)-hexone
;
? 'C41 H51 N3 O11' 761.857 
ALA   'L-peptide linking' y ALANINE ? 'C3 H7 N O2'     89.093  
ARG   'L-peptide linking' y ARGININE ? 'C6 H15 N4 O2 1' 175.209 
ASN   'L-peptide linking' y ASPARAGINE ? 'C4 H8 N2 O3'    132.118 
ASP   'L-peptide linking' y 'ASPARTIC ACID' ? 'C4 H7 N O4'     133.103 
CYS   'L-peptide linking' y CYSTEINE ? 'C3 H7 N O2 S'   121.158 
GLN   'L-peptide linking' y GLUTAMINE ? 'C5 H10 N2 O3'   146.144 
GLU   'L-peptide linking' y 'GLUTAMIC ACID' ? 'C5 H9 N O4'     147.129 
GLY   'peptide linking'   y GLYCINE ? 'C2 H5 N O2'     75.067  
HIS   'L-peptide linking' y HISTIDINE ? 'C6 H10 N3 O2 1' 156.162 
HOH   non-polymer         . WATER ? 'H2 O'           18.015  
ILE   'L-peptide linking' y ISOLEUCINE ? 'C6 H13 N O2'    131.173 
LEU   'L-peptide linking' y LEUCINE ? 'C6 H13 N O2'    131.173 
LYS   'L-peptide linking' y LYSINE ? 'C6 H15 N2 O2 1' 147.195 
MET   'L-peptide linking' y METHIONINE ? 'C5 H11 N O2 S'  149.211 
PHE   'L-peptide linking' y PHENYLALANINE ? 'C9 H11 N O2'    165.189 
PRO   'L-peptide linking' y PROLINE ? 'C5 H9 N O2'     115.130 
SER   'L-peptide linking' y SERINE ? 'C3 H7 N O3'     105.093 
THR   'L-peptide linking' y THREONINE ? 'C4 H9 N O3'     119.119 
TRP   'L-peptide linking' y TRYPTOPHAN ? 'C11 H12 N2 O2'  204.225 
TYR   'L-peptide linking' y TYROSINE ? 'C9 H11 N O3'    181.189 
VAL   'L-peptide linking' y VALINE ? 'C5 H11 N O2'    117.146 
# 
loop_
_pdbx_poly_seq_scheme.asym_id 
_pdbx_poly_seq_scheme.entity_id 
_pdbx_poly_seq_scheme.seq_id 
_pdbx_poly_seq_scheme.mon_id 
_pdbx_poly_seq_scheme.ndb_seq_num 
_pdbx_poly_seq_scheme.pdb_seq_num 
_pdbx_poly_seq_scheme.auth_seq_num 
_pdbx_poly_seq_scheme.pdb_mon_id 
_pdbx_poly_seq_scheme.auth_mon_id 
_pdbx_poly_seq_scheme.pdb_strand_id 
_pdbx_poly_seq_scheme.pdb_ins_code 
_pdbx_poly_seq_scheme.hetero 
A 1 1   SER 1   -1  -1  SER SER A . n 
A 1 2   MET 2   0   0   MET MET A . n 
A 1 3   GLY 3   1   1   GLY GLY A . n 
A 1 4   VAL 4   2   2   VAL VAL A . n 
A 1 5   GLN 5   3   3   GLN GLN A . n 
A 1 6   VAL 6   4   4   VAL VAL A . n 
A 1 7   GLU 7   5   5   GLU GLU A . n 
A 1 8   THR 8   6   6   THR THR A . n 
A 1 9   ILE 9   7   7   ILE ILE A . n 
A 1 10  SER 10  8   8   SER SER A . n 
A 1 11  PRO 11  9   9   PRO PRO A . n 
A 1 12  GLY 12  10  10  GLY GLY A . n 
A 1 13  ASP 13  11  11  ASP ASP A . n 
A 1 14  GLY 14  12  12  GLY GLY A . n 
A 1 15  ARG 15  13  13  ARG ARG A . n 
A 1 16  THR 16  14  14  THR THR A . n 
A 1 17  PHE 17  15  15  PHE PHE A . n 
A 1 18  PRO 18  16  16  PRO PRO A . n 
A 1 19  LYS 19  17  17  LYS LYS A . n 
A 1 20  ARG 20  18  18  ARG ARG A . n 
A 1 21  GLY 21  19  19  GLY GLY A . n 
A 1 22  GLN 22  20  20  GLN GLN A . n 
A 1 23  THR 23  21  21  THR THR A . n 
A 1 24  CYS 24  22  22  CYS CYS A . n 
A 1 25  VAL 25  23  23  VAL VAL A . n 
A 1 26  VAL 26  24  24  VAL VAL A . n 
A 1 27  HIS 27  25  25  HIS HIS A . n 
A 1 28  TYR 28  26  26  TYR TYR A . n 
A 1 29  THR 29  27  27  THR THR A . n 
A 1 30  GLY 30  28  28  GLY GLY A . n 
A 1 31  MET 31  29  29  MET MET A . n 
A 1 32  LEU 32  30  30  LEU LEU A . n 
A 1 33  GLU 33  31  31  GLU GLU A . n 
A 1 34  ASP 34  32  32  ASP ASP A . n 
A 1 35  GLY 35  33  33  GLY GLY A . n 
A 1 36  LYS 36  34  34  LYS LYS A . n 
A 1 37  LYS 37  35  35  LYS LYS A . n 
A 1 38  PHE 38  36  36  PHE PHE A . n 
A 1 39  ASP 39  37  37  ASP ASP A . n 
A 1 40  SER 40  38  38  SER SER A . n 
A 1 41  SER 41  39  39  SER SER A . n 
A 1 42  ARG 42  40  40  ARG ARG A . n 
A 1 43  ASP 43  41  41  ASP ASP A . n 
A 1 44  ARG 44  42  42  ARG ARG A . n 
A 1 45  ASN 45  43  43  ASN ASN A . n 
A 1 46  LYS 46  44  44  LYS LYS A . n 
A 1 47  PRO 47  45  45  PRO PRO A . n 
A 1 48  PHE 48  46  46  PHE PHE A . n 
A 1 49  LYS 49  47  47  LYS LYS A . n 
A 1 50  PHE 50  48  48  PHE PHE A . n 
A 1 51  MET 51  49  49  MET MET A . n 
A 1 52  LEU 52  50  50  LEU LEU A . n 
A 1 53  GLY 53  51  51  GLY GLY A . n 
A 1 54  LYS 54  52  52  LYS LYS A . n 
A 1 55  GLN 55  53  53  GLN GLN A . n 
A 1 56  GLU 56  54  54  GLU GLU A . n 
A 1 57  VAL 57  55  55  VAL VAL A . n 
A 1 58  ILE 58  56  56  ILE ILE A . n 
A 1 59  ARG 59  57  57  ARG ARG A . n 
A 1 60  GLY 60  58  58  GLY GLY A . n 
A 1 61  TRP 61  59  59  TRP TRP A . n 
A 1 62  GLU 62  60  60  GLU GLU A . n 
A 1 63  GLU 63  61  61  GLU GLU A . n 
A 1 64  GLY 64  62  62  GLY GLY A . n 
A 1 65  VAL 65  63  63  VAL VAL A . n 
A 1 66  ALA 66  64  64  ALA ALA A . n 
A 1 67  GLN 67  65  65  GLN GLN A . n 
A 1 68  MET 68  66  66  MET MET A . n 
A 1 69  SER 69  67  67  SER SER A . n 
A 1 70  VAL 70  68  68  VAL VAL A . n 
A 1 71  GLY 71  69  69  GLY GLY A . n 
A 1 72  GLN 72  70  70  GLN GLN A . n 
A 1 73  ARG 73  71  71  ARG ARG A . n 
A 1 74  ALA 74  72  72  ALA ALA A . n 
A 1 75  LYS 75  73  73  LYS LYS A . n 
A 1 76  LEU 76  74  74  LEU LEU A . n 
A 1 77  THR 77  75  75  THR THR A . n 
A 1 78  ILE 78  76  76  ILE ILE A . n 
A 1 79  SER 79  77  77  SER SER A . n 
A 1 80  PRO 80  78  78  PRO PRO A . n 
A 1 81  ASP 81  79  79  ASP ASP A . n 
A 1 82  TYR 82  80  80  TYR TYR A . n 
A 1 83  ALA 83  81  81  ALA ALA A . n 
A 1 84  TYR 84  82  82  TYR TYR A . n 
A 1 85  GLY 85  83  83  GLY GLY A . n 
A 1 86  ALA 86  84  84  ALA ALA A . n 
A 1 87  THR 87  85  85  THR THR A . n 
A 1 88  GLY 88  86  86  GLY GLY A . n 
A 1 89  HIS 89  87  87  HIS HIS A . n 
A 1 90  PRO 90  88  88  PRO PRO A . n 
A 1 91  GLY 91  89  89  GLY GLY A . n 
A 1 92  ILE 92  90  90  ILE ILE A . n 
A 1 93  ILE 93  91  91  ILE ILE A . n 
A 1 94  PRO 94  92  92  PRO PRO A . n 
A 1 95  PRO 95  93  93  PRO PRO A . n 
A 1 96  HIS 96  94  94  HIS HIS A . n 
A 1 97  ALA 97  95  95  ALA ALA A . n 
A 1 98  THR 98  96  96  THR THR A . n 
A 1 99  LEU 99  97  97  LEU LEU A . n 
A 1 100 VAL 100 98  98  VAL VAL A . n 
A 1 101 PHE 101 99  99  PHE PHE A . n 
A 1 102 ASP 102 100 100 ASP ASP A . n 
A 1 103 VAL 103 101 101 VAL VAL A . n 
A 1 104 GLU 104 102 102 GLU GLU A . n 
A 1 105 LEU 105 103 103 LEU LEU A . n 
A 1 106 LEU 106 104 104 LEU LEU A . n 
A 1 107 LYS 107 105 105 LYS LYS A . n 
A 1 108 LEU 108 106 106 LEU LEU A . n 
A 1 109 GLU 109 107 107 GLU GLU A . n 
# 
_pdbx_entity_instance_feature.ordinal        1 
_pdbx_entity_instance_feature.comp_id        A1AZI 
_pdbx_entity_instance_feature.asym_id        ? 
_pdbx_entity_instance_feature.seq_num        ? 
_pdbx_entity_instance_feature.auth_comp_id   A1AZI 
_pdbx_entity_instance_feature.auth_asym_id   ? 
_pdbx_entity_instance_feature.auth_seq_num   ? 
_pdbx_entity_instance_feature.feature_type   'SUBJECT OF INVESTIGATION' 
_pdbx_entity_instance_feature.details        ? 
# 
loop_
_pdbx_nonpoly_scheme.asym_id 
_pdbx_nonpoly_scheme.entity_id 
_pdbx_nonpoly_scheme.mon_id 
_pdbx_nonpoly_scheme.ndb_seq_num 
_pdbx_nonpoly_scheme.pdb_seq_num 
_pdbx_nonpoly_scheme.auth_seq_num 
_pdbx_nonpoly_scheme.pdb_mon_id 
_pdbx_nonpoly_scheme.auth_mon_id 
_pdbx_nonpoly_scheme.pdb_strand_id 
_pdbx_nonpoly_scheme.pdb_ins_code 
B 2 A1AZI 1  201 1   A1AZI LI1 A . 
C 3 HOH   1  301 107 HOH   HOH A . 
C 3 HOH   2  302 54  HOH   HOH A . 
C 3 HOH   3  303 109 HOH   HOH A . 
C 3 HOH   4  304 72  HOH   HOH A . 
C 3 HOH   5  305 7   HOH   HOH A . 
C 3 HOH   6  306 103 HOH   HOH A . 
C 3 HOH   7  307 108 HOH   HOH A . 
C 3 HOH   8  308 101 HOH   HOH A . 
C 3 HOH   9  309 69  HOH   HOH A . 
C 3 HOH   10 310 24  HOH   HOH A . 
C 3 HOH   11 311 43  HOH   HOH A . 
C 3 HOH   12 312 31  HOH   HOH A . 
C 3 HOH   13 313 78  HOH   HOH A . 
C 3 HOH   14 314 105 HOH   HOH A . 
C 3 HOH   15 315 106 HOH   HOH A . 
C 3 HOH   16 316 59  HOH   HOH A . 
C 3 HOH   17 317 29  HOH   HOH A . 
C 3 HOH   18 318 13  HOH   HOH A . 
C 3 HOH   19 319 100 HOH   HOH A . 
C 3 HOH   20 320 104 HOH   HOH A . 
C 3 HOH   21 321 26  HOH   HOH A . 
C 3 HOH   22 322 21  HOH   HOH A . 
C 3 HOH   23 323 22  HOH   HOH A . 
C 3 HOH   24 324 44  HOH   HOH A . 
C 3 HOH   25 325 4   HOH   HOH A . 
C 3 HOH   26 326 14  HOH   HOH A . 
C 3 HOH   27 327 25  HOH   HOH A . 
C 3 HOH   28 328 23  HOH   HOH A . 
C 3 HOH   29 329 37  HOH   HOH A . 
C 3 HOH   30 330 17  HOH   HOH A . 
C 3 HOH   31 331 47  HOH   HOH A . 
C 3 HOH   32 332 51  HOH   HOH A . 
C 3 HOH   33 333 94  HOH   HOH A . 
C 3 HOH   34 334 49  HOH   HOH A . 
C 3 HOH   35 335 28  HOH   HOH A . 
C 3 HOH   36 336 6   HOH   HOH A . 
C 3 HOH   37 337 99  HOH   HOH A . 
C 3 HOH   38 338 10  HOH   HOH A . 
C 3 HOH   39 339 90  HOH   HOH A . 
C 3 HOH   40 340 41  HOH   HOH A . 
C 3 HOH   41 341 91  HOH   HOH A . 
C 3 HOH   42 342 12  HOH   HOH A . 
C 3 HOH   43 343 52  HOH   HOH A . 
C 3 HOH   44 344 20  HOH   HOH A . 
C 3 HOH   45 345 62  HOH   HOH A . 
C 3 HOH   46 346 48  HOH   HOH A . 
C 3 HOH   47 347 1   HOH   HOH A . 
C 3 HOH   48 348 70  HOH   HOH A . 
C 3 HOH   49 349 5   HOH   HOH A . 
C 3 HOH   50 350 16  HOH   HOH A . 
C 3 HOH   51 351 38  HOH   HOH A . 
C 3 HOH   52 352 32  HOH   HOH A . 
C 3 HOH   53 353 55  HOH   HOH A . 
C 3 HOH   54 354 82  HOH   HOH A . 
C 3 HOH   55 355 19  HOH   HOH A . 
C 3 HOH   56 356 9   HOH   HOH A . 
C 3 HOH   57 357 66  HOH   HOH A . 
C 3 HOH   58 358 110 HOH   HOH A . 
C 3 HOH   59 359 2   HOH   HOH A . 
C 3 HOH   60 360 95  HOH   HOH A . 
C 3 HOH   61 361 77  HOH   HOH A . 
C 3 HOH   62 362 35  HOH   HOH A . 
C 3 HOH   63 363 86  HOH   HOH A . 
C 3 HOH   64 364 40  HOH   HOH A . 
C 3 HOH   65 365 81  HOH   HOH A . 
C 3 HOH   66 366 11  HOH   HOH A . 
C 3 HOH   67 367 34  HOH   HOH A . 
C 3 HOH   68 368 36  HOH   HOH A . 
C 3 HOH   69 369 102 HOH   HOH A . 
C 3 HOH   70 370 58  HOH   HOH A . 
C 3 HOH   71 371 18  HOH   HOH A . 
C 3 HOH   72 372 8   HOH   HOH A . 
C 3 HOH   73 373 15  HOH   HOH A . 
C 3 HOH   74 374 27  HOH   HOH A . 
C 3 HOH   75 375 46  HOH   HOH A . 
C 3 HOH   76 376 74  HOH   HOH A . 
C 3 HOH   77 377 84  HOH   HOH A . 
C 3 HOH   78 378 92  HOH   HOH A . 
C 3 HOH   79 379 75  HOH   HOH A . 
C 3 HOH   80 380 45  HOH   HOH A . 
C 3 HOH   81 381 88  HOH   HOH A . 
C 3 HOH   82 382 87  HOH   HOH A . 
C 3 HOH   83 383 63  HOH   HOH A . 
C 3 HOH   84 384 89  HOH   HOH A . 
C 3 HOH   85 385 61  HOH   HOH A . 
C 3 HOH   86 386 56  HOH   HOH A . 
C 3 HOH   87 387 98  HOH   HOH A . 
C 3 HOH   88 388 114 HOH   HOH A . 
C 3 HOH   89 389 76  HOH   HOH A . 
C 3 HOH   90 390 96  HOH   HOH A . 
C 3 HOH   91 391 60  HOH   HOH A . 
C 3 HOH   92 392 33  HOH   HOH A . 
C 3 HOH   93 393 73  HOH   HOH A . 
C 3 HOH   94 394 112 HOH   HOH A . 
C 3 HOH   95 395 53  HOH   HOH A . 
C 3 HOH   96 396 50  HOH   HOH A . 
C 3 HOH   97 397 80  HOH   HOH A . 
# 
loop_
_software.citation_id 
_software.classification 
_software.compiler_name 
_software.compiler_version 
_software.contact_author 
_software.contact_author_email 
_software.date 
_software.description 
_software.dependencies 
_software.hardware 
_software.language 
_software.location 
_software.mods 
_software.name 
_software.os 
_software.os_version 
_software.type 
_software.version 
_software.pdbx_ordinal 
? refinement        ? ? ? ? ? ? ? ? ? ? ? PHENIX   ? ? ? 1.21.2_5419 1 
? 'data processing' ? ? ? ? ? ? ? ? ? ? ? autoPROC ? ? ? .           2 
? phasing           ? ? ? ? ? ? ? ? ? ? ? PHASER   ? ? ? .           3 
# 
_cell.angle_alpha                  90.000 
_cell.angle_alpha_esd              ? 
_cell.angle_beta                   90.000 
_cell.angle_beta_esd               ? 
_cell.angle_gamma                  90.000 
_cell.angle_gamma_esd              ? 
_cell.entry_id                     9DCW 
_cell.details                      ? 
_cell.formula_units_Z              ? 
_cell.length_a                     29.490 
_cell.length_a_esd                 ? 
_cell.length_b                     62.984 
_cell.length_b_esd                 ? 
_cell.length_c                     68.512 
_cell.length_c_esd                 ? 
_cell.volume                       127254.063 
_cell.volume_esd                   ? 
_cell.Z_PDB                        4 
_cell.reciprocal_angle_alpha       ? 
_cell.reciprocal_angle_beta        ? 
_cell.reciprocal_angle_gamma       ? 
_cell.reciprocal_angle_alpha_esd   ? 
_cell.reciprocal_angle_beta_esd    ? 
_cell.reciprocal_angle_gamma_esd   ? 
_cell.reciprocal_length_a          ? 
_cell.reciprocal_length_b          ? 
_cell.reciprocal_length_c          ? 
_cell.reciprocal_length_a_esd      ? 
_cell.reciprocal_length_b_esd      ? 
_cell.reciprocal_length_c_esd      ? 
_cell.pdbx_unique_axis             ? 
_cell.pdbx_esd_method              ? 
# 
_symmetry.entry_id                         9DCW 
_symmetry.cell_setting                     ? 
_symmetry.Int_Tables_number                19 
_symmetry.space_group_name_Hall            'P 2ac 2ab' 
_symmetry.space_group_name_H-M             'P 21 21 21' 
_symmetry.pdbx_full_space_group_name_H-M   ? 
# 
_exptl.absorpt_coefficient_mu     ? 
_exptl.absorpt_correction_T_max   ? 
_exptl.absorpt_correction_T_min   ? 
_exptl.absorpt_correction_type    ? 
_exptl.absorpt_process_details    ? 
_exptl.entry_id                   9DCW 
_exptl.crystals_number            1 
_exptl.details                    ? 
_exptl.method                     'X-RAY DIFFRACTION' 
_exptl.method_details             ? 
# 
_exptl_crystal.colour                       ? 
_exptl_crystal.density_diffrn               ? 
_exptl_crystal.density_Matthews             2.64 
_exptl_crystal.density_method               ? 
_exptl_crystal.density_percent_sol          53.39 
_exptl_crystal.description                  ? 
_exptl_crystal.F_000                        ? 
_exptl_crystal.id                           1 
_exptl_crystal.preparation                  ? 
_exptl_crystal.size_max                     ? 
_exptl_crystal.size_mid                     ? 
_exptl_crystal.size_min                     ? 
_exptl_crystal.size_rad                     ? 
_exptl_crystal.colour_lustre                ? 
_exptl_crystal.colour_modifier              ? 
_exptl_crystal.colour_primary               ? 
_exptl_crystal.density_meas                 ? 
_exptl_crystal.density_meas_esd             ? 
_exptl_crystal.density_meas_gt              ? 
_exptl_crystal.density_meas_lt              ? 
_exptl_crystal.density_meas_temp            ? 
_exptl_crystal.density_meas_temp_esd        ? 
_exptl_crystal.density_meas_temp_gt         ? 
_exptl_crystal.density_meas_temp_lt         ? 
_exptl_crystal.pdbx_crystal_image_url       ? 
_exptl_crystal.pdbx_crystal_image_format    ? 
_exptl_crystal.pdbx_mosaicity               ? 
_exptl_crystal.pdbx_mosaicity_esd           ? 
_exptl_crystal.pdbx_mosaic_method           ? 
_exptl_crystal.pdbx_mosaic_block_size       ? 
_exptl_crystal.pdbx_mosaic_block_size_esd   ? 
# 
_exptl_crystal_grow.apparatus       ? 
_exptl_crystal_grow.atmosphere      ? 
_exptl_crystal_grow.crystal_id      1 
_exptl_crystal_grow.details         ? 
_exptl_crystal_grow.method          'VAPOR DIFFUSION, SITTING DROP' 
_exptl_crystal_grow.method_ref      ? 
_exptl_crystal_grow.pH              ? 
_exptl_crystal_grow.pressure        ? 
_exptl_crystal_grow.pressure_esd    ? 
_exptl_crystal_grow.seeding         ? 
_exptl_crystal_grow.seeding_ref     ? 
_exptl_crystal_grow.temp_details    ? 
_exptl_crystal_grow.temp_esd        ? 
_exptl_crystal_grow.time            ? 
_exptl_crystal_grow.pdbx_details    '0.1 M CHES, 30% PEG3K (pH 9.5)' 
_exptl_crystal_grow.pdbx_pH_range   ? 
_exptl_crystal_grow.temp            277.15 
# 
_diffrn.ambient_environment              ? 
_diffrn.ambient_temp                     100 
_diffrn.ambient_temp_details             ? 
_diffrn.ambient_temp_esd                 ? 
_diffrn.crystal_id                       1 
_diffrn.crystal_support                  ? 
_diffrn.crystal_treatment                ? 
_diffrn.details                          ? 
_diffrn.id                               1 
_diffrn.ambient_pressure                 ? 
_diffrn.ambient_pressure_esd             ? 
_diffrn.ambient_pressure_gt              ? 
_diffrn.ambient_pressure_lt              ? 
_diffrn.ambient_temp_gt                  ? 
_diffrn.ambient_temp_lt                  ? 
_diffrn.pdbx_serial_crystal_experiment   N 
# 
_diffrn_detector.details                      ? 
_diffrn_detector.detector                     PIXEL 
_diffrn_detector.diffrn_id                    1 
_diffrn_detector.type                         'DECTRIS EIGER X 9M' 
_diffrn_detector.area_resol_mean              ? 
_diffrn_detector.dtime                        ? 
_diffrn_detector.pdbx_frames_total            ? 
_diffrn_detector.pdbx_collection_time_total   ? 
_diffrn_detector.pdbx_collection_date         2019-06-24 
_diffrn_detector.pdbx_frequency               ? 
_diffrn_detector.id                           ? 
_diffrn_detector.number_of_axes               ? 
# 
_diffrn_radiation.collimation                      ? 
_diffrn_radiation.diffrn_id                        1 
_diffrn_radiation.filter_edge                      ? 
_diffrn_radiation.inhomogeneity                    ? 
_diffrn_radiation.monochromator                    ? 
_diffrn_radiation.polarisn_norm                    ? 
_diffrn_radiation.polarisn_ratio                   ? 
_diffrn_radiation.probe                            ? 
_diffrn_radiation.type                             ? 
_diffrn_radiation.xray_symbol                      ? 
_diffrn_radiation.wavelength_id                    1 
_diffrn_radiation.pdbx_monochromatic_or_laue_m_l   M 
_diffrn_radiation.pdbx_wavelength_list             ? 
_diffrn_radiation.pdbx_wavelength                  ? 
_diffrn_radiation.pdbx_diffrn_protocol             'SINGLE WAVELENGTH' 
_diffrn_radiation.pdbx_analyzer                    ? 
_diffrn_radiation.pdbx_scattering_type             x-ray 
# 
_diffrn_radiation_wavelength.id           1 
_diffrn_radiation_wavelength.wavelength   1.0 
_diffrn_radiation_wavelength.wt           1.0 
# 
_diffrn_source.current                     ? 
_diffrn_source.details                     ? 
_diffrn_source.diffrn_id                   1 
_diffrn_source.power                       ? 
_diffrn_source.size                        ? 
_diffrn_source.source                      SYNCHROTRON 
_diffrn_source.target                      ? 
_diffrn_source.type                        'APS BEAMLINE 17-ID' 
_diffrn_source.voltage                     ? 
_diffrn_source.take-off_angle              ? 
_diffrn_source.pdbx_wavelength_list        1.0 
_diffrn_source.pdbx_wavelength             ? 
_diffrn_source.pdbx_synchrotron_beamline   17-ID 
_diffrn_source.pdbx_synchrotron_site       APS 
# 
_reflns.B_iso_Wilson_estimate                          20.18 
_reflns.entry_id                                       9DCW 
_reflns.data_reduction_details                         ? 
_reflns.data_reduction_method                          ? 
_reflns.d_resolution_high                              1.721 
_reflns.d_resolution_low                               31.492 
_reflns.details                                        ? 
_reflns.limit_h_max                                    ? 
_reflns.limit_h_min                                    ? 
_reflns.limit_k_max                                    ? 
_reflns.limit_k_min                                    ? 
_reflns.limit_l_max                                    ? 
_reflns.limit_l_min                                    ? 
_reflns.number_all                                     ? 
_reflns.number_obs                                     13998 
_reflns.observed_criterion                             ? 
_reflns.observed_criterion_F_max                       ? 
_reflns.observed_criterion_F_min                       ? 
_reflns.observed_criterion_I_max                       ? 
_reflns.observed_criterion_I_min                       ? 
_reflns.observed_criterion_sigma_F                     ? 
_reflns.observed_criterion_sigma_I                     ? 
_reflns.percent_possible_obs                           98.93 
_reflns.R_free_details                                 ? 
_reflns.Rmerge_F_all                                   ? 
_reflns.Rmerge_F_obs                                   ? 
_reflns.Friedel_coverage                               ? 
_reflns.number_gt                                      ? 
_reflns.threshold_expression                           ? 
_reflns.pdbx_redundancy                                5.1 
_reflns.pdbx_netI_over_av_sigmaI                       ? 
_reflns.pdbx_netI_over_sigmaI                          9.4 
_reflns.pdbx_res_netI_over_av_sigmaI_2                 ? 
_reflns.pdbx_res_netI_over_sigmaI_2                    ? 
_reflns.pdbx_chi_squared                               ? 
_reflns.pdbx_scaling_rejects                           ? 
_reflns.pdbx_d_res_high_opt                            ? 
_reflns.pdbx_d_res_low_opt                             ? 
_reflns.pdbx_d_res_opt_method                          ? 
_reflns.phase_calculation_details                      ? 
_reflns.pdbx_Rrim_I_all                                .137 
_reflns.pdbx_Rpim_I_all                                .056 
_reflns.pdbx_d_opt                                     ? 
_reflns.pdbx_number_measured_all                       ? 
_reflns.pdbx_diffrn_id                                 1 
_reflns.pdbx_ordinal                                   1 
_reflns.pdbx_CC_half                                   .993 
_reflns.pdbx_CC_star                                   ? 
_reflns.pdbx_R_split                                   ? 
_reflns.pdbx_Rmerge_I_obs                              .125 
_reflns.pdbx_Rmerge_I_all                              ? 
_reflns.pdbx_Rsym_value                                ? 
_reflns.pdbx_CC_split_method                           ? 
_reflns.pdbx_aniso_diffraction_limit_axis_1_ortho[1]   ? 
_reflns.pdbx_aniso_diffraction_limit_axis_1_ortho[2]   ? 
_reflns.pdbx_aniso_diffraction_limit_axis_1_ortho[3]   ? 
_reflns.pdbx_aniso_diffraction_limit_axis_2_ortho[1]   ? 
_reflns.pdbx_aniso_diffraction_limit_axis_2_ortho[2]   ? 
_reflns.pdbx_aniso_diffraction_limit_axis_2_ortho[3]   ? 
_reflns.pdbx_aniso_diffraction_limit_axis_3_ortho[1]   ? 
_reflns.pdbx_aniso_diffraction_limit_axis_3_ortho[2]   ? 
_reflns.pdbx_aniso_diffraction_limit_axis_3_ortho[3]   ? 
_reflns.pdbx_aniso_diffraction_limit_1                 ? 
_reflns.pdbx_aniso_diffraction_limit_2                 ? 
_reflns.pdbx_aniso_diffraction_limit_3                 ? 
_reflns.pdbx_aniso_B_tensor_eigenvector_1_ortho[1]     ? 
_reflns.pdbx_aniso_B_tensor_eigenvector_1_ortho[2]     ? 
_reflns.pdbx_aniso_B_tensor_eigenvector_1_ortho[3]     ? 
_reflns.pdbx_aniso_B_tensor_eigenvector_2_ortho[1]     ? 
_reflns.pdbx_aniso_B_tensor_eigenvector_2_ortho[2]     ? 
_reflns.pdbx_aniso_B_tensor_eigenvector_2_ortho[3]     ? 
_reflns.pdbx_aniso_B_tensor_eigenvector_3_ortho[1]     ? 
_reflns.pdbx_aniso_B_tensor_eigenvector_3_ortho[2]     ? 
_reflns.pdbx_aniso_B_tensor_eigenvector_3_ortho[3]     ? 
_reflns.pdbx_aniso_B_tensor_eigenvalue_1               ? 
_reflns.pdbx_aniso_B_tensor_eigenvalue_2               ? 
_reflns.pdbx_aniso_B_tensor_eigenvalue_3               ? 
_reflns.pdbx_orthogonalization_convention              ? 
_reflns.pdbx_percent_possible_ellipsoidal              ? 
_reflns.pdbx_percent_possible_spherical                ? 
_reflns.pdbx_percent_possible_ellipsoidal_anomalous    ? 
_reflns.pdbx_percent_possible_spherical_anomalous      ? 
_reflns.pdbx_redundancy_anomalous                      ? 
_reflns.pdbx_CC_half_anomalous                         ? 
_reflns.pdbx_absDiff_over_sigma_anomalous              ? 
_reflns.pdbx_percent_possible_anomalous                ? 
_reflns.pdbx_observed_signal_threshold                 ? 
_reflns.pdbx_signal_type                               ? 
_reflns.pdbx_signal_details                            ? 
_reflns.pdbx_signal_software_id                        ? 
# 
_reflns_shell.d_res_high                                    1.721 
_reflns_shell.d_res_low                                     1.78 
_reflns_shell.meanI_over_sigI_all                           ? 
_reflns_shell.meanI_over_sigI_obs                           ? 
_reflns_shell.number_measured_all                           ? 
_reflns_shell.number_measured_obs                           ? 
_reflns_shell.number_possible                               ? 
_reflns_shell.number_unique_all                             ? 
_reflns_shell.number_unique_obs                             1239 
_reflns_shell.percent_possible_obs                          ? 
_reflns_shell.Rmerge_F_all                                  ? 
_reflns_shell.Rmerge_F_obs                                  ? 
_reflns_shell.meanI_over_sigI_gt                            ? 
_reflns_shell.meanI_over_uI_all                             ? 
_reflns_shell.meanI_over_uI_gt                              ? 
_reflns_shell.number_measured_gt                            ? 
_reflns_shell.number_unique_gt                              ? 
_reflns_shell.percent_possible_gt                           ? 
_reflns_shell.Rmerge_F_gt                                   ? 
_reflns_shell.Rmerge_I_gt                                   ? 
_reflns_shell.pdbx_redundancy                               ? 
_reflns_shell.pdbx_chi_squared                              ? 
_reflns_shell.pdbx_netI_over_sigmaI_all                     ? 
_reflns_shell.pdbx_netI_over_sigmaI_obs                     ? 
_reflns_shell.pdbx_Rrim_I_all                               0.962 
_reflns_shell.pdbx_Rpim_I_all                               .962 
_reflns_shell.pdbx_rejects                                  ? 
_reflns_shell.pdbx_ordinal                                  1 
_reflns_shell.pdbx_diffrn_id                                1 
_reflns_shell.pdbx_CC_half                                  .189 
_reflns_shell.pdbx_CC_star                                  ? 
_reflns_shell.pdbx_R_split                                  ? 
_reflns_shell.percent_possible_all                          ? 
_reflns_shell.Rmerge_I_all                                  ? 
_reflns_shell.Rmerge_I_obs                                  1.047 
_reflns_shell.pdbx_Rsym_value                               ? 
_reflns_shell.pdbx_percent_possible_ellipsoidal             ? 
_reflns_shell.pdbx_percent_possible_spherical               ? 
_reflns_shell.pdbx_percent_possible_ellipsoidal_anomalous   ? 
_reflns_shell.pdbx_percent_possible_spherical_anomalous     ? 
_reflns_shell.pdbx_redundancy_anomalous                     ? 
_reflns_shell.pdbx_CC_half_anomalous                        ? 
_reflns_shell.pdbx_absDiff_over_sigma_anomalous             ? 
_reflns_shell.pdbx_percent_possible_anomalous               ? 
# 
_refine.aniso_B[1][1]                            ? 
_refine.aniso_B[1][2]                            ? 
_refine.aniso_B[1][3]                            ? 
_refine.aniso_B[2][2]                            ? 
_refine.aniso_B[2][3]                            ? 
_refine.aniso_B[3][3]                            ? 
_refine.B_iso_max                                ? 
_refine.B_iso_mean                               28.49 
_refine.B_iso_min                                ? 
_refine.correlation_coeff_Fo_to_Fc               ? 
_refine.correlation_coeff_Fo_to_Fc_free          ? 
_refine.details                                  ? 
_refine.diff_density_max                         ? 
_refine.diff_density_max_esd                     ? 
_refine.diff_density_min                         ? 
_refine.diff_density_min_esd                     ? 
_refine.diff_density_rms                         ? 
_refine.diff_density_rms_esd                     ? 
_refine.entry_id                                 9DCW 
_refine.pdbx_refine_id                           'X-RAY DIFFRACTION' 
_refine.ls_abs_structure_details                 ? 
_refine.ls_abs_structure_Flack                   ? 
_refine.ls_abs_structure_Flack_esd               ? 
_refine.ls_abs_structure_Rogers                  ? 
_refine.ls_abs_structure_Rogers_esd              ? 
_refine.ls_d_res_high                            1.721 
_refine.ls_d_res_low                             31.49 
_refine.ls_extinction_coef                       ? 
_refine.ls_extinction_coef_esd                   ? 
_refine.ls_extinction_expression                 ? 
_refine.ls_extinction_method                     ? 
_refine.ls_goodness_of_fit_all                   ? 
_refine.ls_goodness_of_fit_all_esd               ? 
_refine.ls_goodness_of_fit_obs                   ? 
_refine.ls_goodness_of_fit_obs_esd               ? 
_refine.ls_hydrogen_treatment                    ? 
_refine.ls_matrix_type                           ? 
_refine.ls_number_constraints                    ? 
_refine.ls_number_parameters                     ? 
_refine.ls_number_reflns_all                     ? 
_refine.ls_number_reflns_obs                     13998 
_refine.ls_number_reflns_R_free                  652 
_refine.ls_number_reflns_R_work                  13346 
_refine.ls_number_restraints                     ? 
_refine.ls_percent_reflns_obs                    98.93 
_refine.ls_percent_reflns_R_free                 4.66 
_refine.ls_R_factor_all                          ? 
_refine.ls_R_factor_obs                          0.2164 
_refine.ls_R_factor_R_free                       0.2524 
_refine.ls_R_factor_R_free_error                 ? 
_refine.ls_R_factor_R_free_error_details         ? 
_refine.ls_R_factor_R_work                       0.2146 
_refine.ls_R_Fsqd_factor_obs                     ? 
_refine.ls_R_I_factor_obs                        ? 
_refine.ls_redundancy_reflns_all                 ? 
_refine.ls_redundancy_reflns_obs                 ? 
_refine.ls_restrained_S_all                      ? 
_refine.ls_restrained_S_obs                      ? 
_refine.ls_shift_over_esd_max                    ? 
_refine.ls_shift_over_esd_mean                   ? 
_refine.ls_structure_factor_coef                 ? 
_refine.ls_weighting_details                     ? 
_refine.ls_weighting_scheme                      ? 
_refine.ls_wR_factor_all                         ? 
_refine.ls_wR_factor_obs                         ? 
_refine.ls_wR_factor_R_free                      ? 
_refine.ls_wR_factor_R_work                      ? 
_refine.occupancy_max                            ? 
_refine.occupancy_min                            ? 
_refine.solvent_model_details                    'FLAT BULK SOLVENT MODEL' 
_refine.solvent_model_param_bsol                 ? 
_refine.solvent_model_param_ksol                 ? 
_refine.pdbx_R_complete                          ? 
_refine.ls_R_factor_gt                           ? 
_refine.ls_goodness_of_fit_gt                    ? 
_refine.ls_goodness_of_fit_ref                   ? 
_refine.ls_shift_over_su_max                     ? 
_refine.ls_shift_over_su_max_lt                  ? 
_refine.ls_shift_over_su_mean                    ? 
_refine.ls_shift_over_su_mean_lt                 ? 
_refine.pdbx_ls_sigma_I                          ? 
_refine.pdbx_ls_sigma_F                          1.38 
_refine.pdbx_ls_sigma_Fsqd                       ? 
_refine.pdbx_data_cutoff_high_absF               ? 
_refine.pdbx_data_cutoff_high_rms_absF           ? 
_refine.pdbx_data_cutoff_low_absF                ? 
_refine.pdbx_isotropic_thermal_model             ? 
_refine.pdbx_ls_cross_valid_method               'FREE R-VALUE' 
_refine.pdbx_method_to_determine_struct          'MOLECULAR REPLACEMENT' 
_refine.pdbx_starting_model                      ? 
_refine.pdbx_stereochemistry_target_values       'GeoStd + Monomer Library + CDL v1.2' 
_refine.pdbx_R_Free_selection_details            ? 
_refine.pdbx_stereochem_target_val_spec_case     ? 
_refine.pdbx_overall_ESU_R                       ? 
_refine.pdbx_overall_ESU_R_Free                  ? 
_refine.pdbx_solvent_vdw_probe_radii             1.1100 
_refine.pdbx_solvent_ion_probe_radii             ? 
_refine.pdbx_solvent_shrinkage_radii             0.9000 
_refine.pdbx_real_space_R                        ? 
_refine.pdbx_density_correlation                 ? 
_refine.pdbx_pd_number_of_powder_patterns        ? 
_refine.pdbx_pd_number_of_points                 ? 
_refine.pdbx_pd_meas_number_of_points            ? 
_refine.pdbx_pd_proc_ls_prof_R_factor            ? 
_refine.pdbx_pd_proc_ls_prof_wR_factor           ? 
_refine.pdbx_pd_Marquardt_correlation_coeff      ? 
_refine.pdbx_pd_Fsqrd_R_factor                   ? 
_refine.pdbx_pd_ls_matrix_band_width             ? 
_refine.pdbx_overall_phase_error                 35.4648 
_refine.pdbx_overall_SU_R_free_Cruickshank_DPI   ? 
_refine.pdbx_overall_SU_R_free_Blow_DPI          ? 
_refine.pdbx_overall_SU_R_Blow_DPI               ? 
_refine.pdbx_TLS_residual_ADP_flag               ? 
_refine.pdbx_diffrn_id                           1 
_refine.overall_SU_B                             ? 
_refine.overall_SU_ML                            0.2170 
_refine.overall_SU_R_Cruickshank_DPI             ? 
_refine.overall_SU_R_free                        ? 
_refine.overall_FOM_free_R_set                   ? 
_refine.overall_FOM_work_R_set                   ? 
_refine.pdbx_average_fsc_overall                 ? 
_refine.pdbx_average_fsc_work                    ? 
_refine.pdbx_average_fsc_free                    ? 
# 
_refine_hist.pdbx_refine_id                   'X-RAY DIFFRACTION' 
_refine_hist.cycle_id                         LAST 
_refine_hist.details                          ? 
_refine_hist.d_res_high                       1.721 
_refine_hist.d_res_low                        31.49 
_refine_hist.number_atoms_solvent             97 
_refine_hist.number_atoms_total               998 
_refine_hist.number_reflns_all                ? 
_refine_hist.number_reflns_obs                ? 
_refine_hist.number_reflns_R_free             ? 
_refine_hist.number_reflns_R_work             ? 
_refine_hist.R_factor_all                     ? 
_refine_hist.R_factor_obs                     ? 
_refine_hist.R_factor_R_free                  ? 
_refine_hist.R_factor_R_work                  ? 
_refine_hist.pdbx_number_residues_total       ? 
_refine_hist.pdbx_B_iso_mean_ligand           ? 
_refine_hist.pdbx_B_iso_mean_solvent          ? 
_refine_hist.pdbx_number_atoms_protein        846 
_refine_hist.pdbx_number_atoms_nucleic_acid   0 
_refine_hist.pdbx_number_atoms_ligand         55 
_refine_hist.pdbx_number_atoms_lipid          ? 
_refine_hist.pdbx_number_atoms_carb           ? 
_refine_hist.pdbx_pseudo_atom_details         ? 
# 
loop_
_refine_ls_restr.pdbx_refine_id 
_refine_ls_restr.criterion 
_refine_ls_restr.dev_ideal 
_refine_ls_restr.dev_ideal_target 
_refine_ls_restr.number 
_refine_ls_restr.rejects 
_refine_ls_restr.type 
_refine_ls_restr.weight 
_refine_ls_restr.pdbx_restraint_function 
'X-RAY DIFFRACTION' ? 0.0051  ? 930  ? f_bond_d           ? ? 
'X-RAY DIFFRACTION' ? 0.8397  ? 1259 ? f_angle_d          ? ? 
'X-RAY DIFFRACTION' ? 0.0519  ? 129  ? f_chiral_restr     ? ? 
'X-RAY DIFFRACTION' ? 0.0081  ? 162  ? f_plane_restr      ? ? 
'X-RAY DIFFRACTION' ? 24.9692 ? 351  ? f_dihedral_angle_d ? ? 
# 
loop_
_refine_ls_shell.pdbx_refine_id 
_refine_ls_shell.d_res_high 
_refine_ls_shell.d_res_low 
_refine_ls_shell.number_reflns_all 
_refine_ls_shell.number_reflns_obs 
_refine_ls_shell.number_reflns_R_free 
_refine_ls_shell.number_reflns_R_work 
_refine_ls_shell.percent_reflns_obs 
_refine_ls_shell.percent_reflns_R_free 
_refine_ls_shell.R_factor_all 
_refine_ls_shell.R_factor_obs 
_refine_ls_shell.R_factor_R_free_error 
_refine_ls_shell.R_factor_R_work 
_refine_ls_shell.redundancy_reflns_all 
_refine_ls_shell.redundancy_reflns_obs 
_refine_ls_shell.wR_factor_all 
_refine_ls_shell.wR_factor_obs 
_refine_ls_shell.wR_factor_R_free 
_refine_ls_shell.wR_factor_R_work 
_refine_ls_shell.pdbx_R_complete 
_refine_ls_shell.pdbx_total_number_of_bins_used 
_refine_ls_shell.pdbx_phase_error 
_refine_ls_shell.pdbx_fsc_work 
_refine_ls_shell.pdbx_fsc_free 
_refine_ls_shell.R_factor_R_free 
'X-RAY DIFFRACTION' 1.721 1.78 . . 50 1239 93  . . . . 0.3787 . . . . . . . . . . . 0.4717 
'X-RAY DIFFRACTION' 1.78  1.85 . . 73 1301 99  . . . . 0.3090 . . . . . . . . . . . 0.3550 
'X-RAY DIFFRACTION' 1.85  1.94 . . 76 1300 99  . . . . 0.2636 . . . . . . . . . . . 0.3582 
'X-RAY DIFFRACTION' 1.94  2.04 . . 75 1308 100 . . . . 0.2235 . . . . . . . . . . . 0.2631 
'X-RAY DIFFRACTION' 2.04  2.17 . . 59 1327 100 . . . . 0.2338 . . . . . . . . . . . 0.3053 
# 
_struct.entry_id                     9DCW 
_struct.title                        'FKBP1a (FKBP12) co-crystal structure with macrocycle molecular glue' 
_struct.pdbx_model_details           ? 
_struct.pdbx_formula_weight          ? 
_struct.pdbx_formula_weight_method   ? 
_struct.pdbx_model_type_details      ? 
_struct.pdbx_CASP_flag               N 
# 
_struct_keywords.entry_id        9DCW 
_struct_keywords.text            'Molecular Glue, IMMUNOSUPPRESSANT' 
_struct_keywords.pdbx_keywords   IMMUNOSUPPRESSANT 
# 
loop_
_struct_asym.id 
_struct_asym.pdbx_blank_PDB_chainid_flag 
_struct_asym.pdbx_modified 
_struct_asym.entity_id 
_struct_asym.details 
A N N 1 ? 
B N N 2 ? 
C N N 3 ? 
# 
_struct_ref.id                         1 
_struct_ref.db_name                    UNP 
_struct_ref.db_code                    FKB1A_HUMAN 
_struct_ref.pdbx_db_accession          P62942 
_struct_ref.pdbx_db_isoform            ? 
_struct_ref.entity_id                  1 
_struct_ref.pdbx_seq_one_letter_code   
;MGVQVETISPGDGRTFPKRGQTCVVHYTGMLEDGKKFDSSRDRNKPFKFMLGKQEVIRGWEEGVAQMSVGQRAKLTISPD
YAYGATGHPGIIPPHATLVFDVELLKLE
;
_struct_ref.pdbx_align_begin           1 
# 
_struct_ref_seq.align_id                      1 
_struct_ref_seq.ref_id                        1 
_struct_ref_seq.pdbx_PDB_id_code              9DCW 
_struct_ref_seq.pdbx_strand_id                A 
_struct_ref_seq.seq_align_beg                 2 
_struct_ref_seq.pdbx_seq_align_beg_ins_code   ? 
_struct_ref_seq.seq_align_end                 109 
_struct_ref_seq.pdbx_seq_align_end_ins_code   ? 
_struct_ref_seq.pdbx_db_accession             P62942 
_struct_ref_seq.db_align_beg                  1 
_struct_ref_seq.pdbx_db_align_beg_ins_code    ? 
_struct_ref_seq.db_align_end                  108 
_struct_ref_seq.pdbx_db_align_end_ins_code    ? 
_struct_ref_seq.pdbx_auth_seq_align_beg       0 
_struct_ref_seq.pdbx_auth_seq_align_end       107 
# 
_struct_ref_seq_dif.align_id                     1 
_struct_ref_seq_dif.pdbx_pdb_id_code             9DCW 
_struct_ref_seq_dif.mon_id                       SER 
_struct_ref_seq_dif.pdbx_pdb_strand_id           A 
_struct_ref_seq_dif.seq_num                      1 
_struct_ref_seq_dif.pdbx_pdb_ins_code            ? 
_struct_ref_seq_dif.pdbx_seq_db_name             UNP 
_struct_ref_seq_dif.pdbx_seq_db_accession_code   P62942 
_struct_ref_seq_dif.db_mon_id                    ? 
_struct_ref_seq_dif.pdbx_seq_db_seq_num          ? 
_struct_ref_seq_dif.details                      'expression tag' 
_struct_ref_seq_dif.pdbx_auth_seq_num            -1 
_struct_ref_seq_dif.pdbx_ordinal                 1 
# 
_pdbx_struct_assembly.id                   1 
_pdbx_struct_assembly.details              author_and_software_defined_assembly 
_pdbx_struct_assembly.method_details       PISA 
_pdbx_struct_assembly.oligomeric_details   monomeric 
_pdbx_struct_assembly.oligomeric_count     1 
# 
_pdbx_struct_assembly_gen.assembly_id       1 
_pdbx_struct_assembly_gen.oper_expression   1 
_pdbx_struct_assembly_gen.asym_id_list      A,B,C 
# 
loop_
_pdbx_struct_assembly_auth_evidence.id 
_pdbx_struct_assembly_auth_evidence.assembly_id 
_pdbx_struct_assembly_auth_evidence.experimental_support 
_pdbx_struct_assembly_auth_evidence.details 
1 1 'gel filtration'            ? 
2 1 'surface plasmon resonance' ? 
# 
_pdbx_struct_oper_list.id                   1 
_pdbx_struct_oper_list.type                 'identity operation' 
_pdbx_struct_oper_list.name                 1_555 
_pdbx_struct_oper_list.symmetry_operation   x,y,z 
_pdbx_struct_oper_list.matrix[1][1]         1.0000000000 
_pdbx_struct_oper_list.matrix[1][2]         0.0000000000 
_pdbx_struct_oper_list.matrix[1][3]         0.0000000000 
_pdbx_struct_oper_list.vector[1]            0.0000000000 
_pdbx_struct_oper_list.matrix[2][1]         0.0000000000 
_pdbx_struct_oper_list.matrix[2][2]         1.0000000000 
_pdbx_struct_oper_list.matrix[2][3]         0.0000000000 
_pdbx_struct_oper_list.vector[2]            0.0000000000 
_pdbx_struct_oper_list.matrix[3][1]         0.0000000000 
_pdbx_struct_oper_list.matrix[3][2]         0.0000000000 
_pdbx_struct_oper_list.matrix[3][3]         1.0000000000 
_pdbx_struct_oper_list.vector[3]            0.0000000000 
# 
loop_
_struct_conf.conf_type_id 
_struct_conf.id 
_struct_conf.pdbx_PDB_helix_id 
_struct_conf.beg_label_comp_id 
_struct_conf.beg_label_asym_id 
_struct_conf.beg_label_seq_id 
_struct_conf.pdbx_beg_PDB_ins_code 
_struct_conf.end_label_comp_id 
_struct_conf.end_label_asym_id 
_struct_conf.end_label_seq_id 
_struct_conf.pdbx_end_PDB_ins_code 
_struct_conf.beg_auth_comp_id 
_struct_conf.beg_auth_asym_id 
_struct_conf.beg_auth_seq_id 
_struct_conf.end_auth_comp_id 
_struct_conf.end_auth_asym_id 
_struct_conf.end_auth_seq_id 
_struct_conf.pdbx_PDB_helix_class 
_struct_conf.details 
_struct_conf.pdbx_PDB_helix_length 
HELX_P HELX_P1 AA1 ARG A 42 ? ASN A 45 ? ARG A 40 ASN A 43 5 ? 4  
HELX_P HELX_P2 AA2 ILE A 58 ? GLN A 67 ? ILE A 56 GLN A 65 1 ? 10 
HELX_P HELX_P3 AA3 PRO A 80 ? ALA A 83 ? PRO A 78 ALA A 81 5 ? 4  
# 
_struct_conf_type.id          HELX_P 
_struct_conf_type.criteria    ? 
_struct_conf_type.reference   ? 
# 
loop_
_struct_sheet.id 
_struct_sheet.type 
_struct_sheet.number_strands 
_struct_sheet.details 
AA1 ? 5 ? 
AA2 ? 5 ? 
# 
loop_
_struct_sheet_order.sheet_id 
_struct_sheet_order.range_id_1 
_struct_sheet_order.range_id_2 
_struct_sheet_order.offset 
_struct_sheet_order.sense 
AA1 1 2 ? anti-parallel 
AA1 2 3 ? anti-parallel 
AA1 3 4 ? anti-parallel 
AA1 4 5 ? anti-parallel 
AA2 1 2 ? anti-parallel 
AA2 2 3 ? anti-parallel 
AA2 3 4 ? anti-parallel 
AA2 4 5 ? anti-parallel 
# 
loop_
_struct_sheet_range.sheet_id 
_struct_sheet_range.id 
_struct_sheet_range.beg_label_comp_id 
_struct_sheet_range.beg_label_asym_id 
_struct_sheet_range.beg_label_seq_id 
_struct_sheet_range.pdbx_beg_PDB_ins_code 
_struct_sheet_range.end_label_comp_id 
_struct_sheet_range.end_label_asym_id 
_struct_sheet_range.end_label_seq_id 
_struct_sheet_range.pdbx_end_PDB_ins_code 
_struct_sheet_range.beg_auth_comp_id 
_struct_sheet_range.beg_auth_asym_id 
_struct_sheet_range.beg_auth_seq_id 
_struct_sheet_range.end_auth_comp_id 
_struct_sheet_range.end_auth_asym_id 
_struct_sheet_range.end_auth_seq_id 
AA1 1 VAL A 4  ? SER A 10  ? VAL A 2  SER A 8   
AA1 2 ARG A 73 ? ILE A 78  ? ARG A 71 ILE A 76  
AA1 3 LEU A 99 ? GLU A 109 ? LEU A 97 GLU A 107 
AA1 4 THR A 23 ? LEU A 32  ? THR A 21 LEU A 30  
AA1 5 LYS A 37 ? SER A 40  ? LYS A 35 SER A 38  
AA2 1 VAL A 4  ? SER A 10  ? VAL A 2  SER A 8   
AA2 2 ARG A 73 ? ILE A 78  ? ARG A 71 ILE A 76  
AA2 3 LEU A 99 ? GLU A 109 ? LEU A 97 GLU A 107 
AA2 4 THR A 23 ? LEU A 32  ? THR A 21 LEU A 30  
AA2 5 PHE A 48 ? MET A 51  ? PHE A 46 MET A 49  
# 
loop_
_pdbx_struct_sheet_hbond.sheet_id 
_pdbx_struct_sheet_hbond.range_id_1 
_pdbx_struct_sheet_hbond.range_id_2 
_pdbx_struct_sheet_hbond.range_1_label_atom_id 
_pdbx_struct_sheet_hbond.range_1_label_comp_id 
_pdbx_struct_sheet_hbond.range_1_label_asym_id 
_pdbx_struct_sheet_hbond.range_1_label_seq_id 
_pdbx_struct_sheet_hbond.range_1_PDB_ins_code 
_pdbx_struct_sheet_hbond.range_1_auth_atom_id 
_pdbx_struct_sheet_hbond.range_1_auth_comp_id 
_pdbx_struct_sheet_hbond.range_1_auth_asym_id 
_pdbx_struct_sheet_hbond.range_1_auth_seq_id 
_pdbx_struct_sheet_hbond.range_2_label_atom_id 
_pdbx_struct_sheet_hbond.range_2_label_comp_id 
_pdbx_struct_sheet_hbond.range_2_label_asym_id 
_pdbx_struct_sheet_hbond.range_2_label_seq_id 
_pdbx_struct_sheet_hbond.range_2_PDB_ins_code 
_pdbx_struct_sheet_hbond.range_2_auth_atom_id 
_pdbx_struct_sheet_hbond.range_2_auth_comp_id 
_pdbx_struct_sheet_hbond.range_2_auth_asym_id 
_pdbx_struct_sheet_hbond.range_2_auth_seq_id 
AA1 1 2 N ILE A 9   ? N ILE A 7   O ARG A 73  ? O ARG A 71 
AA1 2 3 N LEU A 76  ? N LEU A 74  O PHE A 101 ? O PHE A 99 
AA1 3 4 O LEU A 106 ? O LEU A 104 N VAL A 25  ? N VAL A 23 
AA1 4 5 N GLY A 30  ? N GLY A 28  O ASP A 39  ? O ASP A 37 
AA2 1 2 N ILE A 9   ? N ILE A 7   O ARG A 73  ? O ARG A 71 
AA2 2 3 N LEU A 76  ? N LEU A 74  O PHE A 101 ? O PHE A 99 
AA2 3 4 O LEU A 106 ? O LEU A 104 N VAL A 25  ? N VAL A 23 
AA2 4 5 N CYS A 24  ? N CYS A 22  O PHE A 50  ? O PHE A 48 
# 
_pdbx_entry_details.entry_id                   9DCW 
_pdbx_entry_details.nonpolymer_details         ? 
_pdbx_entry_details.sequence_details           ? 
_pdbx_entry_details.compound_details           ? 
_pdbx_entry_details.source_details             ? 
_pdbx_entry_details.has_ligand_of_interest     Y 
_pdbx_entry_details.has_protein_modification   N 
# 
loop_
_pdbx_validate_torsion.id 
_pdbx_validate_torsion.PDB_model_num 
_pdbx_validate_torsion.auth_comp_id 
_pdbx_validate_torsion.auth_asym_id 
_pdbx_validate_torsion.auth_seq_id 
_pdbx_validate_torsion.PDB_ins_code 
_pdbx_validate_torsion.label_alt_id 
_pdbx_validate_torsion.phi 
_pdbx_validate_torsion.psi 
1 1 ARG A 13 ? ? -134.58 -32.89  
2 1 ALA A 81 ? ? -128.61 -111.78 
3 1 ILE A 90 ? ? -138.35 -56.57  
# 
loop_
_space_group_symop.id 
_space_group_symop.operation_xyz 
1 x,y,z           
2 x+1/2,-y+1/2,-z 
3 -x,y+1/2,-z+1/2 
4 -x+1/2,-y,z+1/2 
# 
loop_
_chem_comp_atom.comp_id 
_chem_comp_atom.atom_id 
_chem_comp_atom.type_symbol 
_chem_comp_atom.pdbx_aromatic_flag 
_chem_comp_atom.pdbx_stereo_config 
_chem_comp_atom.pdbx_ordinal 
A1AZI C1   C Y N 1   
A1AZI C2   C Y N 2   
A1AZI C3   C Y N 3   
A1AZI O1   O N N 4   
A1AZI O2   O N N 5   
A1AZI O3   O N N 6   
A1AZI C41  C N N 7   
A1AZI C11  C Y N 8   
A1AZI C12  C Y N 9   
A1AZI C13  C Y N 10  
A1AZI C14  C Y N 11  
A1AZI C15  C Y N 12  
A1AZI C16  C N N 13  
A1AZI C17  C N N 14  
A1AZI C18  C N N 15  
A1AZI C19  C N N 16  
A1AZI C20  C N N 17  
A1AZI C21  C N N 18  
A1AZI C22  C N R 19  
A1AZI C23  C N N 20  
A1AZI C24  C N S 21  
A1AZI C25  C N N 22  
A1AZI C26  C N N 23  
A1AZI C27  C N N 24  
A1AZI C28  C N N 25  
A1AZI C29  C N N 26  
A1AZI C30  C N S 27  
A1AZI C10  C Y N 28  
A1AZI C31  C N N 29  
A1AZI C32  C N N 30  
A1AZI C33  C N N 31  
A1AZI C34  C N N 32  
A1AZI C35  C N N 33  
A1AZI C36  C N N 34  
A1AZI C37  C N N 35  
A1AZI C38  C N N 36  
A1AZI C39  C N N 37  
A1AZI C4   C Y N 38  
A1AZI C40  C N N 39  
A1AZI C5   C Y N 40  
A1AZI C6   C Y N 41  
A1AZI C7   C N N 42  
A1AZI C8   C N N 43  
A1AZI C9   C N R 44  
A1AZI N1   N N N 45  
A1AZI N2   N N N 46  
A1AZI N3   N N N 47  
A1AZI O10  O N N 48  
A1AZI O11  O N N 49  
A1AZI O4   O N N 50  
A1AZI O5   O N N 51  
A1AZI O6   O N N 52  
A1AZI O7   O N N 53  
A1AZI O8   O N N 54  
A1AZI O9   O N N 55  
A1AZI H5   H N N 56  
A1AZI H51  H N N 57  
A1AZI H49  H N N 58  
A1AZI H50  H N N 59  
A1AZI H12  H N N 60  
A1AZI H13  H N N 61  
A1AZI H14  H N N 62  
A1AZI H15  H N N 63  
A1AZI H16  H N N 64  
A1AZI H17  H N N 65  
A1AZI H18  H N N 66  
A1AZI H19  H N N 67  
A1AZI H20  H N N 68  
A1AZI H21  H N N 69  
A1AZI H22  H N N 70  
A1AZI H23  H N N 71  
A1AZI H2   H N N 72  
A1AZI H3   H N N 73  
A1AZI H26  H N N 74  
A1AZI H25  H N N 75  
A1AZI H4   H N N 76  
A1AZI H27  H N N 77  
A1AZI H28  H N N 78  
A1AZI H30  H N N 79  
A1AZI H29  H N N 80  
A1AZI H32  H N N 81  
A1AZI H31  H N N 82  
A1AZI H33  H N N 83  
A1AZI H34  H N N 84  
A1AZI H36  H N N 85  
A1AZI H35  H N N 86  
A1AZI H37  H N N 87  
A1AZI H40  H N N 88  
A1AZI H39  H N N 89  
A1AZI H38  H N N 90  
A1AZI H42  H N N 91  
A1AZI H43  H N N 92  
A1AZI H41  H N N 93  
A1AZI H45  H N N 94  
A1AZI H44  H N N 95  
A1AZI H6   H N N 96  
A1AZI H46  H N N 97  
A1AZI H47  H N N 98  
A1AZI H48  H N N 99  
A1AZI H7   H N N 100 
A1AZI H8   H N N 101 
A1AZI H9   H N N 102 
A1AZI H10  H N N 103 
A1AZI H11  H N N 104 
A1AZI H1   H N N 105 
A1AZI H24  H N N 106 
ALA   N    N N N 107 
ALA   CA   C N S 108 
ALA   C    C N N 109 
ALA   O    O N N 110 
ALA   CB   C N N 111 
ALA   OXT  O N N 112 
ALA   H    H N N 113 
ALA   H2   H N N 114 
ALA   HA   H N N 115 
ALA   HB1  H N N 116 
ALA   HB2  H N N 117 
ALA   HB3  H N N 118 
ALA   HXT  H N N 119 
ARG   N    N N N 120 
ARG   CA   C N S 121 
ARG   C    C N N 122 
ARG   O    O N N 123 
ARG   CB   C N N 124 
ARG   CG   C N N 125 
ARG   CD   C N N 126 
ARG   NE   N N N 127 
ARG   CZ   C N N 128 
ARG   NH1  N N N 129 
ARG   NH2  N N N 130 
ARG   OXT  O N N 131 
ARG   H    H N N 132 
ARG   H2   H N N 133 
ARG   HA   H N N 134 
ARG   HB2  H N N 135 
ARG   HB3  H N N 136 
ARG   HG2  H N N 137 
ARG   HG3  H N N 138 
ARG   HD2  H N N 139 
ARG   HD3  H N N 140 
ARG   HE   H N N 141 
ARG   HH11 H N N 142 
ARG   HH12 H N N 143 
ARG   HH21 H N N 144 
ARG   HH22 H N N 145 
ARG   HXT  H N N 146 
ASN   N    N N N 147 
ASN   CA   C N S 148 
ASN   C    C N N 149 
ASN   O    O N N 150 
ASN   CB   C N N 151 
ASN   CG   C N N 152 
ASN   OD1  O N N 153 
ASN   ND2  N N N 154 
ASN   OXT  O N N 155 
ASN   H    H N N 156 
ASN   H2   H N N 157 
ASN   HA   H N N 158 
ASN   HB2  H N N 159 
ASN   HB3  H N N 160 
ASN   HD21 H N N 161 
ASN   HD22 H N N 162 
ASN   HXT  H N N 163 
ASP   N    N N N 164 
ASP   CA   C N S 165 
ASP   C    C N N 166 
ASP   O    O N N 167 
ASP   CB   C N N 168 
ASP   CG   C N N 169 
ASP   OD1  O N N 170 
ASP   OD2  O N N 171 
ASP   OXT  O N N 172 
ASP   H    H N N 173 
ASP   H2   H N N 174 
ASP   HA   H N N 175 
ASP   HB2  H N N 176 
ASP   HB3  H N N 177 
ASP   HD2  H N N 178 
ASP   HXT  H N N 179 
CYS   N    N N N 180 
CYS   CA   C N R 181 
CYS   C    C N N 182 
CYS   O    O N N 183 
CYS   CB   C N N 184 
CYS   SG   S N N 185 
CYS   OXT  O N N 186 
CYS   H    H N N 187 
CYS   H2   H N N 188 
CYS   HA   H N N 189 
CYS   HB2  H N N 190 
CYS   HB3  H N N 191 
CYS   HG   H N N 192 
CYS   HXT  H N N 193 
GLN   N    N N N 194 
GLN   CA   C N S 195 
GLN   C    C N N 196 
GLN   O    O N N 197 
GLN   CB   C N N 198 
GLN   CG   C N N 199 
GLN   CD   C N N 200 
GLN   OE1  O N N 201 
GLN   NE2  N N N 202 
GLN   OXT  O N N 203 
GLN   H    H N N 204 
GLN   H2   H N N 205 
GLN   HA   H N N 206 
GLN   HB2  H N N 207 
GLN   HB3  H N N 208 
GLN   HG2  H N N 209 
GLN   HG3  H N N 210 
GLN   HE21 H N N 211 
GLN   HE22 H N N 212 
GLN   HXT  H N N 213 
GLU   N    N N N 214 
GLU   CA   C N S 215 
GLU   C    C N N 216 
GLU   O    O N N 217 
GLU   CB   C N N 218 
GLU   CG   C N N 219 
GLU   CD   C N N 220 
GLU   OE1  O N N 221 
GLU   OE2  O N N 222 
GLU   OXT  O N N 223 
GLU   H    H N N 224 
GLU   H2   H N N 225 
GLU   HA   H N N 226 
GLU   HB2  H N N 227 
GLU   HB3  H N N 228 
GLU   HG2  H N N 229 
GLU   HG3  H N N 230 
GLU   HE2  H N N 231 
GLU   HXT  H N N 232 
GLY   N    N N N 233 
GLY   CA   C N N 234 
GLY   C    C N N 235 
GLY   O    O N N 236 
GLY   OXT  O N N 237 
GLY   H    H N N 238 
GLY   H2   H N N 239 
GLY   HA2  H N N 240 
GLY   HA3  H N N 241 
GLY   HXT  H N N 242 
HIS   N    N N N 243 
HIS   CA   C N S 244 
HIS   C    C N N 245 
HIS   O    O N N 246 
HIS   CB   C N N 247 
HIS   CG   C Y N 248 
HIS   ND1  N Y N 249 
HIS   CD2  C Y N 250 
HIS   CE1  C Y N 251 
HIS   NE2  N Y N 252 
HIS   OXT  O N N 253 
HIS   H    H N N 254 
HIS   H2   H N N 255 
HIS   HA   H N N 256 
HIS   HB2  H N N 257 
HIS   HB3  H N N 258 
HIS   HD1  H N N 259 
HIS   HD2  H N N 260 
HIS   HE1  H N N 261 
HIS   HE2  H N N 262 
HIS   HXT  H N N 263 
HOH   O    O N N 264 
HOH   H1   H N N 265 
HOH   H2   H N N 266 
ILE   N    N N N 267 
ILE   CA   C N S 268 
ILE   C    C N N 269 
ILE   O    O N N 270 
ILE   CB   C N S 271 
ILE   CG1  C N N 272 
ILE   CG2  C N N 273 
ILE   CD1  C N N 274 
ILE   OXT  O N N 275 
ILE   H    H N N 276 
ILE   H2   H N N 277 
ILE   HA   H N N 278 
ILE   HB   H N N 279 
ILE   HG12 H N N 280 
ILE   HG13 H N N 281 
ILE   HG21 H N N 282 
ILE   HG22 H N N 283 
ILE   HG23 H N N 284 
ILE   HD11 H N N 285 
ILE   HD12 H N N 286 
ILE   HD13 H N N 287 
ILE   HXT  H N N 288 
LEU   N    N N N 289 
LEU   CA   C N S 290 
LEU   C    C N N 291 
LEU   O    O N N 292 
LEU   CB   C N N 293 
LEU   CG   C N N 294 
LEU   CD1  C N N 295 
LEU   CD2  C N N 296 
LEU   OXT  O N N 297 
LEU   H    H N N 298 
LEU   H2   H N N 299 
LEU   HA   H N N 300 
LEU   HB2  H N N 301 
LEU   HB3  H N N 302 
LEU   HG   H N N 303 
LEU   HD11 H N N 304 
LEU   HD12 H N N 305 
LEU   HD13 H N N 306 
LEU   HD21 H N N 307 
LEU   HD22 H N N 308 
LEU   HD23 H N N 309 
LEU   HXT  H N N 310 
LYS   N    N N N 311 
LYS   CA   C N S 312 
LYS   C    C N N 313 
LYS   O    O N N 314 
LYS   CB   C N N 315 
LYS   CG   C N N 316 
LYS   CD   C N N 317 
LYS   CE   C N N 318 
LYS   NZ   N N N 319 
LYS   OXT  O N N 320 
LYS   H    H N N 321 
LYS   H2   H N N 322 
LYS   HA   H N N 323 
LYS   HB2  H N N 324 
LYS   HB3  H N N 325 
LYS   HG2  H N N 326 
LYS   HG3  H N N 327 
LYS   HD2  H N N 328 
LYS   HD3  H N N 329 
LYS   HE2  H N N 330 
LYS   HE3  H N N 331 
LYS   HZ1  H N N 332 
LYS   HZ2  H N N 333 
LYS   HZ3  H N N 334 
LYS   HXT  H N N 335 
MET   N    N N N 336 
MET   CA   C N S 337 
MET   C    C N N 338 
MET   O    O N N 339 
MET   CB   C N N 340 
MET   CG   C N N 341 
MET   SD   S N N 342 
MET   CE   C N N 343 
MET   OXT  O N N 344 
MET   H    H N N 345 
MET   H2   H N N 346 
MET   HA   H N N 347 
MET   HB2  H N N 348 
MET   HB3  H N N 349 
MET   HG2  H N N 350 
MET   HG3  H N N 351 
MET   HE1  H N N 352 
MET   HE2  H N N 353 
MET   HE3  H N N 354 
MET   HXT  H N N 355 
PHE   N    N N N 356 
PHE   CA   C N S 357 
PHE   C    C N N 358 
PHE   O    O N N 359 
PHE   CB   C N N 360 
PHE   CG   C Y N 361 
PHE   CD1  C Y N 362 
PHE   CD2  C Y N 363 
PHE   CE1  C Y N 364 
PHE   CE2  C Y N 365 
PHE   CZ   C Y N 366 
PHE   OXT  O N N 367 
PHE   H    H N N 368 
PHE   H2   H N N 369 
PHE   HA   H N N 370 
PHE   HB2  H N N 371 
PHE   HB3  H N N 372 
PHE   HD1  H N N 373 
PHE   HD2  H N N 374 
PHE   HE1  H N N 375 
PHE   HE2  H N N 376 
PHE   HZ   H N N 377 
PHE   HXT  H N N 378 
PRO   N    N N N 379 
PRO   CA   C N S 380 
PRO   C    C N N 381 
PRO   O    O N N 382 
PRO   CB   C N N 383 
PRO   CG   C N N 384 
PRO   CD   C N N 385 
PRO   OXT  O N N 386 
PRO   H    H N N 387 
PRO   HA   H N N 388 
PRO   HB2  H N N 389 
PRO   HB3  H N N 390 
PRO   HG2  H N N 391 
PRO   HG3  H N N 392 
PRO   HD2  H N N 393 
PRO   HD3  H N N 394 
PRO   HXT  H N N 395 
SER   N    N N N 396 
SER   CA   C N S 397 
SER   C    C N N 398 
SER   O    O N N 399 
SER   CB   C N N 400 
SER   OG   O N N 401 
SER   OXT  O N N 402 
SER   H    H N N 403 
SER   H2   H N N 404 
SER   HA   H N N 405 
SER   HB2  H N N 406 
SER   HB3  H N N 407 
SER   HG   H N N 408 
SER   HXT  H N N 409 
THR   N    N N N 410 
THR   CA   C N S 411 
THR   C    C N N 412 
THR   O    O N N 413 
THR   CB   C N R 414 
THR   OG1  O N N 415 
THR   CG2  C N N 416 
THR   OXT  O N N 417 
THR   H    H N N 418 
THR   H2   H N N 419 
THR   HA   H N N 420 
THR   HB   H N N 421 
THR   HG1  H N N 422 
THR   HG21 H N N 423 
THR   HG22 H N N 424 
THR   HG23 H N N 425 
THR   HXT  H N N 426 
TRP   N    N N N 427 
TRP   CA   C N S 428 
TRP   C    C N N 429 
TRP   O    O N N 430 
TRP   CB   C N N 431 
TRP   CG   C Y N 432 
TRP   CD1  C Y N 433 
TRP   CD2  C Y N 434 
TRP   NE1  N Y N 435 
TRP   CE2  C Y N 436 
TRP   CE3  C Y N 437 
TRP   CZ2  C Y N 438 
TRP   CZ3  C Y N 439 
TRP   CH2  C Y N 440 
TRP   OXT  O N N 441 
TRP   H    H N N 442 
TRP   H2   H N N 443 
TRP   HA   H N N 444 
TRP   HB2  H N N 445 
TRP   HB3  H N N 446 
TRP   HD1  H N N 447 
TRP   HE1  H N N 448 
TRP   HE3  H N N 449 
TRP   HZ2  H N N 450 
TRP   HZ3  H N N 451 
TRP   HH2  H N N 452 
TRP   HXT  H N N 453 
TYR   N    N N N 454 
TYR   CA   C N S 455 
TYR   C    C N N 456 
TYR   O    O N N 457 
TYR   CB   C N N 458 
TYR   CG   C Y N 459 
TYR   CD1  C Y N 460 
TYR   CD2  C Y N 461 
TYR   CE1  C Y N 462 
TYR   CE2  C Y N 463 
TYR   CZ   C Y N 464 
TYR   OH   O N N 465 
TYR   OXT  O N N 466 
TYR   H    H N N 467 
TYR   H2   H N N 468 
TYR   HA   H N N 469 
TYR   HB2  H N N 470 
TYR   HB3  H N N 471 
TYR   HD1  H N N 472 
TYR   HD2  H N N 473 
TYR   HE1  H N N 474 
TYR   HE2  H N N 475 
TYR   HH   H N N 476 
TYR   HXT  H N N 477 
VAL   N    N N N 478 
VAL   CA   C N S 479 
VAL   C    C N N 480 
VAL   O    O N N 481 
VAL   CB   C N N 482 
VAL   CG1  C N N 483 
VAL   CG2  C N N 484 
VAL   OXT  O N N 485 
VAL   H    H N N 486 
VAL   H2   H N N 487 
VAL   HA   H N N 488 
VAL   HB   H N N 489 
VAL   HG11 H N N 490 
VAL   HG12 H N N 491 
VAL   HG13 H N N 492 
VAL   HG21 H N N 493 
VAL   HG22 H N N 494 
VAL   HG23 H N N 495 
VAL   HXT  H N N 496 
# 
loop_
_chem_comp_bond.comp_id 
_chem_comp_bond.atom_id_1 
_chem_comp_bond.atom_id_2 
_chem_comp_bond.value_order 
_chem_comp_bond.pdbx_aromatic_flag 
_chem_comp_bond.pdbx_stereo_config 
_chem_comp_bond.pdbx_ordinal 
A1AZI C1  C6   doub Y N 1   
A1AZI C1  C2   sing Y N 2   
A1AZI C2  C3   doub Y N 3   
A1AZI C2  O11  sing N N 4   
A1AZI C3  C4   sing Y N 5   
A1AZI C3  O10  sing N N 6   
A1AZI C4  C5   doub Y N 7   
A1AZI C5  C6   sing Y N 8   
A1AZI C5  C7   sing N N 9   
A1AZI C7  C8   sing N N 10  
A1AZI C8  C9   sing N N 11  
A1AZI C9  O5   sing N N 12  
A1AZI C9  C10  sing N N 13  
A1AZI C10 C15  doub Y N 14  
A1AZI C10 C11  sing Y N 15  
A1AZI C11 C12  doub Y N 16  
A1AZI C12 C13  sing Y N 17  
A1AZI C13 C14  doub Y N 18  
A1AZI C14 C15  sing Y N 19  
A1AZI C14 O1   sing N N 20  
A1AZI O1  C16  sing N N 21  
A1AZI C16 C17  sing N N 22  
A1AZI C17 O2   doub N N 23  
A1AZI C17 N1   sing N N 24  
A1AZI N1  C22  sing N N 25  
A1AZI N1  C18  sing N N 26  
A1AZI C18 C19  sing N N 27  
A1AZI C19 C20  sing N N 28  
A1AZI C20 C21  sing N N 29  
A1AZI C20 C39  doub N N 30  
A1AZI C22 C21  sing N N 31  
A1AZI C22 C23  sing N N 32  
A1AZI C23 O3   doub N N 33  
A1AZI C23 N2   sing N N 34  
A1AZI C24 N2   sing N N 35  
A1AZI C24 C25  sing N N 36  
A1AZI C24 C38  sing N N 37  
A1AZI C25 O4   sing N N 38  
A1AZI C25 O9   doub N N 39  
A1AZI O4  C26  sing N N 40  
A1AZI C26 C27  sing N N 41  
A1AZI C27 C28  sing N N 42  
A1AZI C27 C36  sing N N 43  
A1AZI C27 C37  sing N N 44  
A1AZI C28 C29  sing N N 45  
A1AZI C28 O8   doub N N 46  
A1AZI C29 N3   sing N N 47  
A1AZI C29 O7   doub N N 48  
A1AZI N3  C35  sing N N 49  
A1AZI N3  C30  sing N N 50  
A1AZI C30 C31  sing N N 51  
A1AZI C30 C32  sing N N 52  
A1AZI C31 O5   sing N N 53  
A1AZI C31 O6   doub N N 54  
A1AZI C32 C33  sing N N 55  
A1AZI C33 C34  sing N N 56  
A1AZI C34 C35  sing N N 57  
A1AZI O10 C40  sing N N 58  
A1AZI O11 C41  sing N N 59  
A1AZI C1  H5   sing N N 60  
A1AZI C41 H51  sing N N 61  
A1AZI C41 H49  sing N N 62  
A1AZI C41 H50  sing N N 63  
A1AZI C11 H12  sing N N 64  
A1AZI C12 H13  sing N N 65  
A1AZI C13 H14  sing N N 66  
A1AZI C15 H15  sing N N 67  
A1AZI C16 H16  sing N N 68  
A1AZI C16 H17  sing N N 69  
A1AZI C18 H18  sing N N 70  
A1AZI C18 H19  sing N N 71  
A1AZI C19 H20  sing N N 72  
A1AZI C19 H21  sing N N 73  
A1AZI C21 H22  sing N N 74  
A1AZI C21 H23  sing N N 75  
A1AZI C22 H2   sing N N 76  
A1AZI C24 H3   sing N N 77  
A1AZI C26 H26  sing N N 78  
A1AZI C26 H25  sing N N 79  
A1AZI C30 H4   sing N N 80  
A1AZI C32 H27  sing N N 81  
A1AZI C32 H28  sing N N 82  
A1AZI C33 H30  sing N N 83  
A1AZI C33 H29  sing N N 84  
A1AZI C34 H32  sing N N 85  
A1AZI C34 H31  sing N N 86  
A1AZI C35 H33  sing N N 87  
A1AZI C35 H34  sing N N 88  
A1AZI C36 H36  sing N N 89  
A1AZI C36 H35  sing N N 90  
A1AZI C36 H37  sing N N 91  
A1AZI C37 H40  sing N N 92  
A1AZI C37 H39  sing N N 93  
A1AZI C37 H38  sing N N 94  
A1AZI C38 H42  sing N N 95  
A1AZI C38 H43  sing N N 96  
A1AZI C38 H41  sing N N 97  
A1AZI C39 H45  sing N N 98  
A1AZI C39 H44  sing N N 99  
A1AZI C4  H6   sing N N 100 
A1AZI C40 H46  sing N N 101 
A1AZI C40 H47  sing N N 102 
A1AZI C40 H48  sing N N 103 
A1AZI C6  H7   sing N N 104 
A1AZI C7  H8   sing N N 105 
A1AZI C7  H9   sing N N 106 
A1AZI C8  H10  sing N N 107 
A1AZI C8  H11  sing N N 108 
A1AZI C9  H1   sing N N 109 
A1AZI N2  H24  sing N N 110 
ALA   N   CA   sing N N 111 
ALA   N   H    sing N N 112 
ALA   N   H2   sing N N 113 
ALA   CA  C    sing N N 114 
ALA   CA  CB   sing N N 115 
ALA   CA  HA   sing N N 116 
ALA   C   O    doub N N 117 
ALA   C   OXT  sing N N 118 
ALA   CB  HB1  sing N N 119 
ALA   CB  HB2  sing N N 120 
ALA   CB  HB3  sing N N 121 
ALA   OXT HXT  sing N N 122 
ARG   N   CA   sing N N 123 
ARG   N   H    sing N N 124 
ARG   N   H2   sing N N 125 
ARG   CA  C    sing N N 126 
ARG   CA  CB   sing N N 127 
ARG   CA  HA   sing N N 128 
ARG   C   O    doub N N 129 
ARG   C   OXT  sing N N 130 
ARG   CB  CG   sing N N 131 
ARG   CB  HB2  sing N N 132 
ARG   CB  HB3  sing N N 133 
ARG   CG  CD   sing N N 134 
ARG   CG  HG2  sing N N 135 
ARG   CG  HG3  sing N N 136 
ARG   CD  NE   sing N N 137 
ARG   CD  HD2  sing N N 138 
ARG   CD  HD3  sing N N 139 
ARG   NE  CZ   sing N N 140 
ARG   NE  HE   sing N N 141 
ARG   CZ  NH1  sing N N 142 
ARG   CZ  NH2  doub N N 143 
ARG   NH1 HH11 sing N N 144 
ARG   NH1 HH12 sing N N 145 
ARG   NH2 HH21 sing N N 146 
ARG   NH2 HH22 sing N N 147 
ARG   OXT HXT  sing N N 148 
ASN   N   CA   sing N N 149 
ASN   N   H    sing N N 150 
ASN   N   H2   sing N N 151 
ASN   CA  C    sing N N 152 
ASN   CA  CB   sing N N 153 
ASN   CA  HA   sing N N 154 
ASN   C   O    doub N N 155 
ASN   C   OXT  sing N N 156 
ASN   CB  CG   sing N N 157 
ASN   CB  HB2  sing N N 158 
ASN   CB  HB3  sing N N 159 
ASN   CG  OD1  doub N N 160 
ASN   CG  ND2  sing N N 161 
ASN   ND2 HD21 sing N N 162 
ASN   ND2 HD22 sing N N 163 
ASN   OXT HXT  sing N N 164 
ASP   N   CA   sing N N 165 
ASP   N   H    sing N N 166 
ASP   N   H2   sing N N 167 
ASP   CA  C    sing N N 168 
ASP   CA  CB   sing N N 169 
ASP   CA  HA   sing N N 170 
ASP   C   O    doub N N 171 
ASP   C   OXT  sing N N 172 
ASP   CB  CG   sing N N 173 
ASP   CB  HB2  sing N N 174 
ASP   CB  HB3  sing N N 175 
ASP   CG  OD1  doub N N 176 
ASP   CG  OD2  sing N N 177 
ASP   OD2 HD2  sing N N 178 
ASP   OXT HXT  sing N N 179 
CYS   N   CA   sing N N 180 
CYS   N   H    sing N N 181 
CYS   N   H2   sing N N 182 
CYS   CA  C    sing N N 183 
CYS   CA  CB   sing N N 184 
CYS   CA  HA   sing N N 185 
CYS   C   O    doub N N 186 
CYS   C   OXT  sing N N 187 
CYS   CB  SG   sing N N 188 
CYS   CB  HB2  sing N N 189 
CYS   CB  HB3  sing N N 190 
CYS   SG  HG   sing N N 191 
CYS   OXT HXT  sing N N 192 
GLN   N   CA   sing N N 193 
GLN   N   H    sing N N 194 
GLN   N   H2   sing N N 195 
GLN   CA  C    sing N N 196 
GLN   CA  CB   sing N N 197 
GLN   CA  HA   sing N N 198 
GLN   C   O    doub N N 199 
GLN   C   OXT  sing N N 200 
GLN   CB  CG   sing N N 201 
GLN   CB  HB2  sing N N 202 
GLN   CB  HB3  sing N N 203 
GLN   CG  CD   sing N N 204 
GLN   CG  HG2  sing N N 205 
GLN   CG  HG3  sing N N 206 
GLN   CD  OE1  doub N N 207 
GLN   CD  NE2  sing N N 208 
GLN   NE2 HE21 sing N N 209 
GLN   NE2 HE22 sing N N 210 
GLN   OXT HXT  sing N N 211 
GLU   N   CA   sing N N 212 
GLU   N   H    sing N N 213 
GLU   N   H2   sing N N 214 
GLU   CA  C    sing N N 215 
GLU   CA  CB   sing N N 216 
GLU   CA  HA   sing N N 217 
GLU   C   O    doub N N 218 
GLU   C   OXT  sing N N 219 
GLU   CB  CG   sing N N 220 
GLU   CB  HB2  sing N N 221 
GLU   CB  HB3  sing N N 222 
GLU   CG  CD   sing N N 223 
GLU   CG  HG2  sing N N 224 
GLU   CG  HG3  sing N N 225 
GLU   CD  OE1  doub N N 226 
GLU   CD  OE2  sing N N 227 
GLU   OE2 HE2  sing N N 228 
GLU   OXT HXT  sing N N 229 
GLY   N   CA   sing N N 230 
GLY   N   H    sing N N 231 
GLY   N   H2   sing N N 232 
GLY   CA  C    sing N N 233 
GLY   CA  HA2  sing N N 234 
GLY   CA  HA3  sing N N 235 
GLY   C   O    doub N N 236 
GLY   C   OXT  sing N N 237 
GLY   OXT HXT  sing N N 238 
HIS   N   CA   sing N N 239 
HIS   N   H    sing N N 240 
HIS   N   H2   sing N N 241 
HIS   CA  C    sing N N 242 
HIS   CA  CB   sing N N 243 
HIS   CA  HA   sing N N 244 
HIS   C   O    doub N N 245 
HIS   C   OXT  sing N N 246 
HIS   CB  CG   sing N N 247 
HIS   CB  HB2  sing N N 248 
HIS   CB  HB3  sing N N 249 
HIS   CG  ND1  sing Y N 250 
HIS   CG  CD2  doub Y N 251 
HIS   ND1 CE1  doub Y N 252 
HIS   ND1 HD1  sing N N 253 
HIS   CD2 NE2  sing Y N 254 
HIS   CD2 HD2  sing N N 255 
HIS   CE1 NE2  sing Y N 256 
HIS   CE1 HE1  sing N N 257 
HIS   NE2 HE2  sing N N 258 
HIS   OXT HXT  sing N N 259 
HOH   O   H1   sing N N 260 
HOH   O   H2   sing N N 261 
ILE   N   CA   sing N N 262 
ILE   N   H    sing N N 263 
ILE   N   H2   sing N N 264 
ILE   CA  C    sing N N 265 
ILE   CA  CB   sing N N 266 
ILE   CA  HA   sing N N 267 
ILE   C   O    doub N N 268 
ILE   C   OXT  sing N N 269 
ILE   CB  CG1  sing N N 270 
ILE   CB  CG2  sing N N 271 
ILE   CB  HB   sing N N 272 
ILE   CG1 CD1  sing N N 273 
ILE   CG1 HG12 sing N N 274 
ILE   CG1 HG13 sing N N 275 
ILE   CG2 HG21 sing N N 276 
ILE   CG2 HG22 sing N N 277 
ILE   CG2 HG23 sing N N 278 
ILE   CD1 HD11 sing N N 279 
ILE   CD1 HD12 sing N N 280 
ILE   CD1 HD13 sing N N 281 
ILE   OXT HXT  sing N N 282 
LEU   N   CA   sing N N 283 
LEU   N   H    sing N N 284 
LEU   N   H2   sing N N 285 
LEU   CA  C    sing N N 286 
LEU   CA  CB   sing N N 287 
LEU   CA  HA   sing N N 288 
LEU   C   O    doub N N 289 
LEU   C   OXT  sing N N 290 
LEU   CB  CG   sing N N 291 
LEU   CB  HB2  sing N N 292 
LEU   CB  HB3  sing N N 293 
LEU   CG  CD1  sing N N 294 
LEU   CG  CD2  sing N N 295 
LEU   CG  HG   sing N N 296 
LEU   CD1 HD11 sing N N 297 
LEU   CD1 HD12 sing N N 298 
LEU   CD1 HD13 sing N N 299 
LEU   CD2 HD21 sing N N 300 
LEU   CD2 HD22 sing N N 301 
LEU   CD2 HD23 sing N N 302 
LEU   OXT HXT  sing N N 303 
LYS   N   CA   sing N N 304 
LYS   N   H    sing N N 305 
LYS   N   H2   sing N N 306 
LYS   CA  C    sing N N 307 
LYS   CA  CB   sing N N 308 
LYS   CA  HA   sing N N 309 
LYS   C   O    doub N N 310 
LYS   C   OXT  sing N N 311 
LYS   CB  CG   sing N N 312 
LYS   CB  HB2  sing N N 313 
LYS   CB  HB3  sing N N 314 
LYS   CG  CD   sing N N 315 
LYS   CG  HG2  sing N N 316 
LYS   CG  HG3  sing N N 317 
LYS   CD  CE   sing N N 318 
LYS   CD  HD2  sing N N 319 
LYS   CD  HD3  sing N N 320 
LYS   CE  NZ   sing N N 321 
LYS   CE  HE2  sing N N 322 
LYS   CE  HE3  sing N N 323 
LYS   NZ  HZ1  sing N N 324 
LYS   NZ  HZ2  sing N N 325 
LYS   NZ  HZ3  sing N N 326 
LYS   OXT HXT  sing N N 327 
MET   N   CA   sing N N 328 
MET   N   H    sing N N 329 
MET   N   H2   sing N N 330 
MET   CA  C    sing N N 331 
MET   CA  CB   sing N N 332 
MET   CA  HA   sing N N 333 
MET   C   O    doub N N 334 
MET   C   OXT  sing N N 335 
MET   CB  CG   sing N N 336 
MET   CB  HB2  sing N N 337 
MET   CB  HB3  sing N N 338 
MET   CG  SD   sing N N 339 
MET   CG  HG2  sing N N 340 
MET   CG  HG3  sing N N 341 
MET   SD  CE   sing N N 342 
MET   CE  HE1  sing N N 343 
MET   CE  HE2  sing N N 344 
MET   CE  HE3  sing N N 345 
MET   OXT HXT  sing N N 346 
PHE   N   CA   sing N N 347 
PHE   N   H    sing N N 348 
PHE   N   H2   sing N N 349 
PHE   CA  C    sing N N 350 
PHE   CA  CB   sing N N 351 
PHE   CA  HA   sing N N 352 
PHE   C   O    doub N N 353 
PHE   C   OXT  sing N N 354 
PHE   CB  CG   sing N N 355 
PHE   CB  HB2  sing N N 356 
PHE   CB  HB3  sing N N 357 
PHE   CG  CD1  doub Y N 358 
PHE   CG  CD2  sing Y N 359 
PHE   CD1 CE1  sing Y N 360 
PHE   CD1 HD1  sing N N 361 
PHE   CD2 CE2  doub Y N 362 
PHE   CD2 HD2  sing N N 363 
PHE   CE1 CZ   doub Y N 364 
PHE   CE1 HE1  sing N N 365 
PHE   CE2 CZ   sing Y N 366 
PHE   CE2 HE2  sing N N 367 
PHE   CZ  HZ   sing N N 368 
PHE   OXT HXT  sing N N 369 
PRO   N   CA   sing N N 370 
PRO   N   CD   sing N N 371 
PRO   N   H    sing N N 372 
PRO   CA  C    sing N N 373 
PRO   CA  CB   sing N N 374 
PRO   CA  HA   sing N N 375 
PRO   C   O    doub N N 376 
PRO   C   OXT  sing N N 377 
PRO   CB  CG   sing N N 378 
PRO   CB  HB2  sing N N 379 
PRO   CB  HB3  sing N N 380 
PRO   CG  CD   sing N N 381 
PRO   CG  HG2  sing N N 382 
PRO   CG  HG3  sing N N 383 
PRO   CD  HD2  sing N N 384 
PRO   CD  HD3  sing N N 385 
PRO   OXT HXT  sing N N 386 
SER   N   CA   sing N N 387 
SER   N   H    sing N N 388 
SER   N   H2   sing N N 389 
SER   CA  C    sing N N 390 
SER   CA  CB   sing N N 391 
SER   CA  HA   sing N N 392 
SER   C   O    doub N N 393 
SER   C   OXT  sing N N 394 
SER   CB  OG   sing N N 395 
SER   CB  HB2  sing N N 396 
SER   CB  HB3  sing N N 397 
SER   OG  HG   sing N N 398 
SER   OXT HXT  sing N N 399 
THR   N   CA   sing N N 400 
THR   N   H    sing N N 401 
THR   N   H2   sing N N 402 
THR   CA  C    sing N N 403 
THR   CA  CB   sing N N 404 
THR   CA  HA   sing N N 405 
THR   C   O    doub N N 406 
THR   C   OXT  sing N N 407 
THR   CB  OG1  sing N N 408 
THR   CB  CG2  sing N N 409 
THR   CB  HB   sing N N 410 
THR   OG1 HG1  sing N N 411 
THR   CG2 HG21 sing N N 412 
THR   CG2 HG22 sing N N 413 
THR   CG2 HG23 sing N N 414 
THR   OXT HXT  sing N N 415 
TRP   N   CA   sing N N 416 
TRP   N   H    sing N N 417 
TRP   N   H2   sing N N 418 
TRP   CA  C    sing N N 419 
TRP   CA  CB   sing N N 420 
TRP   CA  HA   sing N N 421 
TRP   C   O    doub N N 422 
TRP   C   OXT  sing N N 423 
TRP   CB  CG   sing N N 424 
TRP   CB  HB2  sing N N 425 
TRP   CB  HB3  sing N N 426 
TRP   CG  CD1  doub Y N 427 
TRP   CG  CD2  sing Y N 428 
TRP   CD1 NE1  sing Y N 429 
TRP   CD1 HD1  sing N N 430 
TRP   CD2 CE2  doub Y N 431 
TRP   CD2 CE3  sing Y N 432 
TRP   NE1 CE2  sing Y N 433 
TRP   NE1 HE1  sing N N 434 
TRP   CE2 CZ2  sing Y N 435 
TRP   CE3 CZ3  doub Y N 436 
TRP   CE3 HE3  sing N N 437 
TRP   CZ2 CH2  doub Y N 438 
TRP   CZ2 HZ2  sing N N 439 
TRP   CZ3 CH2  sing Y N 440 
TRP   CZ3 HZ3  sing N N 441 
TRP   CH2 HH2  sing N N 442 
TRP   OXT HXT  sing N N 443 
TYR   N   CA   sing N N 444 
TYR   N   H    sing N N 445 
TYR   N   H2   sing N N 446 
TYR   CA  C    sing N N 447 
TYR   CA  CB   sing N N 448 
TYR   CA  HA   sing N N 449 
TYR   C   O    doub N N 450 
TYR   C   OXT  sing N N 451 
TYR   CB  CG   sing N N 452 
TYR   CB  HB2  sing N N 453 
TYR   CB  HB3  sing N N 454 
TYR   CG  CD1  doub Y N 455 
TYR   CG  CD2  sing Y N 456 
TYR   CD1 CE1  sing Y N 457 
TYR   CD1 HD1  sing N N 458 
TYR   CD2 CE2  doub Y N 459 
TYR   CD2 HD2  sing N N 460 
TYR   CE1 CZ   doub Y N 461 
TYR   CE1 HE1  sing N N 462 
TYR   CE2 CZ   sing Y N 463 
TYR   CE2 HE2  sing N N 464 
TYR   CZ  OH   sing N N 465 
TYR   OH  HH   sing N N 466 
TYR   OXT HXT  sing N N 467 
VAL   N   CA   sing N N 468 
VAL   N   H    sing N N 469 
VAL   N   H2   sing N N 470 
VAL   CA  C    sing N N 471 
VAL   CA  CB   sing N N 472 
VAL   CA  HA   sing N N 473 
VAL   C   O    doub N N 474 
VAL   C   OXT  sing N N 475 
VAL   CB  CG1  sing N N 476 
VAL   CB  CG2  sing N N 477 
VAL   CB  HB   sing N N 478 
VAL   CG1 HG11 sing N N 479 
VAL   CG1 HG12 sing N N 480 
VAL   CG1 HG13 sing N N 481 
VAL   CG2 HG21 sing N N 482 
VAL   CG2 HG22 sing N N 483 
VAL   CG2 HG23 sing N N 484 
VAL   OXT HXT  sing N N 485 
# 
_pdbx_audit_support.funding_organization   'Not funded' 
_pdbx_audit_support.country                ? 
_pdbx_audit_support.grant_number           ? 
_pdbx_audit_support.ordinal                1 
# 
_pdbx_initial_refinement_model.id               1 
_pdbx_initial_refinement_model.entity_id_list   ? 
_pdbx_initial_refinement_model.type             'experimental model' 
_pdbx_initial_refinement_model.source_name      PDB 
_pdbx_initial_refinement_model.accession_code   3mdy 
_pdbx_initial_refinement_model.details          ? 
# 
_space_group.name_H-M_alt     'P 21 21 21' 
_space_group.name_Hall        'P 2ac 2ab' 
_space_group.IT_number        19 
_space_group.crystal_system   orthorhombic 
_space_group.id               1 
# 
_atom_sites.entry_id                    9DCW 
_atom_sites.Cartn_transf_matrix[1][1]   ? 
_atom_sites.Cartn_transf_matrix[1][2]   ? 
_atom_sites.Cartn_transf_matrix[1][3]   ? 
_atom_sites.Cartn_transf_matrix[2][1]   ? 
_atom_sites.Cartn_transf_matrix[2][2]   ? 
_atom_sites.Cartn_transf_matrix[2][3]   ? 
_atom_sites.Cartn_transf_matrix[3][1]   ? 
_atom_sites.Cartn_transf_matrix[3][2]   ? 
_atom_sites.Cartn_transf_matrix[3][3]   ? 
_atom_sites.Cartn_transf_vector[1]      ? 
_atom_sites.Cartn_transf_vector[2]      ? 
_atom_sites.Cartn_transf_vector[3]      ? 
_atom_sites.Cartn_transform_axes        ? 
_atom_sites.fract_transf_matrix[1][1]   0.02582642 
_atom_sites.fract_transf_matrix[1][2]   0.01926005 
_atom_sites.fract_transf_matrix[1][3]   0.01057990 
_atom_sites.fract_transf_matrix[2][1]   -0.00100825 
_atom_sites.fract_transf_matrix[2][2]   0.00864594 
_atom_sites.fract_transf_matrix[2][3]   -0.01327819 
_atom_sites.fract_transf_matrix[3][1]   -0.00941309 
_atom_sites.fract_transf_matrix[3][2]   0.00900776 
_atom_sites.fract_transf_matrix[3][3]   0.00658006 
_atom_sites.fract_transf_vector[1]      -0.047012 
_atom_sites.fract_transf_vector[2]      -0.230458 
_atom_sites.fract_transf_vector[3]      0.214852 
_atom_sites.solution_primary            ? 
_atom_sites.solution_secondary          ? 
_atom_sites.solution_hydrogens          ? 
_atom_sites.special_details             ? 
# 
loop_
_atom_type.symbol 
_atom_type.scat_dispersion_real 
_atom_type.scat_dispersion_imag 
_atom_type.scat_Cromer_Mann_a1 
_atom_type.scat_Cromer_Mann_a2 
_atom_type.scat_Cromer_Mann_a3 
_atom_type.scat_Cromer_Mann_a4 
_atom_type.scat_Cromer_Mann_b1 
_atom_type.scat_Cromer_Mann_b2 
_atom_type.scat_Cromer_Mann_b3 
_atom_type.scat_Cromer_Mann_b4 
_atom_type.scat_Cromer_Mann_c 
_atom_type.scat_source 
_atom_type.scat_dispersion_source 
C ? ? 3.54356 2.42580 ? ? 25.62398 1.50364  ? ? 0.0 
;2-Gaussian fit: Grosse-Kunstleve RW, Sauter NK, Adams PD: Newsletter of the IUCr Commission on Crystallographic Computing 2004, 3, 22-31.
;
? 
N ? ? 4.01032 2.96436 ? ? 19.97189 1.75589  ? ? 0.0 
;2-Gaussian fit: Grosse-Kunstleve RW, Sauter NK, Adams PD: Newsletter of the IUCr Commission on Crystallographic Computing 2004, 3, 22-31.
;
? 
O ? ? 4.49882 3.47563 ? ? 15.80542 1.70748  ? ? 0.0 
;2-Gaussian fit: Grosse-Kunstleve RW, Sauter NK, Adams PD: Newsletter of the IUCr Commission on Crystallographic Computing 2004, 3, 22-31.
;
? 
S ? ? 9.55732 6.39887 ? ? 1.23737  29.19336 ? ? 0.0 
;2-Gaussian fit: Grosse-Kunstleve RW, Sauter NK, Adams PD: Newsletter of the IUCr Commission on Crystallographic Computing 2004, 3, 22-31.
;
? 
# 
loop_
_atom_site.group_PDB 
_atom_site.id 
_atom_site.type_symbol 
_atom_site.label_atom_id 
_atom_site.label_alt_id 
_atom_site.label_comp_id 
_atom_site.label_asym_id 
_atom_site.label_entity_id 
_atom_site.label_seq_id 
_atom_site.pdbx_PDB_ins_code 
_atom_site.Cartn_x 
_atom_site.Cartn_y 
_atom_site.Cartn_z 
_atom_site.occupancy 
_atom_site.B_iso_or_equiv 
_atom_site.pdbx_formal_charge 
_atom_site.auth_seq_id 
_atom_site.auth_comp_id 
_atom_site.auth_asym_id 
_atom_site.auth_atom_id 
_atom_site.pdbx_PDB_model_num 
ATOM   1    N N   . SER   A 1 1   ? 4.30401   -13.47365 9.12500   1.000 31.68431 ? -1  SER   A N   1 
ATOM   2    C CA  . SER   A 1 1   ? 3.35410   -14.00087 8.15549   1.000 29.06062 ? -1  SER   A CA  1 
ATOM   3    C C   . SER   A 1 1   ? 2.08325   -13.14917 8.09620   1.000 31.16033 ? -1  SER   A C   1 
ATOM   4    O O   . SER   A 1 1   ? 1.34509   -13.20381 7.12193   1.000 31.63207 ? -1  SER   A O   1 
ATOM   5    C CB  . SER   A 1 1   ? 3.00315   -15.45443 8.48686   1.000 37.98605 ? -1  SER   A CB  1 
ATOM   6    O OG  . SER   A 1 1   ? 2.40279   -15.55700 9.76433   1.000 36.74643 ? -1  SER   A OG  1 
ATOM   7    N N   . MET   A 1 2   ? 1.83197   -12.34898 9.13399   1.000 25.41657 ? 0   MET   A N   1 
ATOM   8    C CA  . MET   A 1 2   ? 0.63411   -11.51689 9.18996   1.000 23.48101 ? 0   MET   A CA  1 
ATOM   9    C C   . MET   A 1 2   ? 0.95554   -10.02523 9.17629   1.000 25.61565 ? 0   MET   A C   1 
ATOM   10   O O   . MET   A 1 2   ? 0.10540   -9.21063  9.54777   1.000 23.79479 ? 0   MET   A O   1 
ATOM   11   C CB  . MET   A 1 2   ? -0.19569  -11.86046 10.42367  1.000 28.16153 ? 0   MET   A CB  1 
ATOM   12   C CG  . MET   A 1 2   ? -0.56373  -13.31406 10.51701  1.000 29.24189 ? 0   MET   A CG  1 
ATOM   13   S SD  . MET   A 1 2   ? -1.90620  -13.49141 11.69147  1.000 39.41166 ? 0   MET   A SD  1 
ATOM   14   C CE  . MET   A 1 2   ? -3.26864  -12.88930 10.67637  1.000 33.71665 ? 0   MET   A CE  1 
ATOM   15   N N   . GLY   A 1 3   ? 2.16923   -9.65048  8.76981   1.000 20.07816 ? 1   GLY   A N   1 
ATOM   16   C CA  . GLY   A 1 3   ? 2.52009   -8.23867  8.72406   1.000 20.52009 ? 1   GLY   A CA  1 
ATOM   17   C C   . GLY   A 1 3   ? 1.60948   -7.42297  7.82776   1.000 22.20294 ? 1   GLY   A C   1 
ATOM   18   O O   . GLY   A 1 3   ? 1.30067   -6.26815  8.13687   1.000 21.66845 ? 1   GLY   A O   1 
ATOM   19   N N   . VAL   A 1 4   ? 1.15269   -8.01004  6.72461   1.000 20.80506 ? 2   VAL   A N   1 
ATOM   20   C CA  . VAL   A 1 4   ? 0.20224   -7.35946  5.82486   1.000 19.87989 ? 2   VAL   A CA  1 
ATOM   21   C C   . VAL   A 1 4   ? -0.81769  -8.39050  5.35508   1.000 23.72281 ? 2   VAL   A C   1 
ATOM   22   O O   . VAL   A 1 4   ? -0.45072  -9.47908  4.90039   1.000 24.50113 ? 2   VAL   A O   1 
ATOM   23   C CB  . VAL   A 1 4   ? 0.88581   -6.68380  4.61952   1.000 26.90064 ? 2   VAL   A CB  1 
ATOM   24   C CG1 . VAL   A 1 4   ? 1.85504   -7.62860  3.92071   1.000 30.13567 ? 2   VAL   A CG1 1 
ATOM   25   C CG2 . VAL   A 1 4   ? -0.16921  -6.17523  3.64688   1.000 19.26054 ? 2   VAL   A CG2 1 
ATOM   26   N N   . GLN   A 1 5   ? -2.09395  -8.04582  5.48984   1.000 21.57752 ? 3   GLN   A N   1 
ATOM   27   C CA  . GLN   A 1 5   ? -3.21295  -8.83188  4.97732   1.000 21.87685 ? 3   GLN   A CA  1 
ATOM   28   C C   . GLN   A 1 5   ? -3.75309  -8.13752  3.73634   1.000 23.50864 ? 3   GLN   A C   1 
ATOM   29   O O   . GLN   A 1 5   ? -3.98376  -6.92360  3.75277   1.000 26.34362 ? 3   GLN   A O   1 
ATOM   30   C CB  . GLN   A 1 5   ? -4.30234  -8.95923  6.03984   1.000 25.48947 ? 3   GLN   A CB  1 
ATOM   31   C CG  . GLN   A 1 5   ? -5.61232  -9.58509  5.57876   1.000 34.12041 ? 3   GLN   A CG  1 
ATOM   32   C CD  . GLN   A 1 5   ? -6.62079  -9.66478  6.71360   1.000 38.95026 ? 3   GLN   A CD  1 
ATOM   33   O OE1 . GLN   A 1 5   ? -6.40897  -9.09062  7.78915   1.000 38.90443 ? 3   GLN   A OE1 1 
ATOM   34   N NE2 . GLN   A 1 5   ? -7.72001  -10.38076 6.48483   1.000 42.06865 ? 3   GLN   A NE2 1 
ATOM   35   N N   . VAL   A 1 6   ? -3.94227  -8.89888  2.66257   1.000 24.19911 ? 4   VAL   A N   1 
ATOM   36   C CA  . VAL   A 1 6   ? -4.42101  -8.36675  1.39282   1.000 20.08486 ? 4   VAL   A CA  1 
ATOM   37   C C   . VAL   A 1 6   ? -5.79020  -8.97032  1.12966   1.000 26.11524 ? 4   VAL   A C   1 
ATOM   38   O O   . VAL   A 1 6   ? -5.92784  -10.19732 1.05969   1.000 26.58070 ? 4   VAL   A O   1 
ATOM   39   C CB  . VAL   A 1 6   ? -3.45093  -8.67215  0.24244   1.000 24.11291 ? 4   VAL   A CB  1 
ATOM   40   C CG1 . VAL   A 1 6   ? -3.91449  -7.99645  -1.02121  1.000 24.86205 ? 4   VAL   A CG1 1 
ATOM   41   C CG2 . VAL   A 1 6   ? -2.06311  -8.18121  0.58681   1.000 25.05180 ? 4   VAL   A CG2 1 
ATOM   42   N N   . GLU   A 1 7   ? -6.80108  -8.11214  1.02361   1.000 22.33502 ? 5   GLU   A N   1 
ATOM   43   C CA  . GLU   A 1 7   ? -8.17222  -8.51909  0.72815   1.000 23.12627 ? 5   GLU   A CA  1 
ATOM   44   C C   . GLU   A 1 7   ? -8.58204  -7.90606  -0.59891  1.000 24.23992 ? 5   GLU   A C   1 
ATOM   45   O O   . GLU   A 1 7   ? -8.45601  -6.69166  -0.79195  1.000 25.84955 ? 5   GLU   A O   1 
ATOM   46   C CB  . GLU   A 1 7   ? -9.11901  -8.08186  1.84451   1.000 26.81998 ? 5   GLU   A CB  1 
ATOM   47   C CG  . GLU   A 1 7   ? -8.73161  -8.68532  3.19800   1.000 34.81210 ? 5   GLU   A CG  1 
ATOM   48   C CD  . GLU   A 1 7   ? -9.56916  -8.17145  4.35539   1.000 43.54304 ? 5   GLU   A CD  1 
ATOM   49   O OE1 . GLU   A 1 7   ? -10.21431 -7.11017  4.21011   1.000 50.97362 ? 5   GLU   A OE1 1 
ATOM   50   O OE2 . GLU   A 1 7   ? -9.57936  -8.83654  5.41579   1.000 47.55201 ? 5   GLU   A OE2 1 
ATOM   51   N N   . THR   A 1 8   ? -9.05158  -8.73808  -1.51895  1.000 21.37151 ? 6   THR   A N   1 
ATOM   52   C CA  . THR   A 1 8   ? -9.32220  -8.24852  -2.86031  1.000 21.65058 ? 6   THR   A CA  1 
ATOM   53   C C   . THR   A 1 8   ? -10.65864 -7.52348  -2.88542  1.000 25.88176 ? 6   THR   A C   1 
ATOM   54   O O   . THR   A 1 8   ? -11.66035 -8.01607  -2.34758  1.000 22.39344 ? 6   THR   A O   1 
ATOM   55   C CB  . THR   A 1 8   ? -9.29808  -9.39708  -3.86557  1.000 26.59648 ? 6   THR   A CB  1 
ATOM   56   O OG1 . THR   A 1 8   ? -7.96286  -9.91925  -3.93051  1.000 26.59216 ? 6   THR   A OG1 1 
ATOM   57   C CG2 . THR   A 1 8   ? -9.74898  -8.92055  -5.27058  1.000 21.66501 ? 6   THR   A CG2 1 
ATOM   58   N N   . ILE   A 1 9   ? -10.65422 -6.34299  -3.49163  1.000 23.12196 ? 7   ILE   A N   1 
ATOM   59   C CA  . ILE   A 1 9   ? -11.85287 -5.54694  -3.70022  1.000 24.34743 ? 7   ILE   A CA  1 
ATOM   60   C C   . ILE   A 1 9   ? -12.41263 -5.75257  -5.10135  1.000 23.69314 ? 7   ILE   A C   1 
ATOM   61   O O   . ILE   A 1 9   ? -13.61735 -5.95421  -5.27018  1.000 22.73644 ? 7   ILE   A O   1 
ATOM   62   C CB  . ILE   A 1 9   ? -11.53031 -4.06092  -3.42567  1.000 25.17493 ? 7   ILE   A CB  1 
ATOM   63   C CG1 . ILE   A 1 9   ? -11.11847 -3.89385  -1.96255  1.000 25.96934 ? 7   ILE   A CG1 1 
ATOM   64   C CG2 . ILE   A 1 9   ? -12.69906 -3.14948  -3.78394  1.000 24.76013 ? 7   ILE   A CG2 1 
ATOM   65   C CD1 . ILE   A 1 9   ? -12.05794 -4.57417  -0.98614  1.000 34.79494 ? 7   ILE   A CD1 1 
ATOM   66   N N   . SER   A 1 10  ? -11.53303 -5.74675  -6.10355  1.000 22.58833 ? 8   SER   A N   1 
ATOM   67   C CA  . SER   A 1 10  ? -11.85423 -6.11939  -7.47364  1.000 24.34231 ? 8   SER   A CA  1 
ATOM   68   C C   . SER   A 1 10  ? -10.58595 -6.69243  -8.09126  1.000 23.34069 ? 8   SER   A C   1 
ATOM   69   O O   . SER   A 1 10  ? -9.48257  -6.19456  -7.80492  1.000 24.82525 ? 8   SER   A O   1 
ATOM   70   C CB  . SER   A 1 10  ? -12.38842 -4.94601  -8.30872  1.000 25.24450 ? 8   SER   A CB  1 
ATOM   71   O OG  . SER   A 1 10  ? -11.48782 -3.85735  -8.35090  1.000 29.66993 ? 8   SER   A OG  1 
ATOM   72   N N   . PRO   A 1 11  ? -10.69937 -7.72895  -8.91410  1.000 20.39886 ? 9   PRO   A N   1 
ATOM   73   C CA  . PRO   A 1 11  ? -9.51310  -8.44852  -9.38239  1.000 23.05068 ? 9   PRO   A CA  1 
ATOM   74   C C   . PRO   A 1 11  ? -8.75378  -7.70987  -10.47130 1.000 23.87021 ? 9   PRO   A C   1 
ATOM   75   O O   . PRO   A 1 11  ? -9.28505  -6.85515  -11.18725 1.000 24.35451 ? 9   PRO   A O   1 
ATOM   76   C CB  . PRO   A 1 11  ? -10.09586 -9.75206  -9.93526  1.000 23.11058 ? 9   PRO   A CB  1 
ATOM   77   C CG  . PRO   A 1 11  ? -11.46185 -9.34723  -10.43283 1.000 21.47494 ? 9   PRO   A CG  1 
ATOM   78   C CD  . PRO   A 1 11  ? -11.94818 -8.32762  -9.42791  1.000 22.97463 ? 9   PRO   A CD  1 
ATOM   79   N N   . GLY   A 1 12  ? -7.49063  -8.08893  -10.61238 1.000 23.59685 ? 10  GLY   A N   1 
ATOM   80   C CA  . GLY   A 1 12  ? -6.66410  -7.63178  -11.71667 1.000 24.52396 ? 10  GLY   A CA  1 
ATOM   81   C C   . GLY   A 1 12  ? -6.70810  -8.60329  -12.87299 1.000 28.85371 ? 10  GLY   A C   1 
ATOM   82   O O   . GLY   A 1 12  ? -7.70188  -9.30856  -13.08565 1.000 26.37161 ? 10  GLY   A O   1 
ATOM   83   N N   . ASP   A 1 13  ? -5.61223  -8.65653  -13.63082 1.000 24.92281 ? 11  ASP   A N   1 
ATOM   84   C CA  . ASP   A 1 13  ? -5.54126  -9.58744  -14.75035 1.000 28.37085 ? 11  ASP   A CA  1 
ATOM   85   C C   . ASP   A 1 13  ? -5.08190  -10.98438 -14.34585 1.000 29.19590 ? 11  ASP   A C   1 
ATOM   86   O O   . ASP   A 1 13  ? -5.09514  -11.89176 -15.18519 1.000 31.38642 ? 11  ASP   A O   1 
ATOM   87   C CB  . ASP   A 1 13  ? -4.63266  -9.03264  -15.85573 1.000 29.09505 ? 11  ASP   A CB  1 
ATOM   88   C CG  . ASP   A 1 13  ? -3.15158  -9.13766  -15.53340 1.000 32.16780 ? 11  ASP   A CG  1 
ATOM   89   O OD1 . ASP   A 1 13  ? -2.77305  -9.43944  -14.37611 1.000 27.80094 ? 11  ASP   A OD1 1 
ATOM   90   O OD2 . ASP   A 1 13  ? -2.35465  -8.91314  -16.46642 1.000 31.60043 ? 11  ASP   A OD2 1 
ATOM   91   N N   . GLY   A 1 14  ? -4.68050  -11.18006 -13.09252 1.000 29.92173 ? 12  GLY   A N   1 
ATOM   92   C CA  . GLY   A 1 14  ? -4.29716  -12.49499 -12.61133 1.000 26.60688 ? 12  GLY   A CA  1 
ATOM   93   C C   . GLY   A 1 14  ? -3.00163  -13.04146 -13.16636 1.000 32.05499 ? 12  GLY   A C   1 
ATOM   94   O O   . GLY   A 1 14  ? -2.67889  -14.20222 -12.90446 1.000 30.36932 ? 12  GLY   A O   1 
ATOM   95   N N   . ARG   A 1 15  ? -2.23264  -12.24249 -13.90935 1.000 30.90822 ? 13  ARG   A N   1 
ATOM   96   C CA  . ARG   A 1 15  ? -1.02010  -12.75488 -14.53827 1.000 32.55433 ? 13  ARG   A CA  1 
ATOM   97   C C   . ARG   A 1 15  ? 0.17264   -11.82334 -14.36579 1.000 31.32826 ? 13  ARG   A C   1 
ATOM   98   O O   . ARG   A 1 15  ? 1.31614   -12.28439 -14.29427 1.000 34.63381 ? 13  ARG   A O   1 
ATOM   99   C CB  . ARG   A 1 15  ? -1.24753  -12.98707 -16.03261 1.000 30.19020 ? 13  ARG   A CB  1 
ATOM   100  C CG  . ARG   A 1 15  ? -2.44119  -13.85206 -16.38768 1.000 35.76775 ? 13  ARG   A CG  1 
ATOM   101  C CD  . ARG   A 1 15  ? -2.56582  -13.98337 -17.89507 1.000 44.02736 ? 13  ARG   A CD  1 
ATOM   102  N NE  . ARG   A 1 15  ? -2.42465  -12.68604 -18.54494 1.000 44.45341 ? 13  ARG   A NE  1 
ATOM   103  C CZ  . ARG   A 1 15  ? -3.43623  -11.89133 -18.87019 1.000 45.48099 ? 13  ARG   A CZ  1 
ATOM   104  N NH1 . ARG   A 1 15  ? -3.23287  -10.69281 -19.39492 1.000 43.50076 ? 13  ARG   A NH1 1 
ATOM   105  N NH2 . ARG   A 1 15  ? -4.68319  -12.30830 -18.66264 1.000 44.73017 ? 13  ARG   A NH2 1 
ATOM   106  N N   . THR   A 1 16  ? -0.07104  -10.51564 -14.33043 1.000 29.34311 ? 14  THR   A N   1 
ATOM   107  C CA  . THR   A 1 16  ? 1.00412   -9.52185  -14.31393 1.000 28.28275 ? 14  THR   A CA  1 
ATOM   108  C C   . THR   A 1 16  ? 1.24674   -9.08108  -12.87265 1.000 28.70138 ? 14  THR   A C   1 
ATOM   109  O O   . THR   A 1 16  ? 0.54473   -8.21381  -12.34541 1.000 24.32328 ? 14  THR   A O   1 
ATOM   110  C CB  . THR   A 1 16  ? 0.66506   -8.33620  -15.20850 1.000 29.78765 ? 14  THR   A CB  1 
ATOM   111  O OG1 . THR   A 1 16  ? 0.14486   -8.81104  -16.45814 1.000 30.60978 ? 14  THR   A OG1 1 
ATOM   112  C CG2 . THR   A 1 16  ? 1.91299   -7.50950  -15.46963 1.000 34.81656 ? 14  THR   A CG2 1 
ATOM   113  N N   . PHE   A 1 17  ? 2.24605   -9.67836  -12.23849 1.000 29.49363 ? 15  PHE   A N   1 
ATOM   114  C CA  . PHE   A 1 17  ? 2.55566   -9.30749  -10.87293 1.000 25.03592 ? 15  PHE   A CA  1 
ATOM   115  C C   . PHE   A 1 17  ? 3.88438   -8.56403  -10.82501 1.000 28.50645 ? 15  PHE   A C   1 
ATOM   116  O O   . PHE   A 1 17  ? 4.82151   -8.92477  -11.54663 1.000 30.56000 ? 15  PHE   A O   1 
ATOM   117  C CB  . PHE   A 1 17  ? 2.61659   -10.53949 -9.96615  1.000 31.00907 ? 15  PHE   A CB  1 
ATOM   118  C CG  . PHE   A 1 17  ? 1.29787   -11.25010 -9.83290  1.000 28.40766 ? 15  PHE   A CG  1 
ATOM   119  C CD1 . PHE   A 1 17  ? 0.88638   -12.15768 -10.79201 1.000 32.02455 ? 15  PHE   A CD1 1 
ATOM   120  C CD2 . PHE   A 1 17  ? 0.46996   -11.00431 -8.74999  1.000 27.06420 ? 15  PHE   A CD2 1 
ATOM   121  C CE1 . PHE   A 1 17  ? -0.32739  -12.80967 -10.67555 1.000 29.27202 ? 15  PHE   A CE1 1 
ATOM   122  C CE2 . PHE   A 1 17  ? -0.74532  -11.65795 -8.62234  1.000 28.66541 ? 15  PHE   A CE2 1 
ATOM   123  C CZ  . PHE   A 1 17  ? -1.14512  -12.55724 -9.59258  1.000 27.68463 ? 15  PHE   A CZ  1 
ATOM   124  N N   . PRO   A 1 18  ? 3.99018   -7.51576  -10.01362 1.000 28.06923 ? 16  PRO   A N   1 
ATOM   125  C CA  . PRO   A 1 18  ? 5.20452   -6.69663  -10.04350 1.000 26.24879 ? 16  PRO   A CA  1 
ATOM   126  C C   . PRO   A 1 18  ? 6.41903   -7.44156  -9.51133  1.000 29.24376 ? 16  PRO   A C   1 
ATOM   127  O O   . PRO   A 1 18  ? 6.32787   -8.25213  -8.58420  1.000 28.52970 ? 16  PRO   A O   1 
ATOM   128  C CB  . PRO   A 1 18  ? 4.84581   -5.49446  -9.16191  1.000 28.93516 ? 16  PRO   A CB  1 
ATOM   129  C CG  . PRO   A 1 18  ? 3.72191   -5.92221  -8.33029  1.000 23.69876 ? 16  PRO   A CG  1 
ATOM   130  C CD  . PRO   A 1 18  ? 2.96040   -6.93940  -9.13450  1.000 24.99670 ? 16  PRO   A CD  1 
ATOM   131  N N   . LYS   A 1 19  ? 7.56507   -7.15373  -10.12296 1.000 31.16904 ? 17  LYS   A N   1 
ATOM   132  C CA  . LYS   A 1 19  ? 8.84639   -7.73713  -9.76713  1.000 30.68313 ? 17  LYS   A CA  1 
ATOM   133  C C   . LYS   A 1 19  ? 9.78301   -6.63704  -9.29825  1.000 28.17542 ? 17  LYS   A C   1 
ATOM   134  O O   . LYS   A 1 19  ? 9.57928   -5.45468  -9.58793  1.000 25.88957 ? 17  LYS   A O   1 
ATOM   135  C CB  . LYS   A 1 19  ? 9.47265   -8.48154  -10.95534 1.000 32.67519 ? 17  LYS   A CB  1 
ATOM   136  C CG  . LYS   A 1 19  ? 8.62438   -9.63945  -11.46449 1.000 35.44297 ? 17  LYS   A CG  1 
ATOM   137  C CD  . LYS   A 1 19  ? 9.22860   -10.29690 -12.69840 1.000 40.21757 ? 17  LYS   A CD  1 
ATOM   138  C CE  . LYS   A 1 19  ? 9.21586   -9.35308  -13.89385 1.000 39.30884 ? 17  LYS   A CE  1 
ATOM   139  N NZ  . LYS   A 1 19  ? 9.58548   -10.05770 -15.15379 1.000 47.18181 ? 17  LYS   A NZ  1 
ATOM   140  N N   . ARG   A 1 20  ? 10.81925  -7.04297  -8.57285  1.000 23.89848 ? 18  ARG   A N   1 
ATOM   141  C CA  . ARG   A 1 20  ? 11.81996  -6.09049  -8.11968  1.000 25.37319 ? 18  ARG   A CA  1 
ATOM   142  C C   . ARG   A 1 20  ? 12.45473  -5.38808  -9.31222  1.000 30.50470 ? 18  ARG   A C   1 
ATOM   143  O O   . ARG   A 1 20  ? 12.74940  -6.00574  -10.33834 1.000 29.03611 ? 18  ARG   A O   1 
ATOM   144  C CB  . ARG   A 1 20  ? 12.88189  -6.79792  -7.27454  1.000 30.61292 ? 18  ARG   A CB  1 
ATOM   145  C CG  . ARG   A 1 20  ? 12.44897  -7.02851  -5.83810  1.000 30.56567 ? 18  ARG   A CG  1 
ATOM   146  C CD  . ARG   A 1 20  ? 13.41146  -7.93724  -5.08528  1.000 33.62433 ? 18  ARG   A CD  1 
ATOM   147  N NE  . ARG   A 1 20  ? 14.73832  -7.35351  -4.93834  1.000 35.54864 ? 18  ARG   A NE  1 
ATOM   148  C CZ  . ARG   A 1 20  ? 15.15501  -6.70020  -3.86215  1.000 34.57652 ? 18  ARG   A CZ  1 
ATOM   149  N NH1 . ARG   A 1 20  ? 16.39770  -6.25880  -3.75930  1.000 35.14975 ? 18  ARG   A NH1 1 
ATOM   150  N NH2 . ARG   A 1 20  ? 14.30498  -6.49067  -2.86040  1.000 39.08983 ? 18  ARG   A NH2 1 
ATOM   151  N N   . GLY   A 1 21  ? 12.66090  -4.08049  -9.17049  1.000 29.12516 ? 19  GLY   A N   1 
ATOM   152  C CA  . GLY   A 1 21  ? 13.13159  -3.25396  -10.24911 1.000 31.66837 ? 19  GLY   A CA  1 
ATOM   153  C C   . GLY   A 1 21  ? 12.03837  -2.56080  -11.02927 1.000 30.67806 ? 19  GLY   A C   1 
ATOM   154  O O   . GLY   A 1 21  ? 12.32078  -1.57203  -11.71560 1.000 36.11609 ? 19  GLY   A O   1 
ATOM   155  N N   . GLN   A 1 22  ? 10.80000  -3.05044  -10.94721 1.000 27.97173 ? 20  GLN   A N   1 
ATOM   156  C CA  . GLN   A 1 22  ? 9.67920   -2.44730  -11.65265 1.000 28.94995 ? 20  GLN   A CA  1 
ATOM   157  C C   . GLN   A 1 22  ? 9.02772   -1.36061  -10.81211 1.000 25.13772 ? 20  GLN   A C   1 
ATOM   158  O O   . GLN   A 1 22  ? 8.99738   -1.42864  -9.58051  1.000 25.80847 ? 20  GLN   A O   1 
ATOM   159  C CB  . GLN   A 1 22  ? 8.62024   -3.49270  -12.01045 1.000 26.29458 ? 20  GLN   A CB  1 
ATOM   160  C CG  . GLN   A 1 22  ? 9.10372   -4.59004  -12.91899 1.000 31.83059 ? 20  GLN   A CG  1 
ATOM   161  C CD  . GLN   A 1 22  ? 7.95455   -5.39154  -13.49509 1.000 29.29554 ? 20  GLN   A CD  1 
ATOM   162  O OE1 . GLN   A 1 22  ? 7.39211   -6.26445  -12.83103 1.000 32.28398 ? 20  GLN   A OE1 1 
ATOM   163  N NE2 . GLN   A 1 22  ? 7.59134   -5.08865  -14.73661 1.000 34.99477 ? 20  GLN   A NE2 1 
ATOM   164  N N   . THR   A 1 23  ? 8.47632   -0.36979  -11.49920 1.000 27.74025 ? 21  THR   A N   1 
ATOM   165  C CA  . THR   A 1 23  ? 7.77145   0.73401   -10.86975 1.000 27.12385 ? 21  THR   A CA  1 
ATOM   166  C C   . THR   A 1 23  ? 6.27906   0.44383   -10.85478 1.000 25.99197 ? 21  THR   A C   1 
ATOM   167  O O   . THR   A 1 23  ? 5.68949   0.14124   -11.89737 1.000 26.95222 ? 21  THR   A O   1 
ATOM   168  C CB  . THR   A 1 23  ? 8.05284   2.03741   -11.61631 1.000 28.07810 ? 21  THR   A CB  1 
ATOM   169  O OG1 . THR   A 1 23  ? 9.45493   2.31364   -11.55221 1.000 27.16736 ? 21  THR   A OG1 1 
ATOM   170  C CG2 . THR   A 1 23  ? 7.28026   3.18750   -10.99405 1.000 28.68422 ? 21  THR   A CG2 1 
ATOM   171  N N   . CYS   A 1 24  ? 5.68036   0.50235   -9.67047  1.000 27.50133 ? 22  CYS   A N   1 
ATOM   172  C CA  . CYS   A 1 24  ? 4.24207   0.33413   -9.52921  1.000 27.34309 ? 22  CYS   A CA  1 
ATOM   173  C C   . CYS   A 1 24  ? 3.57818   1.70148   -9.57338  1.000 25.52336 ? 22  CYS   A C   1 
ATOM   174  O O   . CYS   A 1 24  ? 4.01300   2.62914   -8.88188  1.000 23.66471 ? 22  CYS   A O   1 
ATOM   175  C CB  . CYS   A 1 24  ? 3.90559   -0.38446  -8.22403  1.000 24.64775 ? 22  CYS   A CB  1 
ATOM   176  S SG  . CYS   A 1 24  ? 4.60315   -2.02694  -8.15103  1.000 27.91270 ? 22  CYS   A SG  1 
ATOM   177  N N   . VAL   A 1 25  ? 2.54761   1.83071   -10.40553 1.000 21.39945 ? 23  VAL   A N   1 
ATOM   178  C CA  . VAL   A 1 25  ? 1.75665   3.04976   -10.49527 1.000 21.20055 ? 23  VAL   A CA  1 
ATOM   179  C C   . VAL   A 1 25  ? 0.40138   2.74822   -9.89300  1.000 20.43895 ? 23  VAL   A C   1 
ATOM   180  O O   . VAL   A 1 25  ? -0.31901  1.87557   -10.38923 1.000 21.75675 ? 23  VAL   A O   1 
ATOM   181  C CB  . VAL   A 1 25  ? 1.61563   3.53825   -11.94395 1.000 23.72389 ? 23  VAL   A CB  1 
ATOM   182  C CG1 . VAL   A 1 25  ? 0.81506   4.82586   -11.97821 1.000 26.52969 ? 23  VAL   A CG1 1 
ATOM   183  C CG2 . VAL   A 1 25  ? 2.99051   3.74150   -12.55950 1.000 25.74415 ? 23  VAL   A CG2 1 
ATOM   184  N N   . VAL   A 1 26  ? 0.04958   3.45536   -8.82321  1.000 21.96520 ? 24  VAL   A N   1 
ATOM   185  C CA  . VAL   A 1 26  ? -1.12713  3.11274   -8.03301  1.000 19.76315 ? 24  VAL   A CA  1 
ATOM   186  C C   . VAL   A 1 26  ? -1.88853  4.38377   -7.69333  1.000 22.39902 ? 24  VAL   A C   1 
ATOM   187  O O   . VAL   A 1 26  ? -1.34679  5.49046   -7.71743  1.000 20.77117 ? 24  VAL   A O   1 
ATOM   188  C CB  . VAL   A 1 26  ? -0.78455  2.36132   -6.71322  1.000 20.61164 ? 24  VAL   A CB  1 
ATOM   189  C CG1 . VAL   A 1 26  ? 0.08363   1.13374   -6.96292  1.000 19.33460 ? 24  VAL   A CG1 1 
ATOM   190  C CG2 . VAL   A 1 26  ? -0.11897  3.30418   -5.70755  1.000 20.56621 ? 24  VAL   A CG2 1 
ATOM   191  N N   . HIS   A 1 27  ? -3.16300  4.20723   -7.36912  1.000 19.88673 ? 25  HIS   A N   1 
ATOM   192  C CA  . HIS   A 1 27  ? -3.89723  5.15689   -6.54923  1.000 20.73559 ? 25  HIS   A CA  1 
ATOM   193  C C   . HIS   A 1 27  ? -4.15466  4.50532   -5.19910  1.000 22.41384 ? 25  HIS   A C   1 
ATOM   194  O O   . HIS   A 1 27  ? -4.42980  3.30505   -5.12159  1.000 21.39579 ? 25  HIS   A O   1 
ATOM   195  C CB  . HIS   A 1 27  ? -5.21530  5.57584   -7.19679  1.000 23.08925 ? 25  HIS   A CB  1 
ATOM   196  C CG  . HIS   A 1 27  ? -5.15579  6.90024   -7.89400  1.000 23.35114 ? 25  HIS   A CG  1 
ATOM   197  N ND1 . HIS   A 1 27  ? -4.42460  7.96756   -7.41352  1.000 19.68285 ? 25  HIS   A ND1 1 
ATOM   198  C CD2 . HIS   A 1 27  ? -5.74262  7.32842   -9.03741  1.000 24.41342 ? 25  HIS   A CD2 1 
ATOM   199  C CE1 . HIS   A 1 27  ? -4.56317  8.99637   -8.23417  1.000 24.56072 ? 25  HIS   A CE1 1 
ATOM   200  N NE2 . HIS   A 1 27  ? -5.35866  8.63523   -9.22528  1.000 21.68671 ? 25  HIS   A NE2 1 
ATOM   201  N N   . TYR   A 1 28  ? -4.04128  5.28478   -4.13198  1.000 19.69757 ? 26  TYR   A N   1 
ATOM   202  C CA  . TYR   A 1 28  ? -4.22183  4.72340   -2.80861  1.000 21.79567 ? 26  TYR   A CA  1 
ATOM   203  C C   . TYR   A 1 28  ? -4.97322  5.70303   -1.92420  1.000 23.95655 ? 26  TYR   A C   1 
ATOM   204  O O   . TYR   A 1 28  ? -5.02092  6.90716   -2.18619  1.000 23.26917 ? 26  TYR   A O   1 
ATOM   205  C CB  . TYR   A 1 28  ? -2.87970  4.35220   -2.16653  1.000 21.76516 ? 26  TYR   A CB  1 
ATOM   206  C CG  . TYR   A 1 28  ? -2.08268  5.54333   -1.68314  1.000 22.56937 ? 26  TYR   A CG  1 
ATOM   207  C CD1 . TYR   A 1 28  ? -1.22377  6.22138   -2.53655  1.000 20.53513 ? 26  TYR   A CD1 1 
ATOM   208  C CD2 . TYR   A 1 28  ? -2.19073  5.98536   -0.37162  1.000 19.92972 ? 26  TYR   A CD2 1 
ATOM   209  C CE1 . TYR   A 1 28  ? -0.49225  7.30782   -2.09628  1.000 20.37616 ? 26  TYR   A CE1 1 
ATOM   210  C CE2 . TYR   A 1 28  ? -1.47209  7.06987   0.07924   1.000 21.24634 ? 26  TYR   A CE2 1 
ATOM   211  C CZ  . TYR   A 1 28  ? -0.61977  7.72685   -0.78492  1.000 22.82141 ? 26  TYR   A CZ  1 
ATOM   212  O OH  . TYR   A 1 28  ? 0.10282   8.80420   -0.33292  1.000 25.13525 ? 26  TYR   A OH  1 
ATOM   213  N N   . THR   A 1 29  ? -5.54761  5.16095   -0.85387  1.000 20.56344 ? 27  THR   A N   1 
ATOM   214  C CA  . THR   A 1 29  ? -6.08186  5.96128   0.23637   1.000 19.14560 ? 27  THR   A CA  1 
ATOM   215  C C   . THR   A 1 29  ? -5.66567  5.26803   1.52305   1.000 21.73924 ? 27  THR   A C   1 
ATOM   216  O O   . THR   A 1 29  ? -5.90182  4.06717   1.67163   1.000 22.44630 ? 27  THR   A O   1 
ATOM   217  C CB  . THR   A 1 29  ? -7.60803  6.08689   0.14526   1.000 21.44313 ? 27  THR   A CB  1 
ATOM   218  O OG1 . THR   A 1 29  ? -7.95381  6.77030   -1.06547  1.000 25.59807 ? 27  THR   A OG1 1 
ATOM   219  C CG2 . THR   A 1 29  ? -8.14740  6.88100   1.30650   1.000 23.86712 ? 27  THR   A CG2 1 
ATOM   220  N N   . GLY   A 1 30  ? -5.01194  5.99942   2.41759   1.000 21.76344 ? 28  GLY   A N   1 
ATOM   221  C CA  . GLY   A 1 30  ? -4.53138  5.44923   3.68208   1.000 21.62964 ? 28  GLY   A CA  1 
ATOM   222  C C   . GLY   A 1 30  ? -5.37178  5.96025   4.83800   1.000 27.42208 ? 28  GLY   A C   1 
ATOM   223  O O   . GLY   A 1 30  ? -5.75253  7.13273   4.86836   1.000 25.86514 ? 28  GLY   A O   1 
ATOM   224  N N   . MET   A 1 31  ? -5.65639  5.07100   5.78695   1.000 27.76688 ? 29  MET   A N   1 
ATOM   225  C CA  A MET   A 1 31  ? -6.42047  5.42955   6.97246   0.449 30.58949 ? 29  MET   A CA  1 
ATOM   226  C CA  B MET   A 1 31  ? -6.40603  5.44442   6.97513   0.551 30.57464 ? 29  MET   A CA  1 
ATOM   227  C C   . MET   A 1 31  ? -5.90475  4.62675   8.15518   1.000 28.89323 ? 29  MET   A C   1 
ATOM   228  O O   . MET   A 1 31  ? -5.31238  3.55749   7.99161   1.000 27.68551 ? 29  MET   A O   1 
ATOM   229  C CB  A MET   A 1 31  ? -7.91925  5.18046   6.77539   0.449 33.18440 ? 29  MET   A CB  1 
ATOM   230  C CB  B MET   A 1 31  ? -7.91162  5.23858   6.78256   0.551 33.23517 ? 29  MET   A CB  1 
ATOM   231  C CG  A MET   A 1 31  ? -8.22472  3.97042   5.91672   0.449 32.00192 ? 29  MET   A CG  1 
ATOM   232  C CG  B MET   A 1 31  ? -8.33532  3.78785   6.77691   0.551 31.61886 ? 29  MET   A CG  1 
ATOM   233  S SD  A MET   A 1 31  ? -8.99422  4.46385   4.36680   0.449 35.56396 ? 29  MET   A SD  1 
ATOM   234  S SD  B MET   A 1 31  ? -10.09749 3.59929   6.46198   0.551 35.44524 ? 29  MET   A SD  1 
ATOM   235  C CE  A MET   A 1 31  ? -8.64077  3.05160   3.32471   0.449 27.13661 ? 29  MET   A CE  1 
ATOM   236  C CE  B MET   A 1 31  ? -10.20476 4.19708   4.77586   0.551 30.07868 ? 29  MET   A CE  1 
ATOM   237  N N   . LEU   A 1 32  ? -6.12148  5.16367   9.35300   1.000 33.87072 ? 30  LEU   A N   1 
ATOM   238  C CA  . LEU   A 1 32  ? -5.84782  4.39863   10.55745  1.000 33.66935 ? 30  LEU   A CA  1 
ATOM   239  C C   . LEU   A 1 32  ? -6.90364  3.30772   10.69404  1.000 33.75975 ? 30  LEU   A C   1 
ATOM   240  O O   . LEU   A 1 32  ? -7.96156  3.36772   10.06866  1.000 34.39154 ? 30  LEU   A O   1 
ATOM   241  C CB  . LEU   A 1 32  ? -5.84943  5.30631   11.78609  1.000 35.78288 ? 30  LEU   A CB  1 
ATOM   242  C CG  . LEU   A 1 32  ? -4.94076  6.53216   11.71136  1.000 33.61162 ? 30  LEU   A CG  1 
ATOM   243  C CD1 . LEU   A 1 32  ? -5.14409  7.41916   12.92498  1.000 36.84255 ? 30  LEU   A CD1 1 
ATOM   244  C CD2 . LEU   A 1 32  ? -3.48644  6.10183   11.59259  1.000 32.06961 ? 30  LEU   A CD2 1 
ATOM   245  N N   . GLU   A 1 33  ? -6.61557  2.29683   11.52050  1.000 40.70731 ? 31  GLU   A N   1 
ATOM   246  C CA  . GLU   A 1 33  ? -7.54857  1.17337   11.61177  1.000 39.22538 ? 31  GLU   A CA  1 
ATOM   247  C C   . GLU   A 1 33  ? -8.92686  1.62407   12.08600  1.000 43.44587 ? 31  GLU   A C   1 
ATOM   248  O O   . GLU   A 1 33  ? -9.93491  0.98070   11.76488  1.000 46.92630 ? 31  GLU   A O   1 
ATOM   249  C CB  . GLU   A 1 33  ? -6.99795  0.07462   12.52565  1.000 44.09977 ? 31  GLU   A CB  1 
ATOM   250  C CG  . GLU   A 1 33  ? -7.85108  -1.20115  12.48493  1.000 43.68968 ? 31  GLU   A CG  1 
ATOM   251  C CD  . GLU   A 1 33  ? -7.20847  -2.40021  13.16633  1.000 46.22828 ? 31  GLU   A CD  1 
ATOM   252  O OE1 . GLU   A 1 33  ? -7.17290  -3.48344  12.53533  1.000 45.70795 ? 31  GLU   A OE1 1 
ATOM   253  O OE2 . GLU   A 1 33  ? -6.75028  -2.26641  14.32560  1.000 44.92341 ? 31  GLU   A OE2 1 
ATOM   254  N N   . ASP   A 1 34  ? -8.99547  2.73708   12.82258  1.000 43.75860 ? 32  ASP   A N   1 
ATOM   255  C CA  . ASP   A 1 34  ? -10.29038 3.29592   13.20221  1.000 49.08050 ? 32  ASP   A CA  1 
ATOM   256  C C   . ASP   A 1 34  ? -11.12274 3.64254   11.97473  1.000 49.58994 ? 32  ASP   A C   1 
ATOM   257  O O   . ASP   A 1 34  ? -12.35000 3.49202   11.98394  1.000 56.78580 ? 32  ASP   A O   1 
ATOM   258  C CB  . ASP   A 1 34  ? -10.09720 4.53415   14.08530  1.000 48.80656 ? 32  ASP   A CB  1 
ATOM   259  C CG  . ASP   A 1 34  ? -9.80801  5.80220   13.28224  1.000 54.22975 ? 32  ASP   A CG  1 
ATOM   260  O OD1 . ASP   A 1 34  ? -9.14017  5.71952   12.22675  1.000 52.42900 ? 32  ASP   A OD1 1 
ATOM   261  O OD2 . ASP   A 1 34  ? -10.24785 6.89144   13.71222  1.000 57.86362 ? 32  ASP   A OD2 1 
ATOM   262  N N   . GLY   A 1 35  ? -10.47317 4.09986   10.90857  1.000 46.49350 ? 33  GLY   A N   1 
ATOM   263  C CA  . GLY   A 1 35  ? -11.15058 4.52471   9.69664   1.000 43.00919 ? 33  GLY   A CA  1 
ATOM   264  C C   . GLY   A 1 35  ? -10.85008 5.94714   9.27813   1.000 43.49572 ? 33  GLY   A C   1 
ATOM   265  O O   . GLY   A 1 35  ? -11.28783 6.36392   8.19448   1.000 48.41832 ? 33  GLY   A O   1 
ATOM   266  N N   . LYS   A 1 36  ? -10.11584 6.70890   10.08600  1.000 44.76620 ? 34  LYS   A N   1 
ATOM   267  C CA  . LYS   A 1 36  ? -9.82674  8.10487   9.77939   1.000 46.40703 ? 34  LYS   A CA  1 
ATOM   268  C C   . LYS   A 1 36  ? -8.78638  8.19779   8.66912   1.000 39.64344 ? 34  LYS   A C   1 
ATOM   269  O O   . LYS   A 1 36  ? -7.64416  7.76030   8.84197   1.000 41.61736 ? 34  LYS   A O   1 
ATOM   270  C CB  . LYS   A 1 36  ? -9.33543  8.81826   11.03631  1.000 50.25778 ? 34  LYS   A CB  1 
ATOM   271  C CG  . LYS   A 1 36  ? -8.71892  10.18472  10.78976  1.000 49.48599 ? 34  LYS   A CG  1 
ATOM   272  C CD  . LYS   A 1 36  ? -8.04193  10.71046  12.05173  1.000 52.74145 ? 34  LYS   A CD  1 
ATOM   273  C CE  . LYS   A 1 36  ? -7.27216  11.99230  11.78151  1.000 56.78971 ? 34  LYS   A CE  1 
ATOM   274  N NZ  . LYS   A 1 36  ? -6.51647  12.45299  12.98106  1.000 58.53007 ? 34  LYS   A NZ  1 
ATOM   275  N N   . LYS   A 1 37  ? -9.17910  8.77952   7.53764   1.000 44.33210 ? 35  LYS   A N   1 
ATOM   276  C CA  . LYS   A 1 37  ? -8.27584  8.92438   6.40316   1.000 35.81908 ? 35  LYS   A CA  1 
ATOM   277  C C   . LYS   A 1 37  ? -7.17710  9.92969   6.72017   1.000 35.81829 ? 35  LYS   A C   1 
ATOM   278  O O   . LYS   A 1 37  ? -7.44908  11.02360  7.22595   1.000 39.95891 ? 35  LYS   A O   1 
ATOM   279  C CB  . LYS   A 1 37  ? -9.05497  9.37024   5.16628   1.000 37.18096 ? 35  LYS   A CB  1 
ATOM   280  C CG  . LYS   A 1 37  ? -8.20831  9.50027   3.91371   1.000 35.82545 ? 35  LYS   A CG  1 
ATOM   281  C CD  . LYS   A 1 37  ? -9.01403  10.05219  2.74530   1.000 34.08385 ? 35  LYS   A CD  1 
ATOM   282  C CE  . LYS   A 1 37  ? -9.11591  11.56993  2.79947   1.000 39.25519 ? 35  LYS   A CE  1 
ATOM   283  N NZ  . LYS   A 1 37  ? -9.86658  12.11089  1.62900   1.000 38.05770 ? 35  LYS   A NZ  1 
ATOM   284  N N   . PHE   A 1 38  ? -5.92912  9.56447   6.41830   1.000 33.04824 ? 36  PHE   A N   1 
ATOM   285  C CA  . PHE   A 1 38  ? -4.82120  10.49207  6.58493   1.000 31.58146 ? 36  PHE   A CA  1 
ATOM   286  C C   . PHE   A 1 38  ? -4.14467  10.90024  5.28176   1.000 27.41615 ? 36  PHE   A C   1 
ATOM   287  O O   . PHE   A 1 38  ? -3.36865  11.86335  5.29944   1.000 29.25359 ? 36  PHE   A O   1 
ATOM   288  C CB  . PHE   A 1 38  ? -3.76589  9.93088   7.55723   1.000 31.53922 ? 36  PHE   A CB  1 
ATOM   289  C CG  . PHE   A 1 38  ? -3.20072  8.58682   7.17204   1.000 31.53263 ? 36  PHE   A CG  1 
ATOM   290  C CD1 . PHE   A 1 38  ? -2.22836  8.47692   6.19007   1.000 27.91254 ? 36  PHE   A CD1 1 
ATOM   291  C CD2 . PHE   A 1 38  ? -3.59445  7.43751   7.84612   1.000 30.54209 ? 36  PHE   A CD2 1 
ATOM   292  C CE1 . PHE   A 1 38  ? -1.69672  7.24506   5.84767   1.000 24.55513 ? 36  PHE   A CE1 1 
ATOM   293  C CE2 . PHE   A 1 38  ? -3.05913  6.20152   7.51498   1.000 28.64172 ? 36  PHE   A CE2 1 
ATOM   294  C CZ  . PHE   A 1 38  ? -2.11480  6.10273   6.51629   1.000 28.32206 ? 36  PHE   A CZ  1 
ATOM   295  N N   . ASP   A 1 39  ? -4.41603  10.22507  4.16022   1.000 27.80667 ? 37  ASP   A N   1 
ATOM   296  C CA  . ASP   A 1 39  ? -3.89235  10.68494  2.87416   1.000 27.71408 ? 37  ASP   A CA  1 
ATOM   297  C C   . ASP   A 1 39  ? -4.50196  9.87478   1.73867   1.000 24.08682 ? 37  ASP   A C   1 
ATOM   298  O O   . ASP   A 1 39  ? -4.96305  8.74996   1.92967   1.000 23.30918 ? 37  ASP   A O   1 
ATOM   299  C CB  . ASP   A 1 39  ? -2.36263  10.59405  2.79713   1.000 26.39571 ? 37  ASP   A CB  1 
ATOM   300  C CG  . ASP   A 1 39  ? -1.80545  11.33220  1.58171   1.000 31.23533 ? 37  ASP   A CG  1 
ATOM   301  O OD1 . ASP   A 1 39  ? -2.10763  12.53619  1.43231   1.000 29.50690 ? 37  ASP   A OD1 1 
ATOM   302  O OD2 . ASP   A 1 39  ? -1.08376  10.70866  0.77589   1.000 30.54655 ? 37  ASP   A OD2 1 
ATOM   303  N N   . SER   A 1 40  ? -4.47371  10.45814  0.54186   1.000 23.41275 ? 38  SER   A N   1 
ATOM   304  C CA  . SER   A 1 40  ? -4.93249  9.75063   -0.64465  1.000 25.33685 ? 38  SER   A CA  1 
ATOM   305  C C   . SER   A 1 40  ? -4.32910  10.42200  -1.86102  1.000 22.23849 ? 38  SER   A C   1 
ATOM   306  O O   . SER   A 1 40  ? -4.42159  11.64433  -1.98786  1.000 23.61608 ? 38  SER   A O   1 
ATOM   307  C CB  . SER   A 1 40  ? -6.45870  9.76439   -0.74809  1.000 27.87180 ? 38  SER   A CB  1 
ATOM   308  O OG  . SER   A 1 40  ? -6.88648  9.28774   -2.02179  1.000 24.79430 ? 38  SER   A OG  1 
ATOM   309  N N   . SER   A 1 41  ? -3.70924  9.63270   -2.74392  1.000 18.72782 ? 39  SER   A N   1 
ATOM   310  C CA  . SER   A 1 41  ? -3.28572  10.18785  -4.03172  1.000 22.67027 ? 39  SER   A CA  1 
ATOM   311  C C   . SER   A 1 41  ? -4.47200  10.62370  -4.87480  1.000 25.28130 ? 39  SER   A C   1 
ATOM   312  O O   . SER   A 1 41  ? -4.30704  11.43740  -5.79257  1.000 22.11519 ? 39  SER   A O   1 
ATOM   313  C CB  . SER   A 1 41  ? -2.45811  9.16918   -4.81962  1.000 23.20345 ? 39  SER   A CB  1 
ATOM   314  O OG  . SER   A 1 41  ? -3.19541  7.96192   -5.01676  1.000 22.34855 ? 39  SER   A OG  1 
ATOM   315  N N   . ARG   A 1 42  ? -5.66403  10.08098  -4.60925  1.000 24.50686 ? 40  ARG   A N   1 
ATOM   316  C CA  . ARG   A 1 42  ? -6.83561  10.51896  -5.35969  1.000 23.03650 ? 40  ARG   A CA  1 
ATOM   317  C C   . ARG   A 1 42  ? -7.16214  11.98169  -5.08782  1.000 22.55252 ? 40  ARG   A C   1 
ATOM   318  O O   . ARG   A 1 42  ? -7.65242  12.68666  -5.98489  1.000 24.50368 ? 40  ARG   A O   1 
ATOM   319  C CB  . ARG   A 1 42  ? -8.02846  9.61570   -5.02757  1.000 20.56708 ? 40  ARG   A CB  1 
ATOM   320  C CG  . ARG   A 1 42  ? -7.79931  8.17700   -5.42297  1.000 21.36746 ? 40  ARG   A CG  1 
ATOM   321  C CD  . ARG   A 1 42  ? -9.06834  7.35410   -5.24839  1.000 25.72952 ? 40  ARG   A CD  1 
ATOM   322  N NE  . ARG   A 1 42  ? -8.82473  5.92720   -5.42341  1.000 27.51315 ? 40  ARG   A NE  1 
ATOM   323  C CZ  . ARG   A 1 42  ? -8.76993  5.31076   -6.59451  1.000 24.53835 ? 40  ARG   A CZ  1 
ATOM   324  N NH1 . ARG   A 1 42  ? -8.50818  4.01673   -6.68000  1.000 25.43513 ? 40  ARG   A NH1 1 
ATOM   325  N NH2 . ARG   A 1 42  ? -8.98752  6.01004   -7.70928  1.000 21.43021 ? 40  ARG   A NH2 1 
ATOM   326  N N   . ASP   A 1 43  ? -6.86931  12.46371  -3.87493  1.000 27.75006 ? 41  ASP   A N   1 
ATOM   327  C CA  . ASP   A 1 43  ? -7.07845  13.86860  -3.54538  1.000 26.90443 ? 41  ASP   A CA  1 
ATOM   328  C C   . ASP   A 1 43  ? -6.19491  14.79531  -4.36338  1.000 26.89178 ? 41  ASP   A C   1 
ATOM   329  O O   . ASP   A 1 43  ? -6.50564  15.98532  -4.46816  1.000 27.71866 ? 41  ASP   A O   1 
ATOM   330  C CB  . ASP   A 1 43  ? -6.80660  14.12381  -2.06347  1.000 31.21009 ? 41  ASP   A CB  1 
ATOM   331  C CG  . ASP   A 1 43  ? -7.81933  13.45517  -1.15715  1.000 32.39600 ? 41  ASP   A CG  1 
ATOM   332  O OD1 . ASP   A 1 43  ? -8.93599  13.15337  -1.62646  1.000 33.42756 ? 41  ASP   A OD1 1 
ATOM   333  O OD2 . ASP   A 1 43  ? -7.49691  13.24743  0.03230   1.000 37.13620 ? 41  ASP   A OD2 1 
ATOM   334  N N   . ARG   A 1 44  ? -5.07979  14.29303  -4.89354  1.000 24.02305 ? 42  ARG   A N   1 
ATOM   335  C CA  . ARG   A 1 44  ? -4.19009  15.06895  -5.74663  1.000 24.29938 ? 42  ARG   A CA  1 
ATOM   336  C C   . ARG   A 1 44  ? -4.43252  14.81741  -7.22514  1.000 24.11269 ? 42  ARG   A C   1 
ATOM   337  O O   . ARG   A 1 44  ? -3.78979  15.45930  -8.05983  1.000 23.52826 ? 42  ARG   A O   1 
ATOM   338  C CB  . ARG   A 1 44  ? -2.73192  14.75600  -5.41201  1.000 22.39224 ? 42  ARG   A CB  1 
ATOM   339  C CG  . ARG   A 1 44  ? -2.34272  15.10265  -3.98194  1.000 27.98533 ? 42  ARG   A CG  1 
ATOM   340  C CD  . ARG   A 1 44  ? -0.92420  14.67973  -3.69429  1.000 26.55567 ? 42  ARG   A CD  1 
ATOM   341  N NE  . ARG   A 1 44  ? -0.80959  13.24616  -3.45164  1.000 25.90064 ? 42  ARG   A NE  1 
ATOM   342  C CZ  . ARG   A 1 44  ? -0.94823  12.67607  -2.26233  1.000 27.06211 ? 42  ARG   A CZ  1 
ATOM   343  N NH1 . ARG   A 1 44  ? -0.67752  11.39566  -2.07411  1.000 28.20808 ? 42  ARG   A NH1 1 
ATOM   344  N NH2 . ARG   A 1 44  ? -1.36568  13.41049  -1.23429  1.000 28.48338 ? 42  ARG   A NH2 1 
ATOM   345  N N   . ASN   A 1 45  ? -5.33525  13.89397  -7.56489  1.000 21.67227 ? 43  ASN   A N   1 
ATOM   346  C CA  . ASN   A 1 45  ? -5.63977  13.55138  -8.95218  1.000 26.65064 ? 43  ASN   A CA  1 
ATOM   347  C C   . ASN   A 1 45  ? -4.38169  13.14184  -9.71193  1.000 25.95007 ? 43  ASN   A C   1 
ATOM   348  O O   . ASN   A 1 45  ? -4.23374  13.42176  -10.90013 1.000 25.12740 ? 43  ASN   A O   1 
ATOM   349  C CB  . ASN   A 1 45  ? -6.35255  14.70242  -9.65973  1.000 25.27703 ? 43  ASN   A CB  1 
ATOM   350  C CG  . ASN   A 1 45  ? -7.62141  15.12839  -8.94735  1.000 23.73188 ? 43  ASN   A CG  1 
ATOM   351  O OD1 . ASN   A 1 45  ? -8.59430  14.37946  -8.88984  1.000 32.14703 ? 43  ASN   A OD1 1 
ATOM   352  N ND2 . ASN   A 1 45  ? -7.61782  16.34332  -8.40648  1.000 29.39882 ? 43  ASN   A ND2 1 
ATOM   353  N N   . LYS   A 1 46  ? -3.47129  12.46356  -9.02269  1.000 23.52842 ? 44  LYS   A N   1 
ATOM   354  C CA  . LYS   A 1 46  ? -2.20736  12.07675  -9.63595  1.000 20.97416 ? 44  LYS   A CA  1 
ATOM   355  C C   . LYS   A 1 46  ? -1.71176  10.78862  -9.00023  1.000 20.79338 ? 44  LYS   A C   1 
ATOM   356  O O   . LYS   A 1 46  ? -1.48726  10.74937  -7.78161  1.000 21.84541 ? 44  LYS   A O   1 
ATOM   357  C CB  . LYS   A 1 46  ? -1.16632  13.18143  -9.46770  1.000 22.80579 ? 44  LYS   A CB  1 
ATOM   358  C CG  . LYS   A 1 46  ? 0.16953   12.88468  -10.13417 1.000 26.50148 ? 44  LYS   A CG  1 
ATOM   359  C CD  . LYS   A 1 46  ? 1.16313   14.03948  -9.92550  1.000 26.35655 ? 44  LYS   A CD  1 
ATOM   360  C CE  . LYS   A 1 46  ? 2.58951   13.61246  -10.24213 1.000 27.46895 ? 44  LYS   A CE  1 
ATOM   361  N NZ  . LYS   A 1 46  ? 3.57499   14.73735  -10.07342 1.000 28.09553 ? 44  LYS   A NZ  1 
ATOM   362  N N   . PRO   A 1 47  ? -1.50866  9.72871   -9.78318  1.000 22.48665 ? 45  PRO   A N   1 
ATOM   363  C CA  . PRO   A 1 47  ? -1.10265  8.45064   -9.19141  1.000 21.10409 ? 45  PRO   A CA  1 
ATOM   364  C C   . PRO   A 1 47  ? 0.24135   8.55307   -8.49570  1.000 22.61753 ? 45  PRO   A C   1 
ATOM   365  O O   . PRO   A 1 47  ? 1.07391   9.41260   -8.80727  1.000 19.16563 ? 45  PRO   A O   1 
ATOM   366  C CB  . PRO   A 1 47  ? -1.03311  7.50259   -10.39396 1.000 21.83364 ? 45  PRO   A CB  1 
ATOM   367  C CG  . PRO   A 1 47  ? -1.95062  8.11934   -11.40927 1.000 24.14560 ? 45  PRO   A CG  1 
ATOM   368  C CD  . PRO   A 1 47  ? -1.79797  9.60578   -11.22375 1.000 24.80345 ? 45  PRO   A CD  1 
ATOM   369  N N   . PHE   A 1 48  ? 0.41216   7.67958   -7.51109  1.000 20.02771 ? 46  PHE   A N   1 
ATOM   370  C CA  . PHE   A 1 48  ? 1.66241   7.50682   -6.79714  1.000 19.40390 ? 46  PHE   A CA  1 
ATOM   371  C C   . PHE   A 1 48  ? 2.48690   6.44046   -7.50493  1.000 20.44485 ? 46  PHE   A C   1 
ATOM   372  O O   . PHE   A 1 48  ? 1.93817   5.47447   -8.04275  1.000 23.41766 ? 46  PHE   A O   1 
ATOM   373  C CB  . PHE   A 1 48  ? 1.36689   7.10013   -5.35036  1.000 18.40884 ? 46  PHE   A CB  1 
ATOM   374  C CG  . PHE   A 1 48  ? 2.58264   6.74738   -4.56097  1.000 21.98721 ? 46  PHE   A CG  1 
ATOM   375  C CD1 . PHE   A 1 48  ? 3.51728   7.71830   -4.24393  1.000 21.81247 ? 46  PHE   A CD1 1 
ATOM   376  C CD2 . PHE   A 1 48  ? 2.79407   5.45468   -4.13102  1.000 19.71346 ? 46  PHE   A CD2 1 
ATOM   377  C CE1 . PHE   A 1 48  ? 4.64388   7.39805   -3.51349  1.000 23.41581 ? 46  PHE   A CE1 1 
ATOM   378  C CE2 . PHE   A 1 48  ? 3.91255   5.12409   -3.40602  1.000 20.13590 ? 46  PHE   A CE2 1 
ATOM   379  C CZ  . PHE   A 1 48  ? 4.84045   6.09672   -3.08654  1.000 21.01443 ? 46  PHE   A CZ  1 
ATOM   380  N N   . LYS   A 1 49  ? 3.79992   6.62661   -7.52045  1.000 22.44441 ? 47  LYS   A N   1 
ATOM   381  C CA  . LYS   A 1 49  ? 4.72435   5.67178   -8.11497  1.000 22.89277 ? 47  LYS   A CA  1 
ATOM   382  C C   . LYS   A 1 49  ? 5.77767   5.27596   -7.09108  1.000 22.01981 ? 47  LYS   A C   1 
ATOM   383  O O   . LYS   A 1 49  ? 6.27325   6.12408   -6.34007  1.000 24.83667 ? 47  LYS   A O   1 
ATOM   384  C CB  . LYS   A 1 49  ? 5.42792   6.25656   -9.34576  1.000 26.09521 ? 47  LYS   A CB  1 
ATOM   385  C CG  . LYS   A 1 49  ? 4.50728   6.83164   -10.39594 1.000 27.50198 ? 47  LYS   A CG  1 
ATOM   386  C CD  . LYS   A 1 49  ? 5.29401   7.18995   -11.64445 1.000 29.80110 ? 47  LYS   A CD  1 
ATOM   387  C CE  . LYS   A 1 49  ? 4.40631   7.76175   -12.73689 1.000 40.00587 ? 47  LYS   A CE  1 
ATOM   388  N NZ  . LYS   A 1 49  ? 5.23319   8.20795   -13.88755 1.000 41.06268 ? 47  LYS   A NZ  1 
ATOM   389  N N   . PHE   A 1 50  ? 6.14182   3.99636   -7.07835  1.000 23.53810 ? 48  PHE   A N   1 
ATOM   390  C CA  . PHE   A 1 50  ? 7.28076   3.54509   -6.28446  1.000 21.14590 ? 48  PHE   A CA  1 
ATOM   391  C C   . PHE   A 1 50  ? 7.87537   2.32507   -6.96831  1.000 23.16206 ? 48  PHE   A C   1 
ATOM   392  O O   . PHE   A 1 50  ? 7.15119   1.52803   -7.56740  1.000 24.83504 ? 48  PHE   A O   1 
ATOM   393  C CB  . PHE   A 1 50  ? 6.89770   3.22240   -4.83283  1.000 21.69269 ? 48  PHE   A CB  1 
ATOM   394  C CG  . PHE   A 1 50  ? 6.17719   1.91283   -4.66513  1.000 20.15482 ? 48  PHE   A CG  1 
ATOM   395  C CD1 . PHE   A 1 50  ? 4.83500   1.81744   -4.96337  1.000 21.37408 ? 48  PHE   A CD1 1 
ATOM   396  C CD2 . PHE   A 1 50  ? 6.83974   0.78912   -4.20099  1.000 23.51210 ? 48  PHE   A CD2 1 
ATOM   397  C CE1 . PHE   A 1 50  ? 4.15756   0.61796   -4.81309  1.000 22.42924 ? 48  PHE   A CE1 1 
ATOM   398  C CE2 . PHE   A 1 50  ? 6.16537   -0.41711  -4.04288  1.000 22.92899 ? 48  PHE   A CE2 1 
ATOM   399  C CZ  . PHE   A 1 50  ? 4.82490   -0.49541  -4.35174  1.000 24.43686 ? 48  PHE   A CZ  1 
ATOM   400  N N   . MET   A 1 51  ? 9.19404   2.19975   -6.90464  1.000 21.20295 ? 49  MET   A N   1 
ATOM   401  C CA  . MET   A 1 51  ? 9.88510   1.05179   -7.47260  1.000 23.66027 ? 49  MET   A CA  1 
ATOM   402  C C   . MET   A 1 51  ? 10.12733  0.01286   -6.38655  1.000 24.23395 ? 49  MET   A C   1 
ATOM   403  O O   . MET   A 1 51  ? 10.62661  0.34401   -5.30655  1.000 23.73848 ? 49  MET   A O   1 
ATOM   404  C CB  . MET   A 1 51  ? 11.21518  1.46319   -8.10081  1.000 28.43701 ? 49  MET   A CB  1 
ATOM   405  C CG  . MET   A 1 51  ? 11.99849  0.29020   -8.65906  1.000 29.49770 ? 49  MET   A CG  1 
ATOM   406  S SD  . MET   A 1 51  ? 13.58327  0.79915   -9.34205  1.000 32.70597 ? 49  MET   A SD  1 
ATOM   407  C CE  . MET   A 1 51  ? 13.05739  1.74609   -10.77480 1.000 36.09899 ? 49  MET   A CE  1 
ATOM   408  N N   . LEU   A 1 52  ? 9.77461   -1.23675  -6.67934  1.000 21.46640 ? 50  LEU   A N   1 
ATOM   409  C CA  . LEU   A 1 52  ? 10.07527  -2.35043  -5.78931  1.000 22.50938 ? 50  LEU   A CA  1 
ATOM   410  C C   . LEU   A 1 52  ? 11.57508  -2.63151  -5.75085  1.000 27.27671 ? 50  LEU   A C   1 
ATOM   411  O O   . LEU   A 1 52  ? 12.28336  -2.49299  -6.75281  1.000 27.09835 ? 50  LEU   A O   1 
ATOM   412  C CB  . LEU   A 1 52  ? 9.33365   -3.60572  -6.25138  1.000 26.06290 ? 50  LEU   A CB  1 
ATOM   413  C CG  . LEU   A 1 52  ? 7.85225   -3.71888  -5.91711  1.000 26.43915 ? 50  LEU   A CG  1 
ATOM   414  C CD1 . LEU   A 1 52  ? 7.21622   -4.78468  -6.80162  1.000 27.36334 ? 50  LEU   A CD1 1 
ATOM   415  C CD2 . LEU   A 1 52  ? 7.65724   -4.08589  -4.45357  1.000 27.00873 ? 50  LEU   A CD2 1 
ATOM   416  N N   . GLY   A 1 53  ? 12.05068  -3.04606  -4.57832  1.000 30.46578 ? 51  GLY   A N   1 
ATOM   417  C CA  . GLY   A 1 53  ? 13.43232  -3.44103  -4.39430  1.000 30.62611 ? 51  GLY   A CA  1 
ATOM   418  C C   . GLY   A 1 53  ? 14.35531  -2.34312  -3.92358  1.000 33.38899 ? 51  GLY   A C   1 
ATOM   419  O O   . GLY   A 1 53  ? 15.56620  -2.57133  -3.82141  1.000 33.41805 ? 51  GLY   A O   1 
ATOM   420  N N   . LYS   A 1 54  ? 13.82155  -1.16841  -3.61541  1.000 30.46590 ? 52  LYS   A N   1 
ATOM   421  C CA  . LYS   A 1 54  ? 14.62661  0.00877   -3.34787  1.000 31.69137 ? 52  LYS   A CA  1 
ATOM   422  C C   . LYS   A 1 54  ? 14.44518  0.54585   -1.93829  1.000 33.22617 ? 52  LYS   A C   1 
ATOM   423  O O   . LYS   A 1 54  ? 15.02038  1.59032   -1.61425  1.000 31.30204 ? 52  LYS   A O   1 
ATOM   424  C CB  . LYS   A 1 54  ? 14.28538  1.10865   -4.35734  1.000 31.51317 ? 52  LYS   A CB  1 
ATOM   425  C CG  . LYS   A 1 54  ? 14.79142  0.86772   -5.77800  1.000 30.91899 ? 52  LYS   A CG  1 
ATOM   426  C CD  . LYS   A 1 54  ? 16.16210  1.52092   -5.96915  1.000 35.09554 ? 52  LYS   A CD  1 
ATOM   427  C CE  . LYS   A 1 54  ? 16.58763  1.53244   -7.43111  1.000 41.13230 ? 52  LYS   A CE  1 
ATOM   428  N NZ  . LYS   A 1 54  ? 16.79335  0.15979   -7.97468  1.000 47.81236 ? 52  LYS   A NZ  1 
ATOM   429  N N   . GLN   A 1 55  ? 13.67121  -0.13203  -1.09295  1.000 30.89910 ? 53  GLN   A N   1 
ATOM   430  C CA  . GLN   A 1 55  ? 13.29298  0.40506   0.21194   1.000 30.42788 ? 53  GLN   A CA  1 
ATOM   431  C C   . GLN   A 1 55  ? 12.64302  1.78006   0.05854   1.000 28.77986 ? 53  GLN   A C   1 
ATOM   432  O O   . GLN   A 1 55  ? 12.94291  2.72289   0.79202   1.000 26.91456 ? 53  GLN   A O   1 
ATOM   433  C CB  . GLN   A 1 55  ? 14.49630  0.46236   1.16377   1.000 34.48923 ? 53  GLN   A CB  1 
ATOM   434  C CG  . GLN   A 1 55  ? 15.10520  -0.89725  1.50294   1.000 37.17207 ? 53  GLN   A CG  1 
ATOM   435  C CD  . GLN   A 1 55  ? 16.13343  -0.81073  2.62546   1.000 42.98046 ? 53  GLN   A CD  1 
ATOM   436  O OE1 . GLN   A 1 55  ? 17.33353  -0.98530  2.40338   1.000 41.59389 ? 53  GLN   A OE1 1 
ATOM   437  N NE2 . GLN   A 1 55  ? 15.66221  -0.54189  3.83966   1.000 44.96758 ? 53  GLN   A NE2 1 
ATOM   438  N N   . GLU   A 1 56  ? 11.74002  1.89969   -0.91598  1.000 26.13061 ? 54  GLU   A N   1 
ATOM   439  C CA  . GLU   A 1 56  ? 11.06021  3.16735   -1.14903  1.000 22.60119 ? 54  GLU   A CA  1 
ATOM   440  C C   . GLU   A 1 56  ? 9.81033   3.33982   -0.30686  1.000 23.94206 ? 54  GLU   A C   1 
ATOM   441  O O   . GLU   A 1 56  ? 9.35837   4.47608   -0.12402  1.000 20.57419 ? 54  GLU   A O   1 
ATOM   442  C CB  . GLU   A 1 56  ? 10.68454  3.31618   -2.62539  1.000 26.56655 ? 54  GLU   A CB  1 
ATOM   443  C CG  . GLU   A 1 56  ? 11.86835  3.63380   -3.49115  1.000 32.45353 ? 54  GLU   A CG  1 
ATOM   444  C CD  . GLU   A 1 56  ? 11.49171  4.08692   -4.88640  1.000 28.68005 ? 54  GLU   A CD  1 
ATOM   445  O OE1 . GLU   A 1 56  ? 10.29436  4.34505   -5.15503  1.000 31.80060 ? 54  GLU   A OE1 1 
ATOM   446  O OE2 . GLU   A 1 56  ? 12.41276  4.18242   -5.72237  1.000 37.65529 ? 54  GLU   A OE2 1 
ATOM   447  N N   . VAL   A 1 57  ? 9.23206   2.24556   0.19360   1.000 21.43865 ? 55  VAL   A N   1 
ATOM   448  C CA  . VAL   A 1 57  ? 7.96656   2.28775   0.90822   1.000 18.92821 ? 55  VAL   A CA  1 
ATOM   449  C C   . VAL   A 1 57  ? 8.05079   1.35960   2.10856   1.000 19.81545 ? 55  VAL   A C   1 
ATOM   450  O O   . VAL   A 1 57  ? 8.90048   0.47042   2.17337   1.000 20.77191 ? 55  VAL   A O   1 
ATOM   451  C CB  . VAL   A 1 57  ? 6.78312   1.86274   0.00897   1.000 17.69584 ? 55  VAL   A CB  1 
ATOM   452  C CG1 . VAL   A 1 57  ? 6.54832   2.89577   -1.10231  1.000 19.57870 ? 55  VAL   A CG1 1 
ATOM   453  C CG2 . VAL   A 1 57  ? 7.07043   0.50511   -0.58412  1.000 23.29237 ? 55  VAL   A CG2 1 
ATOM   454  N N   . ILE   A 1 58  ? 7.13059   1.56240   3.05116   1.000 18.62508 ? 56  ILE   A N   1 
ATOM   455  C CA  . ILE   A 1 58  ? 7.02368   0.70293   4.22745   1.000 20.68888 ? 56  ILE   A CA  1 
ATOM   456  C C   . ILE   A 1 58  ? 6.88633   -0.74533  3.78103   1.000 22.22362 ? 56  ILE   A C   1 
ATOM   457  O O   . ILE   A 1 58  ? 6.38971   -1.02770  2.68587   1.000 19.16966 ? 56  ILE   A O   1 
ATOM   458  C CB  . ILE   A 1 58  ? 5.83705   1.11184   5.11576   1.000 19.12317 ? 56  ILE   A CB  1 
ATOM   459  C CG1 . ILE   A 1 58  ? 4.56929   1.19257   4.25996   1.000 19.92168 ? 56  ILE   A CG1 1 
ATOM   460  C CG2 . ILE   A 1 58  ? 6.12323   2.43150   5.81389   1.000 22.43443 ? 56  ILE   A CG2 1 
ATOM   461  C CD1 . ILE   A 1 58  ? 3.29198   1.34764   5.04980   1.000 23.91833 ? 56  ILE   A CD1 1 
ATOM   462  N N   . ARG   A 1 59  ? 7.30446   -1.67106  4.64336   1.000 19.36653 ? 57  ARG   A N   1 
ATOM   463  C CA  . ARG   A 1 59  ? 7.37775   -3.07965  4.26246   1.000 19.85413 ? 57  ARG   A CA  1 
ATOM   464  C C   . ARG   A 1 59  ? 6.01865   -3.65205  3.87889   1.000 20.79457 ? 57  ARG   A C   1 
ATOM   465  O O   . ARG   A 1 59  ? 5.94996   -4.55392  3.03943   1.000 20.77271 ? 57  ARG   A O   1 
ATOM   466  C CB  . ARG   A 1 59  ? 7.97836   -3.89656  5.41268   1.000 21.90390 ? 57  ARG   A CB  1 
ATOM   467  C CG  . ARG   A 1 59  ? 8.31090   -5.33422  5.05124   1.000 24.81478 ? 57  ARG   A CG  1 
ATOM   468  C CD  . ARG   A 1 59  ? 9.10426   -5.99246  6.18416   1.000 34.77846 ? 57  ARG   A CD  1 
ATOM   469  N NE  . ARG   A 1 59  ? 9.48561   -7.36486  5.87105   1.000 37.18915 ? 57  ARG   A NE  1 
ATOM   470  C CZ  . ARG   A 1 59  ? 10.17275  -8.15613  6.68614   1.000 43.13429 ? 57  ARG   A CZ  1 
ATOM   471  N NH1 . ARG   A 1 59  ? 10.57722  -7.74132  7.87769   1.000 41.15161 ? 57  ARG   A NH1 1 
ATOM   472  N NH2 . ARG   A 1 59  ? 10.45737  -9.39648  6.29800   1.000 49.76474 ? 57  ARG   A NH2 1 
ATOM   473  N N   . GLY   A 1 60  ? 4.93596   -3.16999  4.49503   1.000 16.76830 ? 58  GLY   A N   1 
ATOM   474  C CA  . GLY   A 1 60  ? 3.62364   -3.71599  4.19269   1.000 17.99865 ? 58  GLY   A CA  1 
ATOM   475  C C   . GLY   A 1 60  ? 3.20133   -3.43914  2.76805   1.000 21.39941 ? 58  GLY   A C   1 
ATOM   476  O O   . GLY   A 1 60  ? 2.45241   -4.21892  2.17595   1.000 21.30188 ? 58  GLY   A O   1 
ATOM   477  N N   . TRP   A 1 61  ? 3.67334   -2.33115  2.20492   1.000 21.82914 ? 59  TRP   A N   1 
ATOM   478  C CA  . TRP   A 1 61  ? 3.45368   -2.03433  0.79504   1.000 20.65668 ? 59  TRP   A CA  1 
ATOM   479  C C   . TRP   A 1 61  ? 4.35275   -2.88457  -0.09295  1.000 20.89156 ? 59  TRP   A C   1 
ATOM   480  O O   . TRP   A 1 61  ? 3.90191   -3.43802  -1.10017  1.000 22.84117 ? 59  TRP   A O   1 
ATOM   481  C CB  . TRP   A 1 61  ? 3.71446   -0.54938  0.54499   1.000 22.76355 ? 59  TRP   A CB  1 
ATOM   482  C CG  . TRP   A 1 61  ? 2.48774   0.28105   0.61255   1.000 21.43414 ? 59  TRP   A CG  1 
ATOM   483  C CD1 . TRP   A 1 61  ? 1.65895   0.43762   1.68692   1.000 22.66094 ? 59  TRP   A CD1 1 
ATOM   484  C CD2 . TRP   A 1 61  ? 1.94680   1.08425   -0.43717  1.000 20.67698 ? 59  TRP   A CD2 1 
ATOM   485  N NE1 . TRP   A 1 61  ? 0.61971   1.28266   1.35942   1.000 19.20925 ? 59  TRP   A NE1 1 
ATOM   486  C CE2 . TRP   A 1 61  ? 0.77864   1.69581   0.06263   1.000 21.16818 ? 59  TRP   A CE2 1 
ATOM   487  C CE3 . TRP   A 1 61  ? 2.33949   1.35086   -1.75085  1.000 19.31278 ? 59  TRP   A CE3 1 
ATOM   488  C CZ2 . TRP   A 1 61  ? 0.00332   2.55716   -0.70105  1.000 22.30785 ? 59  TRP   A CZ2 1 
ATOM   489  C CZ3 . TRP   A 1 61  ? 1.55977   2.20401   -2.51859  1.000 18.28089 ? 59  TRP   A CZ3 1 
ATOM   490  C CH2 . TRP   A 1 61  ? 0.41174   2.80393   -1.98697  1.000 19.24379 ? 59  TRP   A CH2 1 
ATOM   491  N N   . GLU   A 1 62  ? 5.63571   -2.98095  0.26691   1.000 20.05083 ? 60  GLU   A N   1 
ATOM   492  C CA  . GLU   A 1 62  ? 6.59269   -3.75452  -0.51841  1.000 20.57096 ? 60  GLU   A CA  1 
ATOM   493  C C   . GLU   A 1 62  ? 6.12353   -5.19114  -0.70755  1.000 25.26088 ? 60  GLU   A C   1 
ATOM   494  O O   . GLU   A 1 62  ? 6.18812   -5.73850  -1.81417  1.000 27.41099 ? 60  GLU   A O   1 
ATOM   495  C CB  . GLU   A 1 62  ? 7.95964   -3.72574  0.16309   1.000 22.78579 ? 60  GLU   A CB  1 
ATOM   496  C CG  . GLU   A 1 62  ? 9.06645   -4.36022  -0.65274  1.000 27.54203 ? 60  GLU   A CG  1 
ATOM   497  C CD  . GLU   A 1 62  ? 9.70237   -3.38286  -1.62001  1.000 26.89178 ? 60  GLU   A CD  1 
ATOM   498  O OE1 . GLU   A 1 62  ? 9.32311   -2.19242  -1.59403  1.000 28.28316 ? 60  GLU   A OE1 1 
ATOM   499  O OE2 . GLU   A 1 62  ? 10.58171  -3.80731  -2.39911  1.000 25.58964 ? 60  GLU   A OE2 1 
ATOM   500  N N   . GLU   A 1 63  ? 5.66244   -5.82695  0.36874   1.000 20.78194 ? 61  GLU   A N   1 
ATOM   501  C CA  . GLU   A 1 63  ? 5.16054   -7.18791  0.22625   1.000 21.22411 ? 61  GLU   A CA  1 
ATOM   502  C C   . GLU   A 1 63  ? 3.70170   -7.21230  -0.21760  1.000 26.86220 ? 61  GLU   A C   1 
ATOM   503  O O   . GLU   A 1 63  ? 3.30947   -8.07804  -1.00764  1.000 28.87921 ? 61  GLU   A O   1 
ATOM   504  C CB  . GLU   A 1 63  ? 5.34373   -7.94087  1.53321   1.000 22.07579 ? 61  GLU   A CB  1 
ATOM   505  C CG  . GLU   A 1 63  ? 6.79730   -7.99064  1.97541   1.000 25.26142 ? 61  GLU   A CG  1 
ATOM   506  C CD  . GLU   A 1 63  ? 7.04806   -9.06527  3.01501   1.000 33.36609 ? 61  GLU   A CD  1 
ATOM   507  O OE1 . GLU   A 1 63  ? 6.18867   -9.95781  3.16313   1.000 38.63283 ? 61  GLU   A OE1 1 
ATOM   508  O OE2 . GLU   A 1 63  ? 8.10547   -9.01506  3.68480   1.000 42.91492 ? 61  GLU   A OE2 1 
ATOM   509  N N   . GLY   A 1 64  ? 2.89205   -6.26607  0.26115   1.000 26.53172 ? 62  GLY   A N   1 
ATOM   510  C CA  . GLY   A 1 64  ? 1.47300   -6.28872  -0.06165  1.000 21.36144 ? 62  GLY   A CA  1 
ATOM   511  C C   . GLY   A 1 64  ? 1.18846   -6.02688  -1.52981  1.000 23.54602 ? 62  GLY   A C   1 
ATOM   512  O O   . GLY   A 1 64  ? 0.41433   -6.75216  -2.16474  1.000 25.13724 ? 62  GLY   A O   1 
ATOM   513  N N   . VAL   A 1 65  ? 1.80453   -4.98624  -2.09368  1.000 20.06492 ? 63  VAL   A N   1 
ATOM   514  C CA  . VAL   A 1 65  ? 1.50298   -4.64108  -3.48346  1.000 18.87532 ? 63  VAL   A CA  1 
ATOM   515  C C   . VAL   A 1 65  ? 2.07895   -5.68563  -4.43529  1.000 22.04785 ? 63  VAL   A C   1 
ATOM   516  O O   . VAL   A 1 65  ? 1.52841   -5.92181  -5.51919  1.000 23.48675 ? 63  VAL   A O   1 
ATOM   517  C CB  . VAL   A 1 65  ? 2.01175   -3.21803  -3.79375  1.000 21.77712 ? 63  VAL   A CB  1 
ATOM   518  C CG1 . VAL   A 1 65  ? 1.92919   -2.91619  -5.27902  1.000 22.26988 ? 63  VAL   A CG1 1 
ATOM   519  C CG2 . VAL   A 1 65  ? 1.18919   -2.20136  -3.02450  1.000 22.62099 ? 63  VAL   A CG2 1 
ATOM   520  N N   . ALA   A 1 66  ? 3.15947   -6.36424  -4.03664  1.000 22.75092 ? 64  ALA   A N   1 
ATOM   521  C CA  . ALA   A 1 66  ? 3.70843   -7.42132  -4.87682  1.000 23.31403 ? 64  ALA   A CA  1 
ATOM   522  C C   . ALA   A 1 66  ? 2.76529   -8.61532  -5.00171  1.000 21.04902 ? 64  ALA   A C   1 
ATOM   523  O O   . ALA   A 1 66  ? 2.94055   -9.42671  -5.91568  1.000 24.23723 ? 64  ALA   A O   1 
ATOM   524  C CB  . ALA   A 1 66  ? 5.06143   -7.87984  -4.33563  1.000 25.23270 ? 64  ALA   A CB  1 
ATOM   525  N N   . GLN   A 1 67  ? 1.78424   -8.74771  -4.10681  1.000 21.60329 ? 65  GLN   A N   1 
ATOM   526  C CA  . GLN   A 1 67  ? 0.78109   -9.80954  -4.20688  1.000 21.37492 ? 65  GLN   A CA  1 
ATOM   527  C C   . GLN   A 1 67  ? -0.33303  -9.46700  -5.18190  1.000 23.45461 ? 65  GLN   A C   1 
ATOM   528  O O   . GLN   A 1 67  ? -1.21652  -10.30340 -5.41757  1.000 22.39882 ? 65  GLN   A O   1 
ATOM   529  C CB  . GLN   A 1 67  ? 0.15594   -10.09810 -2.84391  1.000 25.70854 ? 65  GLN   A CB  1 
ATOM   530  C CG  . GLN   A 1 67  ? 1.11241   -10.61209 -1.79798  1.000 26.20481 ? 65  GLN   A CG  1 
ATOM   531  C CD  . GLN   A 1 67  ? 0.42409   -10.86887 -0.46852  1.000 28.47247 ? 65  GLN   A CD  1 
ATOM   532  O OE1 . GLN   A 1 67  ? -0.73751  -11.26839 -0.42617  1.000 32.74084 ? 65  GLN   A OE1 1 
ATOM   533  N NE2 . GLN   A 1 67  ? 1.13306   -10.62303 0.62120   1.000 31.50352 ? 65  GLN   A NE2 1 
ATOM   534  N N   . MET   A 1 68  ? -0.32413  -8.26349  -5.73312  1.000 23.21777 ? 66  MET   A N   1 
ATOM   535  C CA  . MET   A 1 68  ? -1.40652  -7.78904  -6.57820  1.000 22.43135 ? 66  MET   A CA  1 
ATOM   536  C C   . MET   A 1 68  ? -1.02209  -7.89675  -8.04758  1.000 25.26235 ? 66  MET   A C   1 
ATOM   537  O O   . MET   A 1 68  ? 0.14295   -7.74443  -8.41625  1.000 28.39059 ? 66  MET   A O   1 
ATOM   538  C CB  . MET   A 1 68  ? -1.75736  -6.33694  -6.24185  1.000 23.27876 ? 66  MET   A CB  1 
ATOM   539  C CG  . MET   A 1 68  ? -2.17868  -6.10170  -4.80347  1.000 24.24522 ? 66  MET   A CG  1 
ATOM   540  S SD  . MET   A 1 68  ? -2.46720  -4.35636  -4.42517  1.000 21.15564 ? 66  MET   A SD  1 
ATOM   541  C CE  . MET   A 1 68  ? -3.82883  -4.04026  -5.54998  1.000 18.99644 ? 66  MET   A CE  1 
ATOM   542  N N   . SER   A 1 69  ? -2.01398  -8.16013  -8.88680  1.000 21.01186 ? 67  SER   A N   1 
ATOM   543  C CA  . SER   A 1 69  ? -1.82257  -8.14002  -10.32787 1.000 22.63062 ? 67  SER   A CA  1 
ATOM   544  C C   . SER   A 1 69  ? -2.37984  -6.84189  -10.89344 1.000 22.48835 ? 67  SER   A C   1 
ATOM   545  O O   . SER   A 1 69  ? -3.20301  -6.17405  -10.26313 1.000 22.51561 ? 67  SER   A O   1 
ATOM   546  C CB  . SER   A 1 69  ? -2.48906  -9.34965  -10.99089 1.000 24.30104 ? 67  SER   A CB  1 
ATOM   547  O OG  . SER   A 1 69  ? -3.88698  -9.34114  -10.77773 1.000 25.11166 ? 67  SER   A OG  1 
ATOM   548  N N   . VAL   A 1 70  ? -1.90566  -6.48182  -12.09367 1.000 24.36824 ? 68  VAL   A N   1 
ATOM   549  C CA  . VAL   A 1 70  ? -2.27114  -5.20471  -12.69943 1.000 24.82197 ? 68  VAL   A CA  1 
ATOM   550  C C   . VAL   A 1 70  ? -3.77747  -5.12245  -12.89518 1.000 26.16108 ? 68  VAL   A C   1 
ATOM   551  O O   . VAL   A 1 70  ? -4.40456  -6.02751  -13.46228 1.000 22.78612 ? 68  VAL   A O   1 
ATOM   552  C CB  . VAL   A 1 70  ? -1.52853  -5.00316  -14.02931 1.000 27.80036 ? 68  VAL   A CB  1 
ATOM   553  C CG1 . VAL   A 1 70  ? -2.03019  -3.74934  -14.72651 1.000 26.54102 ? 68  VAL   A CG1 1 
ATOM   554  C CG2 . VAL   A 1 70  ? -0.02365  -4.91114  -13.78945 1.000 26.83552 ? 68  VAL   A CG2 1 
ATOM   555  N N   . GLY   A 1 71  ? -4.36470  -4.02321  -12.42829 1.000 22.94215 ? 69  GLY   A N   1 
ATOM   556  C CA  . GLY   A 1 71  ? -5.78988  -3.81124  -12.45626 1.000 24.58148 ? 69  GLY   A CA  1 
ATOM   557  C C   . GLY   A 1 71  ? -6.48117  -4.07024  -11.13723 1.000 22.84262 ? 69  GLY   A C   1 
ATOM   558  O O   . GLY   A 1 71  ? -7.60808  -3.59999  -10.93814 1.000 25.99140 ? 69  GLY   A O   1 
ATOM   559  N N   . GLN   A 1 72  ? -5.82805  -4.78736  -10.22631 1.000 19.91613 ? 70  GLN   A N   1 
ATOM   560  C CA  . GLN   A 1 72  ? -6.47878  -5.21138  -9.00065  1.000 23.24828 ? 70  GLN   A CA  1 
ATOM   561  C C   . GLN   A 1 72  ? -6.65708  -4.03599  -8.05246  1.000 24.03251 ? 70  GLN   A C   1 
ATOM   562  O O   . GLN   A 1 72  ? -5.79275  -3.15863  -7.94476  1.000 22.60499 ? 70  GLN   A O   1 
ATOM   563  C CB  . GLN   A 1 72  ? -5.65642  -6.31750  -8.34328  1.000 20.75684 ? 70  GLN   A CB  1 
ATOM   564  C CG  . GLN   A 1 72  ? -6.22759  -6.93930  -7.08748  1.000 20.68353 ? 70  GLN   A CG  1 
ATOM   565  C CD  . GLN   A 1 72  ? -5.37161  -8.09536  -6.63625  1.000 21.27362 ? 70  GLN   A CD  1 
ATOM   566  O OE1 . GLN   A 1 72  ? -4.38995  -8.43569  -7.29228  1.000 23.08529 ? 70  GLN   A OE1 1 
ATOM   567  N NE2 . GLN   A 1 72  ? -5.73982  -8.71631  -5.52940  1.000 22.18279 ? 70  GLN   A NE2 1 
ATOM   568  N N   . ARG   A 1 73  ? -7.79248  -4.02159  -7.36564  1.000 22.80281 ? 71  ARG   A N   1 
ATOM   569  C CA  . ARG   A 1 73  ? -8.01275  -3.12518  -6.24432  1.000 24.06598 ? 71  ARG   A CA  1 
ATOM   570  C C   . ARG   A 1 73  ? -8.08729  -3.96376  -4.97507  1.000 25.28999 ? 71  ARG   A C   1 
ATOM   571  O O   . ARG   A 1 73  ? -8.78870  -4.98187  -4.93331  1.000 22.16738 ? 71  ARG   A O   1 
ATOM   572  C CB  . ARG   A 1 73  ? -9.28122  -2.29635  -6.43643  1.000 27.57309 ? 71  ARG   A CB  1 
ATOM   573  C CG  . ARG   A 1 73  ? -9.33316  -1.08542  -5.52671  1.000 30.91621 ? 71  ARG   A CG  1 
ATOM   574  C CD  . ARG   A 1 73  ? -10.36971 -0.09030  -5.98825  1.000 27.91955 ? 71  ARG   A CD  1 
ATOM   575  N NE  . ARG   A 1 73  ? -10.50818 1.01559   -5.04869  1.000 29.49082 ? 71  ARG   A NE  1 
ATOM   576  C CZ  . ARG   A 1 73  ? -11.10212 2.16654   -5.33336  1.000 30.35862 ? 71  ARG   A CZ  1 
ATOM   577  N NH1 . ARG   A 1 73  ? -11.61285 2.40413   -6.53424  1.000 30.45476 ? 71  ARG   A NH1 1 
ATOM   578  N NH2 . ARG   A 1 73  ? -11.18105 3.10498   -4.39457  1.000 32.01283 ? 71  ARG   A NH2 1 
ATOM   579  N N   . ALA   A 1 74  ? -7.34200  -3.56120  -3.95287  1.000 18.90743 ? 72  ALA   A N   1 
ATOM   580  C CA  . ALA   A 1 74  ? -7.25045  -4.39528  -2.76425  1.000 18.13981 ? 72  ALA   A CA  1 
ATOM   581  C C   . ALA   A 1 74  ? -7.15108  -3.51883  -1.52918  1.000 22.25499 ? 72  ALA   A C   1 
ATOM   582  O O   . ALA   A 1 74  ? -6.75505  -2.35138  -1.59108  1.000 20.72103 ? 72  ALA   A O   1 
ATOM   583  C CB  . ALA   A 1 74  ? -6.05495  -5.34816  -2.84723  1.000 22.09886 ? 72  ALA   A CB  1 
ATOM   584  N N   . LYS   A 1 75  ? -7.51883  -4.10316  -0.40087  1.000 19.92005 ? 73  LYS   A N   1 
ATOM   585  C CA  . LYS   A 1 75  ? -7.41438  -3.46751  0.90134   1.000 23.07934 ? 73  LYS   A CA  1 
ATOM   586  C C   . LYS   A 1 75  ? -6.23814  -4.10541  1.62331   1.000 19.70022 ? 73  LYS   A C   1 
ATOM   587  O O   . LYS   A 1 75  ? -6.20529  -5.32459  1.81125   1.000 21.73514 ? 73  LYS   A O   1 
ATOM   588  C CB  . LYS   A 1 75  ? -8.71668  -3.64240  1.68456   1.000 28.54398 ? 73  LYS   A CB  1 
ATOM   589  C CG  . LYS   A 1 75  ? -8.71774  -3.06495  3.08142   1.000 30.33181 ? 73  LYS   A CG  1 
ATOM   590  C CD  . LYS   A 1 75  ? -10.01776 -3.44008  3.78751   1.000 35.41050 ? 73  LYS   A CD  1 
ATOM   591  C CE  . LYS   A 1 75  ? -9.99142  -3.06893  5.26022   1.000 42.06538 ? 73  LYS   A CE  1 
ATOM   592  N NZ  . LYS   A 1 75  ? -11.18292 -3.61116  5.97306   1.000 44.61433 ? 73  LYS   A NZ  1 
ATOM   593  N N   . LEU   A 1 76  ? -5.25352  -3.29089  1.99351   1.000 22.43363 ? 74  LEU   A N   1 
ATOM   594  C CA  . LEU   A 1 76  ? -4.05936  -3.77728  2.67221   1.000 24.73334 ? 74  LEU   A CA  1 
ATOM   595  C C   . LEU   A 1 76  ? -4.13877  -3.37553  4.13625   1.000 21.41415 ? 74  LEU   A C   1 
ATOM   596  O O   . LEU   A 1 76  ? -4.20770  -2.18294  4.44891   1.000 22.57963 ? 74  LEU   A O   1 
ATOM   597  C CB  . LEU   A 1 76  ? -2.79478  -3.21353  2.01664   1.000 25.53891 ? 74  LEU   A CB  1 
ATOM   598  C CG  . LEU   A 1 76  ? -2.22155  -3.95887  0.80441   1.000 23.05250 ? 74  LEU   A CG  1 
ATOM   599  C CD1 . LEU   A 1 76  ? -3.26367  -4.23994  -0.26265  1.000 29.94446 ? 74  LEU   A CD1 1 
ATOM   600  C CD2 . LEU   A 1 76  ? -1.05945  -3.16743  0.21697   1.000 26.37831 ? 74  LEU   A CD2 1 
ATOM   601  N N   . THR   A 1 77  ? -4.14535  -4.36657  5.02967   1.000 20.44351 ? 75  THR   A N   1 
ATOM   602  C CA  . THR   A 1 77  ? -4.11720  -4.11922  6.46169   1.000 20.90755 ? 75  THR   A CA  1 
ATOM   603  C C   . THR   A 1 77  ? -2.71489  -4.43882  6.94744   1.000 21.90157 ? 75  THR   A C   1 
ATOM   604  O O   . THR   A 1 77  ? -2.24793  -5.57496  6.81085   1.000 21.71807 ? 75  THR   A O   1 
ATOM   605  C CB  . THR   A 1 77  ? -5.16293  -4.95493  7.19620   1.000 26.90724 ? 75  THR   A CB  1 
ATOM   606  O OG1 . THR   A 1 77  ? -6.45457  -4.64899  6.66729   1.000 27.12020 ? 75  THR   A OG1 1 
ATOM   607  C CG2 . THR   A 1 77  ? -5.15712  -4.61999  8.67698   1.000 23.14604 ? 75  THR   A CG2 1 
ATOM   608  N N   . ILE   A 1 78  ? -2.04350  -3.43461  7.49634   1.000 20.17310 ? 76  ILE   A N   1 
ATOM   609  C CA  . ILE   A 1 78  ? -0.61759  -3.49370  7.75994   1.000 16.79145 ? 76  ILE   A CA  1 
ATOM   610  C C   . ILE   A 1 78  ? -0.40958  -3.25994  9.24995   1.000 21.62698 ? 76  ILE   A C   1 
ATOM   611  O O   . ILE   A 1 78  ? -0.84755  -2.23760  9.79069   1.000 21.05288 ? 76  ILE   A O   1 
ATOM   612  C CB  . ILE   A 1 78  ? 0.14822   -2.45962  6.91726   1.000 20.40853 ? 76  ILE   A CB  1 
ATOM   613  C CG1 . ILE   A 1 78  ? -0.20318  -2.63036  5.43101   1.000 20.16779 ? 76  ILE   A CG1 1 
ATOM   614  C CG2 . ILE   A 1 78  ? 1.64625   -2.58157  7.15529   1.000 21.81954 ? 76  ILE   A CG2 1 
ATOM   615  C CD1 . ILE   A 1 78  ? 0.29904   -1.46932  4.53813   1.000 20.02644 ? 76  ILE   A CD1 1 
ATOM   616  N N   . SER   A 1 79  ? 0.21111   -4.22795  9.91748   1.000 21.33905 ? 77  SER   A N   1 
ATOM   617  C CA  . SER   A 1 79  ? 0.56922   -4.06647  11.31752  1.000 19.05640 ? 77  SER   A CA  1 
ATOM   618  C C   . SER   A 1 79  ? 1.64597   -2.99059  11.46179  1.000 21.12133 ? 77  SER   A C   1 
ATOM   619  O O   . SER   A 1 79  ? 2.39432   -2.72674  10.52362  1.000 21.93874 ? 77  SER   A O   1 
ATOM   620  C CB  . SER   A 1 79  ? 1.08784   -5.37998  11.88469  1.000 27.87978 ? 77  SER   A CB  1 
ATOM   621  O OG  . SER   A 1 79  ? 2.33548   -5.71349  11.29970  1.000 28.68829 ? 77  SER   A OG  1 
ATOM   622  N N   . PRO   A 1 80  ? 1.76372   -2.37582  12.64243  1.000 20.67198 ? 78  PRO   A N   1 
ATOM   623  C CA  . PRO   A 1 80  ? 2.85586   -1.40192  12.83461  1.000 20.46452 ? 78  PRO   A CA  1 
ATOM   624  C C   . PRO   A 1 80  ? 4.22378   -2.00333  12.57207  1.000 21.34381 ? 78  PRO   A C   1 
ATOM   625  O O   . PRO   A 1 80  ? 5.13526   -1.29069  12.12596  1.000 22.14017 ? 78  PRO   A O   1 
ATOM   626  C CB  . PRO   A 1 80  ? 2.68727   -0.96983  14.29863  1.000 24.79348 ? 78  PRO   A CB  1 
ATOM   627  C CG  . PRO   A 1 80  ? 1.87808   -2.06642  14.94545  1.000 20.37424 ? 78  PRO   A CG  1 
ATOM   628  C CD  . PRO   A 1 80  ? 0.96893   -2.56935  13.86839  1.000 21.26502 ? 78  PRO   A CD  1 
ATOM   629  N N   . ASP   A 1 81  ? 4.38273   -3.30581  12.82613  1.000 22.04194 ? 79  ASP   A N   1 
ATOM   630  C CA  . ASP   A 1 81  ? 5.61872   -4.00631  12.49180  1.000 21.91867 ? 79  ASP   A CA  1 
ATOM   631  C C   . ASP   A 1 81  ? 6.00717   -3.78308  11.03993  1.000 25.41436 ? 79  ASP   A C   1 
ATOM   632  O O   . ASP   A 1 81  ? 7.18079   -3.56537  10.72549  1.000 21.52854 ? 79  ASP   A O   1 
ATOM   633  C CB  . ASP   A 1 81  ? 5.46401   -5.50415  12.76908  1.000 24.26547 ? 79  ASP   A CB  1 
ATOM   634  C CG  . ASP   A 1 81  ? 5.18486   -5.80438  14.22829  1.000 30.17607 ? 79  ASP   A CG  1 
ATOM   635  O OD1 . ASP   A 1 81  ? 4.16066   -5.32176  14.75808  1.000 28.57723 ? 79  ASP   A OD1 1 
ATOM   636  O OD2 . ASP   A 1 81  ? 5.99255   -6.52535  14.84650  1.000 39.04412 ? 79  ASP   A OD2 1 
ATOM   637  N N   . TYR   A 1 82  ? 5.03259   -3.83148  10.13815  1.000 23.84288 ? 80  TYR   A N   1 
ATOM   638  C CA  . TYR   A 1 82  ? 5.28414   -3.66417  8.71714   1.000 24.37621 ? 80  TYR   A CA  1 
ATOM   639  C C   . TYR   A 1 82  ? 5.02682   -2.23915  8.24155   1.000 23.88028 ? 80  TYR   A C   1 
ATOM   640  O O   . TYR   A 1 82  ? 5.00023   -1.99034  7.02996   1.000 19.98636 ? 80  TYR   A O   1 
ATOM   641  C CB  . TYR   A 1 82  ? 4.43650   -4.66361  7.92394   1.000 21.86242 ? 80  TYR   A CB  1 
ATOM   642  C CG  . TYR   A 1 82  ? 5.13255   -5.98359  7.67221   1.000 25.93254 ? 80  TYR   A CG  1 
ATOM   643  C CD1 . TYR   A 1 82  ? 6.13867   -6.43363  8.51885   1.000 28.68615 ? 80  TYR   A CD1 1 
ATOM   644  C CD2 . TYR   A 1 82  ? 4.78686   -6.77804  6.58437   1.000 25.51899 ? 80  TYR   A CD2 1 
ATOM   645  C CE1 . TYR   A 1 82  ? 6.78852   -7.62415  8.28472   1.000 27.50372 ? 80  TYR   A CE1 1 
ATOM   646  C CE2 . TYR   A 1 82  ? 5.43135   -7.98064  6.34229   1.000 26.33380 ? 80  TYR   A CE2 1 
ATOM   647  C CZ  . TYR   A 1 82  ? 6.43544   -8.39483  7.20173   1.000 30.80807 ? 80  TYR   A CZ  1 
ATOM   648  O OH  . TYR   A 1 82  ? 7.08496   -9.58516  6.97700   1.000 38.60715 ? 80  TYR   A OH  1 
ATOM   649  N N   . ALA   A 1 83  ? 4.86418   -1.29090  9.16477   1.000 23.89411 ? 81  ALA   A N   1 
ATOM   650  C CA  . ALA   A 1 83  ? 4.64314   0.09723   8.77885   1.000 21.59294 ? 81  ALA   A CA  1 
ATOM   651  C C   . ALA   A 1 83  ? 5.62236   0.99906   9.51393   1.000 22.52014 ? 81  ALA   A C   1 
ATOM   652  O O   . ALA   A 1 83  ? 6.83280   0.92712   9.27729   1.000 23.13869 ? 81  ALA   A O   1 
ATOM   653  C CB  . ALA   A 1 83  ? 3.19811   0.51909   9.06426   1.000 21.25585 ? 81  ALA   A CB  1 
ATOM   654  N N   . TYR   A 1 84  ? 5.11689   1.82284   10.42860  1.000 21.65480 ? 82  TYR   A N   1 
ATOM   655  C CA  . TYR   A 1 84  ? 5.94124   2.81530   11.10878  1.000 22.19817 ? 82  TYR   A CA  1 
ATOM   656  C C   . TYR   A 1 84  ? 6.33616   2.42783   12.52748  1.000 26.03097 ? 82  TYR   A C   1 
ATOM   657  O O   . TYR   A 1 84  ? 6.97450   3.23600   13.21139  1.000 24.06951 ? 82  TYR   A O   1 
ATOM   658  C CB  . TYR   A 1 84  ? 5.21997   4.15996   11.11365  1.000 25.01145 ? 82  TYR   A CB  1 
ATOM   659  C CG  . TYR   A 1 84  ? 5.02288   4.66052   9.70403   1.000 23.06793 ? 82  TYR   A CG  1 
ATOM   660  C CD1 . TYR   A 1 84  ? 6.07020   5.25766   9.01542   1.000 27.39827 ? 82  TYR   A CD1 1 
ATOM   661  C CD2 . TYR   A 1 84  ? 3.81091   4.49955   9.04727   1.000 22.79918 ? 82  TYR   A CD2 1 
ATOM   662  C CE1 . TYR   A 1 84  ? 5.91190   5.70489   7.71716   1.000 24.59946 ? 82  TYR   A CE1 1 
ATOM   663  C CE2 . TYR   A 1 84  ? 3.64232   4.94339   7.74221   1.000 24.26335 ? 82  TYR   A CE2 1 
ATOM   664  C CZ  . TYR   A 1 84  ? 4.69692   5.54403   7.08528   1.000 26.54586 ? 82  TYR   A CZ  1 
ATOM   665  O OH  . TYR   A 1 84  ? 4.55677   5.99569   5.79263   1.000 25.68719 ? 82  TYR   A OH  1 
ATOM   666  N N   . GLY   A 1 85  ? 5.98012   1.22855   12.98574  1.000 24.06323 ? 83  GLY   A N   1 
ATOM   667  C CA  . GLY   A 1 85  ? 6.53711   0.71434   14.22910  1.000 23.82363 ? 83  GLY   A CA  1 
ATOM   668  C C   . GLY   A 1 85  ? 6.30199   1.62212   15.42211  1.000 28.86363 ? 83  GLY   A C   1 
ATOM   669  O O   . GLY   A 1 85  ? 5.28292   2.31200   15.53925  1.000 28.50528 ? 83  GLY   A O   1 
ATOM   670  N N   . ALA   A 1 86  ? 7.27791   1.61861   16.33372  1.000 28.61408 ? 84  ALA   A N   1 
ATOM   671  C CA  . ALA   A 1 86  ? 7.15291   2.39418   17.55929  1.000 32.66731 ? 84  ALA   A CA  1 
ATOM   672  C C   . ALA   A 1 86  ? 7.30506   3.89118   17.32830  1.000 33.28876 ? 84  ALA   A C   1 
ATOM   673  O O   . ALA   A 1 86  ? 6.89783   4.67475   18.18841  1.000 37.53883 ? 84  ALA   A O   1 
ATOM   674  C CB  . ALA   A 1 86  ? 8.18293   1.92169   18.58983  1.000 27.67967 ? 84  ALA   A CB  1 
ATOM   675  N N   . THR   A 1 87  ? 7.84931   4.31200   16.18418  1.000 33.96492 ? 85  THR   A N   1 
ATOM   676  C CA  . THR   A 1 87  ? 8.14503   5.72354   15.97529  1.000 34.25230 ? 85  THR   A CA  1 
ATOM   677  C C   . THR   A 1 87  ? 6.99853   6.48538   15.32586  1.000 37.45659 ? 85  THR   A C   1 
ATOM   678  O O   . THR   A 1 87  ? 6.82643   7.67918   15.59742  1.000 36.31190 ? 85  THR   A O   1 
ATOM   679  C CB  . THR   A 1 87  ? 9.40173   5.87780   15.11350  1.000 38.63875 ? 85  THR   A CB  1 
ATOM   680  O OG1 . THR   A 1 87  ? 9.19129   5.24511   13.84583  1.000 36.17793 ? 85  THR   A OG1 1 
ATOM   681  C CG2 . THR   A 1 87  ? 10.59669  5.23556   15.79574  1.000 38.59522 ? 85  THR   A CG2 1 
ATOM   682  N N   . GLY   A 1 88  ? 6.20695   5.82666   14.48380  1.000 32.36649 ? 86  GLY   A N   1 
ATOM   683  C CA  . GLY   A 1 88  ? 5.20019   6.52628   13.71932  1.000 32.90661 ? 86  GLY   A CA  1 
ATOM   684  C C   . GLY   A 1 88  ? 5.82664   7.32386   12.58203  1.000 32.32580 ? 86  GLY   A C   1 
ATOM   685  O O   . GLY   A 1 88  ? 7.01051   7.20943   12.26260  1.000 33.52119 ? 86  GLY   A O   1 
ATOM   686  N N   . HIS   A 1 89  ? 4.98733   8.12878   11.95516  1.000 34.07560 ? 87  HIS   A N   1 
ATOM   687  C CA  . HIS   A 1 89  ? 5.43812   9.02964   10.90645  1.000 34.74173 ? 87  HIS   A CA  1 
ATOM   688  C C   . HIS   A 1 89  ? 5.25790   10.45385  11.39127  1.000 35.90088 ? 87  HIS   A C   1 
ATOM   689  O O   . HIS   A 1 89  ? 4.15223   10.80888  11.82290  1.000 40.01425 ? 87  HIS   A O   1 
ATOM   690  C CB  . HIS   A 1 89  ? 4.64797   8.80401   9.61133   1.000 35.25838 ? 87  HIS   A CB  1 
ATOM   691  C CG  . HIS   A 1 89  ? 5.30025   9.38075   8.38797   1.000 34.05230 ? 87  HIS   A CG  1 
ATOM   692  N ND1 . HIS   A 1 89  ? 6.57605   9.04045   7.99068   1.000 35.19895 ? 87  HIS   A ND1 1 
ATOM   693  C CD2 . HIS   A 1 89  ? 4.84327   10.26100  7.46663   1.000 34.43730 ? 87  HIS   A CD2 1 
ATOM   694  C CE1 . HIS   A 1 89  ? 6.87865   9.69016   6.88128   1.000 36.59825 ? 87  HIS   A CE1 1 
ATOM   695  N NE2 . HIS   A 1 89  ? 5.84361   10.43782  6.54155   1.000 39.28845 ? 87  HIS   A NE2 1 
ATOM   696  N N   . PRO   A 1 90  ? 6.31868   11.28488  11.36161  1.000 44.35807 ? 88  PRO   A N   1 
ATOM   697  C CA  . PRO   A 1 90  ? 6.26316   12.60458  12.00995  1.000 44.20993 ? 88  PRO   A CA  1 
ATOM   698  C C   . PRO   A 1 90  ? 5.01670   13.41442  11.69155  1.000 45.16197 ? 88  PRO   A C   1 
ATOM   699  O O   . PRO   A 1 90  ? 4.74768   13.74583  10.53250  1.000 46.68373 ? 88  PRO   A O   1 
ATOM   700  C CB  . PRO   A 1 90  ? 7.52631   13.29475  11.48219  1.000 48.59967 ? 88  PRO   A CB  1 
ATOM   701  C CG  . PRO   A 1 90  ? 8.48876   12.16927  11.28821  1.000 47.76554 ? 88  PRO   A CG  1 
ATOM   702  C CD  . PRO   A 1 90  ? 7.65288   11.00421  10.79945  1.000 39.93597 ? 88  PRO   A CD  1 
ATOM   703  N N   . GLY   A 1 91  ? 4.23890   13.70933  12.73178  1.000 48.45519 ? 89  GLY   A N   1 
ATOM   704  C CA  . GLY   A 1 91  ? 3.07178   14.55482  12.59765  1.000 45.84360 ? 89  GLY   A CA  1 
ATOM   705  C C   . GLY   A 1 91  ? 1.94764   13.97427  11.77973  1.000 43.15739 ? 89  GLY   A C   1 
ATOM   706  O O   . GLY   A 1 91  ? 1.11247   14.72977  11.27918  1.000 47.54050 ? 89  GLY   A O   1 
ATOM   707  N N   . ILE   A 1 92  ? 1.89637   12.65077  11.61992  1.000 46.34721 ? 90  ILE   A N   1 
ATOM   708  C CA  . ILE   A 1 92  ? 0.86834   12.02668  10.79230  1.000 45.18665 ? 90  ILE   A CA  1 
ATOM   709  C C   . ILE   A 1 92  ? 0.32889   10.76717  11.45884  1.000 42.56216 ? 90  ILE   A C   1 
ATOM   710  O O   . ILE   A 1 92  ? -0.88151  10.63295  11.67562  1.000 42.03322 ? 90  ILE   A O   1 
ATOM   711  C CB  . ILE   A 1 92  ? 1.40637   11.70043  9.38404   1.000 44.71430 ? 90  ILE   A CB  1 
ATOM   712  C CG1 . ILE   A 1 92  ? 1.92287   12.96582  8.68634   1.000 43.57397 ? 90  ILE   A CG1 1 
ATOM   713  C CG2 . ILE   A 1 92  ? 0.32836   11.04235  8.54403   1.000 40.35894 ? 90  ILE   A CG2 1 
ATOM   714  C CD1 . ILE   A 1 92  ? 2.52298   12.72241  7.31279   1.000 44.95875 ? 90  ILE   A CD1 1 
ATOM   715  N N   . ILE   A 1 93  ? 1.21418   9.82717   11.76962  1.000 41.18819 ? 91  ILE   A N   1 
ATOM   716  C CA  . ILE   A 1 93  ? 0.78214   8.51821   12.24949  1.000 37.53608 ? 91  ILE   A CA  1 
ATOM   717  C C   . ILE   A 1 93  ? 1.40515   8.23845   13.61388  1.000 36.42798 ? 91  ILE   A C   1 
ATOM   718  O O   . ILE   A 1 93  ? 2.62137   8.40052   13.79752  1.000 37.52463 ? 91  ILE   A O   1 
ATOM   719  C CB  . ILE   A 1 93  ? 1.11902   7.43510   11.21447  1.000 31.99099 ? 91  ILE   A CB  1 
ATOM   720  C CG1 . ILE   A 1 93  ? 0.31386   7.69745   9.93149   1.000 33.16913 ? 91  ILE   A CG1 1 
ATOM   721  C CG2 . ILE   A 1 93  ? 0.82964   6.04855   11.76832  1.000 30.93270 ? 91  ILE   A CG2 1 
ATOM   722  C CD1 . ILE   A 1 93  ? 0.81378   6.95371   8.73246   1.000 30.05091 ? 91  ILE   A CD1 1 
ATOM   723  N N   . PRO   A 1 94  ? 0.60438   7.83815   14.59536  1.000 35.71341 ? 92  PRO   A N   1 
ATOM   724  C CA  . PRO   A 1 94  ? 1.10849   7.64862   15.96340  1.000 39.40800 ? 92  PRO   A CA  1 
ATOM   725  C C   . PRO   A 1 94  ? 1.88107   6.34924   16.10412  1.000 37.56347 ? 92  PRO   A C   1 
ATOM   726  O O   . PRO   A 1 94  ? 1.79664   5.46506   15.23546  1.000 34.06882 ? 92  PRO   A O   1 
ATOM   727  C CB  . PRO   A 1 94  ? -0.17900  7.61655   16.80188  1.000 35.61348 ? 92  PRO   A CB  1 
ATOM   728  C CG  . PRO   A 1 94  ? -1.21562  7.12563   15.85705  1.000 35.73813 ? 92  PRO   A CG  1 
ATOM   729  C CD  . PRO   A 1 94  ? -0.85557  7.66532   14.50691  1.000 35.49996 ? 92  PRO   A CD  1 
ATOM   730  N N   . PRO   A 1 95  ? 2.63102   6.18707   17.19747  1.000 35.58530 ? 93  PRO   A N   1 
ATOM   731  C CA  . PRO   A 1 95  ? 3.30054   4.90644   17.45448  1.000 29.21553 ? 93  PRO   A CA  1 
ATOM   732  C C   . PRO   A 1 95  ? 2.32624   3.73330   17.50129  1.000 29.69525 ? 93  PRO   A C   1 
ATOM   733  O O   . PRO   A 1 95  ? 1.17900   3.86005   17.93747  1.000 34.86814 ? 93  PRO   A O   1 
ATOM   734  C CB  . PRO   A 1 95  ? 3.96141   5.12491   18.82020  1.000 35.08380 ? 93  PRO   A CB  1 
ATOM   735  C CG  . PRO   A 1 95  ? 4.20162   6.59042   18.87460  1.000 37.02778 ? 93  PRO   A CG  1 
ATOM   736  C CD  . PRO   A 1 95  ? 3.01930   7.21277   18.18319  1.000 40.66684 ? 93  PRO   A CD  1 
ATOM   737  N N   . HIS   A 1 96  ? 2.81163   2.57917   17.03307  1.000 29.28205 ? 94  HIS   A N   1 
ATOM   738  C CA  . HIS   A 1 96  ? 2.09805   1.29694   17.11496  1.000 24.05317 ? 94  HIS   A CA  1 
ATOM   739  C C   . HIS   A 1 96  ? 0.75975   1.31886   16.37578  1.000 29.98321 ? 94  HIS   A C   1 
ATOM   740  O O   . HIS   A 1 96  ? -0.20960  0.68363   16.79553  1.000 25.39909 ? 94  HIS   A O   1 
ATOM   741  C CB  . HIS   A 1 96  ? 1.89620   0.87826   18.57121  1.000 27.93285 ? 94  HIS   A CB  1 
ATOM   742  C CG  . HIS   A 1 96  ? 3.15128   0.91171   19.38396  1.000 25.94168 ? 94  HIS   A CG  1 
ATOM   743  N ND1 . HIS   A 1 96  ? 4.26667   0.17311   19.05582  1.000 27.77525 ? 94  HIS   A ND1 1 
ATOM   744  C CD2 . HIS   A 1 96  ? 3.46304   1.58131   20.51876  1.000 25.01248 ? 94  HIS   A CD2 1 
ATOM   745  C CE1 . HIS   A 1 96  ? 5.21324   0.38697   19.95155  1.000 22.21555 ? 94  HIS   A CE1 1 
ATOM   746  N NE2 . HIS   A 1 96  ? 4.75390   1.24496   20.84419  1.000 25.06153 ? 94  HIS   A NE2 1 
ATOM   747  N N   . ALA   A 1 97  ? 0.70425   2.02882   15.25499  1.000 26.56320 ? 95  ALA   A N   1 
ATOM   748  C CA  . ALA   A 1 97  ? -0.54393  2.17187   14.51286  1.000 27.14157 ? 95  ALA   A CA  1 
ATOM   749  C C   . ALA   A 1 97  ? -0.70306  1.04339   13.50370  1.000 25.80898 ? 95  ALA   A C   1 
ATOM   750  O O   . ALA   A 1 97  ? 0.24748   0.69853   12.79405  1.000 24.51463 ? 95  ALA   A O   1 
ATOM   751  C CB  . ALA   A 1 97  ? -0.59630  3.52079   13.79344  1.000 30.26607 ? 95  ALA   A CB  1 
ATOM   752  N N   . THR   A 1 98  ? -1.90418  0.46536   13.45478  1.000 24.65503 ? 96  THR   A N   1 
ATOM   753  C CA  . THR   A 1 98  ? -2.29060  -0.43500  12.38141  1.000 22.13111 ? 96  THR   A CA  1 
ATOM   754  C C   . THR   A 1 98  ? -2.84531  0.40957   11.24279  1.000 22.79142 ? 96  THR   A C   1 
ATOM   755  O O   . THR   A 1 98  ? -3.67931  1.29450   11.46536  1.000 24.19990 ? 96  THR   A O   1 
ATOM   756  C CB  . THR   A 1 98  ? -3.34341  -1.44940  12.83517  1.000 25.80340 ? 96  THR   A CB  1 
ATOM   757  O OG1 . THR   A 1 98  ? -2.78955  -2.31999  13.82356  1.000 25.65416 ? 96  THR   A OG1 1 
ATOM   758  C CG2 . THR   A 1 98  ? -3.80271  -2.29015  11.66055  1.000 23.16344 ? 96  THR   A CG2 1 
ATOM   759  N N   . LEU   A 1 99  ? -2.38360  0.14301   10.03463  1.000 20.98198 ? 97  LEU   A N   1 
ATOM   760  C CA  . LEU   A 1 99  ? -2.77204  0.95075   8.88868   1.000 21.07434 ? 97  LEU   A CA  1 
ATOM   761  C C   . LEU   A 1 99  ? -3.62215  0.14626   7.91731   1.000 20.89099 ? 97  LEU   A C   1 
ATOM   762  O O   . LEU   A 1 99  ? -3.49005  -1.07568  7.81827   1.000 24.73932 ? 97  LEU   A O   1 
ATOM   763  C CB  . LEU   A 1 99  ? -1.54130  1.49338   8.16852   1.000 22.50192 ? 97  LEU   A CB  1 
ATOM   764  C CG  . LEU   A 1 99  ? -0.61815  2.33368   9.04461   1.000 21.74427 ? 97  LEU   A CG  1 
ATOM   765  C CD1 . LEU   A 1 99  ? 0.38624   3.02544   8.15702   1.000 23.33813 ? 97  LEU   A CD1 1 
ATOM   766  C CD2 . LEU   A 1 99  ? -1.42325  3.34177   9.84845   1.000 22.21078 ? 97  LEU   A CD2 1 
ATOM   767  N N   . VAL   A 1 100 ? -4.50052  0.84798   7.20272   1.000 24.03974 ? 98  VAL   A N   1 
ATOM   768  C CA  . VAL   A 1 100 ? -5.33545  0.25592   6.16144   1.000 20.44750 ? 98  VAL   A CA  1 
ATOM   769  C C   . VAL   A 1 100 ? -5.21405  1.12310   4.91400   1.000 24.34867 ? 98  VAL   A C   1 
ATOM   770  O O   . VAL   A 1 100 ? -5.49010  2.32857   4.96143   1.000 23.23329 ? 98  VAL   A O   1 
ATOM   771  C CB  . VAL   A 1 100 ? -6.80849  0.13000   6.58477   1.000 22.59670 ? 98  VAL   A CB  1 
ATOM   772  C CG1 . VAL   A 1 100 ? -7.64776  -0.36884  5.41932   1.000 27.15964 ? 98  VAL   A CG1 1 
ATOM   773  C CG2 . VAL   A 1 100 ? -6.95244  -0.80695  7.78583   1.000 27.79995 ? 98  VAL   A CG2 1 
ATOM   774  N N   . PHE   A 1 101 ? -4.79955  0.51535   3.80641   1.000 17.40573 ? 99  PHE   A N   1 
ATOM   775  C CA  . PHE   A 1 101 ? -4.66132  1.21089   2.53488   1.000 20.56467 ? 99  PHE   A CA  1 
ATOM   776  C C   . PHE   A 1 101 ? -5.56559  0.53691   1.52505   1.000 21.01223 ? 99  PHE   A C   1 
ATOM   777  O O   . PHE   A 1 101 ? -5.54021  -0.69054  1.38296   1.000 22.20433 ? 99  PHE   A O   1 
ATOM   778  C CB  . PHE   A 1 101 ? -3.22397  1.19426   2.01046   1.000 21.07550 ? 99  PHE   A CB  1 
ATOM   779  C CG  . PHE   A 1 101 ? -2.28430  2.10371   2.75284   1.000 23.55433 ? 99  PHE   A CG  1 
ATOM   780  C CD1 . PHE   A 1 101 ? -1.61173  1.66085   3.89131   1.000 20.50874 ? 99  PHE   A CD1 1 
ATOM   781  C CD2 . PHE   A 1 101 ? -2.05100  3.39110   2.30072   1.000 17.92850 ? 99  PHE   A CD2 1 
ATOM   782  C CE1 . PHE   A 1 101 ? -0.73039  2.49589   4.57038   1.000 16.77872 ? 99  PHE   A CE1 1 
ATOM   783  C CE2 . PHE   A 1 101 ? -1.15963  4.23787   2.97460   1.000 20.02081 ? 99  PHE   A CE2 1 
ATOM   784  C CZ  . PHE   A 1 101 ? -0.50183  3.78499   4.10911   1.000 21.76588 ? 99  PHE   A CZ  1 
ATOM   785  N N   . ASP   A 1 102 ? -6.37094  1.34115   0.85564   1.000 20.29794 ? 100 ASP   A N   1 
ATOM   786  C CA  . ASP   A 1 102 ? -7.04347  0.93520   -0.36196  1.000 24.62527 ? 100 ASP   A CA  1 
ATOM   787  C C   . ASP   A 1 102 ? -6.09580  1.22233   -1.51600  1.000 20.87260 ? 100 ASP   A C   1 
ATOM   788  O O   . ASP   A 1 102 ? -5.69974  2.37378   -1.71804  1.000 21.22995 ? 100 ASP   A O   1 
ATOM   789  C CB  . ASP   A 1 102 ? -8.35740  1.69102   -0.49149  1.000 18.35553 ? 100 ASP   A CB  1 
ATOM   790  C CG  . ASP   A 1 102 ? -9.19663  1.19460   -1.64348  1.000 28.13163 ? 100 ASP   A CG  1 
ATOM   791  O OD1 . ASP   A 1 102 ? -8.75779  1.34517   -2.80432  1.000 30.13432 ? 100 ASP   A OD1 1 
ATOM   792  O OD2 . ASP   A 1 102 ? -10.28358 0.64678   -1.38747  1.000 33.25831 ? 100 ASP   A OD2 1 
ATOM   793  N N   . VAL   A 1 103 ? -5.67607  0.17766   -2.22684  1.000 21.87374 ? 101 VAL   A N   1 
ATOM   794  C CA  . VAL   A 1 103 ? -4.66517  0.30410   -3.27194  1.000 19.70889 ? 101 VAL   A CA  1 
ATOM   795  C C   . VAL   A 1 103 ? -5.22714  -0.23513  -4.58019  1.000 21.63045 ? 101 VAL   A C   1 
ATOM   796  O O   . VAL   A 1 103 ? -5.76723  -1.34511  -4.61909  1.000 18.26162 ? 101 VAL   A O   1 
ATOM   797  C CB  . VAL   A 1 103 ? -3.36307  -0.43472  -2.91214  1.000 22.01383 ? 101 VAL   A CB  1 
ATOM   798  C CG1 . VAL   A 1 103 ? -2.33302  -0.23265  -4.01371  1.000 22.12118 ? 101 VAL   A CG1 1 
ATOM   799  C CG2 . VAL   A 1 103 ? -2.80896  0.04118   -1.55366  1.000 18.34790 ? 101 VAL   A CG2 1 
ATOM   800  N N   . GLU   A 1 104 ? -5.08632  0.54390   -5.65255  1.000 18.74778 ? 102 GLU   A N   1 
ATOM   801  C CA  . GLU   A 1 104 ? -5.42041  0.09589   -7.00237  1.000 22.02043 ? 102 GLU   A CA  1 
ATOM   802  C C   . GLU   A 1 104 ? -4.15034  0.10463   -7.83650  1.000 23.50960 ? 102 GLU   A C   1 
ATOM   803  O O   . GLU   A 1 104 ? -3.54367  1.16284   -8.02986  1.000 20.86103 ? 102 GLU   A O   1 
ATOM   804  C CB  . GLU   A 1 104 ? -6.46943  0.99370   -7.66073  1.000 22.20202 ? 102 GLU   A CB  1 
ATOM   805  C CG  . GLU   A 1 104 ? -6.94419  0.43453   -9.00926  1.000 26.06787 ? 102 GLU   A CG  1 
ATOM   806  C CD  . GLU   A 1 104 ? -7.99112  1.29296   -9.68468  1.000 30.45834 ? 102 GLU   A CD  1 
ATOM   807  O OE1 . GLU   A 1 104 ? -8.33749  2.36606   -9.14953  1.000 27.24402 ? 102 GLU   A OE1 1 
ATOM   808  O OE2 . GLU   A 1 104 ? -8.47274  0.88786   -10.76625 1.000 33.46142 ? 102 GLU   A OE2 1 
ATOM   809  N N   . LEU   A 1 105 ? -3.74059  -1.06464  -8.31793  1.000 21.21141 ? 103 LEU   A N   1 
ATOM   810  C CA  . LEU   A 1 105 ? -2.53674  -1.16224  -9.13876  1.000 20.91692 ? 103 LEU   A CA  1 
ATOM   811  C C   . LEU   A 1 105 ? -2.91248  -0.83528  -10.57344 1.000 21.78329 ? 103 LEU   A C   1 
ATOM   812  O O   . LEU   A 1 105 ? -3.62943  -1.60462  -11.21463 1.000 20.43313 ? 103 LEU   A O   1 
ATOM   813  C CB  . LEU   A 1 105 ? -1.92688  -2.55577  -9.03676  1.000 20.94568 ? 103 LEU   A CB  1 
ATOM   814  C CG  . LEU   A 1 105 ? -0.65781  -2.83672  -9.83873  1.000 21.04790 ? 103 LEU   A CG  1 
ATOM   815  C CD1 . LEU   A 1 105 ? 0.40695   -1.77008  -9.54848  1.000 21.55863 ? 103 LEU   A CD1 1 
ATOM   816  C CD2 . LEU   A 1 105 ? -0.14777  -4.20906  -9.43617  1.000 24.51475 ? 103 LEU   A CD2 1 
ATOM   817  N N   . LEU   A 1 106 ? -2.44151  0.30919   -11.07739 1.000 21.56195 ? 104 LEU   A N   1 
ATOM   818  C CA  . LEU   A 1 106 ? -2.88258  0.79537   -12.38533 1.000 21.92202 ? 104 LEU   A CA  1 
ATOM   819  C C   . LEU   A 1 106 ? -2.06244  0.20886   -13.52642 1.000 21.64795 ? 104 LEU   A C   1 
ATOM   820  O O   . LEU   A 1 106 ? -2.62440  -0.24898  -14.53273 1.000 23.69008 ? 104 LEU   A O   1 
ATOM   821  C CB  . LEU   A 1 106 ? -2.81050  2.32839   -12.42781 1.000 19.96662 ? 104 LEU   A CB  1 
ATOM   822  C CG  . LEU   A 1 106 ? -3.70171  3.03175   -11.40087 1.000 24.01094 ? 104 LEU   A CG  1 
ATOM   823  C CD1 . LEU   A 1 106 ? -3.39159  4.51576   -11.29884 1.000 23.10949 ? 104 LEU   A CD1 1 
ATOM   824  C CD2 . LEU   A 1 106 ? -5.18844  2.79007   -11.68701 1.000 28.12062 ? 104 LEU   A CD2 1 
ATOM   825  N N   . LYS   A 1 107 ? -0.73910  0.25352   -13.40129 1.000 22.15463 ? 105 LYS   A N   1 
ATOM   826  C CA  . LYS   A 1 107 ? 0.14964   -0.26977  -14.42534 1.000 22.58163 ? 105 LYS   A CA  1 
ATOM   827  C C   . LYS   A 1 107 ? 1.52747   -0.46437  -13.81893 1.000 22.74042 ? 105 LYS   A C   1 
ATOM   828  O O   . LYS   A 1 107 ? 1.80140   -0.03682  -12.69478 1.000 27.28373 ? 105 LYS   A O   1 
ATOM   829  C CB  . LYS   A 1 107 ? 0.22318   0.66648   -15.63756 1.000 22.27837 ? 105 LYS   A CB  1 
ATOM   830  C CG  . LYS   A 1 107 ? 0.95340   1.98476   -15.37036 1.000 23.23525 ? 105 LYS   A CG  1 
ATOM   831  C CD  . LYS   A 1 107 ? 0.90782   2.86718   -16.62859 1.000 22.44711 ? 105 LYS   A CD  1 
ATOM   832  C CE  . LYS   A 1 107 ? 1.51942   4.23038   -16.39105 1.000 29.64742 ? 105 LYS   A CE  1 
ATOM   833  N NZ  . LYS   A 1 107 ? 1.49069   5.04600   -17.63888 1.000 35.18749 ? 105 LYS   A NZ  1 
ATOM   834  N N   . LEU   A 1 108 ? 2.39299   -1.12253  -14.58270 1.000 23.76588 ? 106 LEU   A N   1 
ATOM   835  C CA  . LEU   A 1 108 ? 3.79838   -1.26809  -14.23624 1.000 28.23534 ? 106 LEU   A CA  1 
ATOM   836  C C   . LEU   A 1 108 ? 4.64268   -0.54227  -15.27039 1.000 31.03054 ? 106 LEU   A C   1 
ATOM   837  O O   . LEU   A 1 108 ? 4.32985   -0.57073  -16.46542 1.000 32.25267 ? 106 LEU   A O   1 
ATOM   838  C CB  . LEU   A 1 108 ? 4.21728   -2.73416  -14.17365 1.000 27.64061 ? 106 LEU   A CB  1 
ATOM   839  C CG  . LEU   A 1 108 ? 3.54571   -3.57993  -13.10523 1.000 25.39318 ? 106 LEU   A CG  1 
ATOM   840  C CD1 . LEU   A 1 108 ? 4.01596   -5.02109  -13.22319 1.000 31.56285 ? 106 LEU   A CD1 1 
ATOM   841  C CD2 . LEU   A 1 108 ? 3.85060   -3.01482  -11.72886 1.000 29.85889 ? 106 LEU   A CD2 1 
ATOM   842  N N   . GLU   A 1 109 ? 5.70924   0.09915   -14.80106 1.000 32.80974 ? 107 GLU   A N   1 
ATOM   843  C CA  . GLU   A 1 109 ? 6.62269   0.86173   -15.65261 1.000 36.57236 ? 107 GLU   A CA  1 
ATOM   844  C C   . GLU   A 1 109 ? 8.07055   0.39470   -15.50062 1.000 40.01180 ? 107 GLU   A C   1 
ATOM   845  O O   . GLU   A 1 109 ? 8.39941   -0.39055  -14.61653 1.000 35.08769 ? 107 GLU   A O   1 
ATOM   846  C CB  . GLU   A 1 109 ? 6.55066   2.35305   -15.32264 1.000 38.57063 ? 107 GLU   A CB  1 
ATOM   847  C CG  . GLU   A 1 109 ? 5.26533   3.04009   -15.72740 1.000 40.32489 ? 107 GLU   A CG  1 
ATOM   848  C CD  . GLU   A 1 109 ? 5.30931   4.51799   -15.41390 1.000 38.39437 ? 107 GLU   A CD  1 
ATOM   849  O OE1 . GLU   A 1 109 ? 6.16520   4.91194   -14.59361 1.000 43.48209 ? 107 GLU   A OE1 1 
ATOM   850  O OE2 . GLU   A 1 109 ? 4.50871   5.28551   -15.99206 1.000 42.55679 ? 107 GLU   A OE2 1 
ATOM   851  O OXT . GLU   A 1 109 ? 8.95830   0.81459   -16.24551 1.000 44.38063 ? 107 GLU   A OXT 1 
HETATM 852  C C1  . A1AZI B 2 .   ? 10.61200  3.98886   3.16810   1.000 18.69207 ? 201 A1AZI A C1  1 
HETATM 853  C C2  . A1AZI B 2 .   ? 10.53913  3.27484   4.43851   1.000 17.75650 ? 201 A1AZI A C2  1 
HETATM 854  C C3  . A1AZI B 2 .   ? 9.89205   3.89624   5.57005   1.000 22.03589 ? 201 A1AZI A C3  1 
HETATM 855  O O1  . A1AZI B 2 .   ? 6.58612   11.14606  0.46661   1.000 27.93336 ? 201 A1AZI A O1  1 
HETATM 856  O O2  . A1AZI B 2 .   ? 6.79592   13.91037  0.69491   1.000 38.18407 ? 201 A1AZI A O2  1 
HETATM 857  O O3  . A1AZI B 2 .   ? 3.39575   11.84370  -3.29753  1.000 33.95781 ? 201 A1AZI A O3  1 
HETATM 858  C C41 . A1AZI B 2 .   ? 12.09307  1.55411   3.58764   1.000 21.35322 ? 201 A1AZI A C41 1 
HETATM 859  C C11 . A1AZI B 2 .   ? 7.27444   6.87515   0.02220   1.000 21.18930 ? 201 A1AZI A C11 1 
HETATM 860  C C12 . A1AZI B 2 .   ? 7.38032   7.73979   -1.14174  1.000 18.74495 ? 201 A1AZI A C12 1 
HETATM 861  C C13 . A1AZI B 2 .   ? 7.14472   9.15819   -0.98552  1.000 23.42799 ? 201 A1AZI A C13 1 
HETATM 862  C C14 . A1AZI B 2 .   ? 6.81047   9.71494   0.31169   1.000 27.14514 ? 201 A1AZI A C14 1 
HETATM 863  C C15 . A1AZI B 2 .   ? 6.71615   8.87046   1.48575   1.000 20.06717 ? 201 A1AZI A C15 1 
HETATM 864  C C16 . A1AZI B 2 .   ? 6.85458   11.92800  -0.74729  1.000 36.34019 ? 201 A1AZI A C16 1 
HETATM 865  C C17 . A1AZI B 2 .   ? 6.40242   13.41645  -0.37653  1.000 37.78148 ? 201 A1AZI A C17 1 
HETATM 866  C C18 . A1AZI B 2 .   ? 5.10621   15.62828  -0.81005  1.000 43.32226 ? 201 A1AZI A C18 1 
HETATM 867  C C19 . A1AZI B 2 .   ? 3.53119   15.86738  -1.01861  1.000 43.45629 ? 201 A1AZI A C19 1 
HETATM 868  C C20 . A1AZI B 2 .   ? 3.18905   15.61068  -2.56277  1.000 38.03345 ? 201 A1AZI A C20 1 
HETATM 869  C C21 . A1AZI B 2 .   ? 4.22114   14.79106  -3.47060  1.000 37.12143 ? 201 A1AZI A C21 1 
HETATM 870  C C22 . A1AZI B 2 .   ? 4.96232   13.65904  -2.61162  1.000 37.73497 ? 201 A1AZI A C22 1 
HETATM 871  C C23 . A1AZI B 2 .   ? 3.93337   12.45456  -2.34900  1.000 37.29889 ? 201 A1AZI A C23 1 
HETATM 872  C C24 . A1AZI B 2 .   ? 2.65964   10.92951  -0.65491  1.000 32.70009 ? 201 A1AZI A C24 1 
HETATM 873  C C25 . A1AZI B 2 .   ? 1.99529   11.16909  0.77720   1.000 31.60240 ? 201 A1AZI A C25 1 
HETATM 874  C C26 . A1AZI B 2 .   ? 1.53407   10.45047  3.09693   1.000 30.32067 ? 201 A1AZI A C26 1 
HETATM 875  C C27 . A1AZI B 2 .   ? 2.05491   9.28630   4.04697   1.000 26.25194 ? 201 A1AZI A C27 1 
HETATM 876  C C28 . A1AZI B 2 .   ? 1.34684   7.94904   3.56652   1.000 26.21239 ? 201 A1AZI A C28 1 
HETATM 877  C C29 . A1AZI B 2 .   ? 2.11986   6.56961   3.70463   1.000 27.24105 ? 201 A1AZI A C29 1 
HETATM 878  C C30 . A1AZI B 2 .   ? 3.46104   4.63104   2.54401   1.000 22.40194 ? 201 A1AZI A C30 1 
HETATM 879  C C10 . A1AZI B 2 .   ? 6.95959   7.46085   1.31499   1.000 22.02665 ? 201 A1AZI A C10 1 
HETATM 880  C C31 . A1AZI B 2 .   ? 5.01141   4.91449   2.56131   1.000 23.47394 ? 201 A1AZI A C31 1 
HETATM 881  C C32 . A1AZI B 2 .   ? 3.13170   3.70806   1.27570   1.000 22.97951 ? 201 A1AZI A C32 1 
HETATM 882  C C33 . A1AZI B 2 .   ? 3.25623   4.52909   -0.09256  1.000 19.96272 ? 201 A1AZI A C33 1 
HETATM 883  C C34 . A1AZI B 2 .   ? 2.19427   5.71420   -0.01499  1.000 20.03616 ? 201 A1AZI A C34 1 
HETATM 884  C C35 . A1AZI B 2 .   ? 2.58167   6.72609   1.15181   1.000 23.79019 ? 201 A1AZI A C35 1 
HETATM 885  C C36 . A1AZI B 2 .   ? 3.63758   9.12609   3.85688   1.000 32.05481 ? 201 A1AZI A C36 1 
HETATM 886  C C37 . A1AZI B 2 .   ? 1.67565   9.59203   5.56651   1.000 30.16048 ? 201 A1AZI A C37 1 
HETATM 887  C C38 . A1AZI B 2 .   ? 3.49414   9.56364   -0.66699  1.000 28.37054 ? 201 A1AZI A C38 1 
HETATM 888  C C39 . A1AZI B 2 .   ? 2.11380   16.25185  -3.14297  1.000 41.47676 ? 201 A1AZI A C39 1 
HETATM 889  C C4  . A1AZI B 2 .   ? 9.32734   5.22901   5.46808   1.000 24.57619 ? 201 A1AZI A C4  1 
HETATM 890  C C40 . A1AZI B 2 .   ? 9.39895   4.02022   7.95691   1.000 27.69759 ? 201 A1AZI A C40 1 
HETATM 891  C C5  . A1AZI B 2 .   ? 9.39813   5.93741   4.20158   1.000 18.38798 ? 201 A1AZI A C5  1 
HETATM 892  C C6  . A1AZI B 2 .   ? 10.04321  5.32130   3.05443   1.000 22.07748 ? 201 A1AZI A C6  1 
HETATM 893  C C7  . A1AZI B 2 .   ? 8.78124   7.40323   4.07453   1.000 24.10862 ? 201 A1AZI A C7  1 
HETATM 894  C C8  . A1AZI B 2 .   ? 7.19407   7.35816   3.92290   1.000 23.75709 ? 201 A1AZI A C8  1 
HETATM 895  C C9  . A1AZI B 2 .   ? 6.81895   6.54857   2.59964   1.000 21.14116 ? 201 A1AZI A C9  1 
HETATM 896  N N1  . A1AZI B 2 .   ? 5.47876   14.22388  -1.27610  1.000 34.76770 ? 201 A1AZI A N1  1 
HETATM 897  N N2  . A1AZI B 2 .   ? 3.62480   12.06932  -0.91431  1.000 37.35509 ? 201 A1AZI A N2  1 
HETATM 898  N N3  . A1AZI B 2 .   ? 2.74171   5.97326   2.46508   1.000 20.43226 ? 201 A1AZI A N3  1 
HETATM 899  O O10 . A1AZI B 2 .   ? 9.82908   3.17472   6.83480   1.000 23.02022 ? 201 A1AZI A O10 1 
HETATM 900  O O11 . A1AZI B 2 .   ? 11.10041  1.93927   4.58645   1.000 24.92844 ? 201 A1AZI A O11 1 
HETATM 901  O O4  . A1AZI B 2 .   ? 2.04769   10.09019  1.77420   1.000 34.30206 ? 201 A1AZI A O4  1 
HETATM 902  O O5  . A1AZI B 2 .   ? 5.38234   6.31387   2.65309   1.000 21.41566 ? 201 A1AZI A O5  1 
HETATM 903  O O6  . A1AZI B 2 .   ? 5.83869   3.99845   2.48030   1.000 24.79141 ? 201 A1AZI A O6  1 
HETATM 904  O O7  . A1AZI B 2 .   ? 2.20233   6.01238   4.81111   1.000 26.64017 ? 201 A1AZI A O7  1 
HETATM 905  O O8  . A1AZI B 2 .   ? 0.19727   7.97408   3.09593   1.000 30.14934 ? 201 A1AZI A O8  1 
HETATM 906  O O9  . A1AZI B 2 .   ? 1.45001   12.26267  1.03447   1.000 34.96117 ? 201 A1AZI A O9  1 
HETATM 907  O O   . HOH   C 3 .   ? -9.92928  -3.49344  -10.43320 1.000 36.93207 ? 301 HOH   A O   1 
HETATM 908  O O   . HOH   C 3 .   ? 4.86613   -4.15734  16.76556  1.000 29.18779 ? 302 HOH   A O   1 
HETATM 909  O O   . HOH   C 3 .   ? -10.32014 -0.67513  -10.47802 1.000 42.98694 ? 303 HOH   A O   1 
HETATM 910  O O   . HOH   C 3 .   ? -0.52979  -11.08300 3.03668   1.000 34.05084 ? 304 HOH   A O   1 
HETATM 911  O O   . HOH   C 3 .   ? 10.40877  -0.94868  0.83979   1.000 25.39742 ? 305 HOH   A O   1 
HETATM 912  O O   . HOH   C 3 .   ? 14.56037  -5.40888  -0.64724  1.000 42.17994 ? 306 HOH   A O   1 
HETATM 913  O O   . HOH   C 3 .   ? 7.89956   -7.45967  -2.39897  1.000 33.09753 ? 307 HOH   A O   1 
HETATM 914  O O   . HOH   C 3 .   ? 9.03521   4.35035   11.51961  1.000 37.06971 ? 308 HOH   A O   1 
HETATM 915  O O   . HOH   C 3 .   ? -8.06535  -12.26377 -4.78754  1.000 27.34147 ? 309 HOH   A O   1 
HETATM 916  O O   . HOH   C 3 .   ? 14.61085  4.64170   -4.62081  1.000 35.04032 ? 310 HOH   A O   1 
HETATM 917  O O   . HOH   C 3 .   ? 5.85485   -8.23205  -13.73153 1.000 36.33701 ? 311 HOH   A O   1 
HETATM 918  O O   . HOH   C 3 .   ? -2.05930  14.21292  3.32098   1.000 34.31685 ? 312 HOH   A O   1 
HETATM 919  O O   . HOH   C 3 .   ? -2.30041  12.44230  10.62923  1.000 44.48751 ? 313 HOH   A O   1 
HETATM 920  O O   . HOH   C 3 .   ? -10.02644 -9.50484  -14.06316 1.000 39.53132 ? 314 HOH   A O   1 
HETATM 921  O O   . HOH   C 3 .   ? -5.99401  -11.58878 -1.07626  1.000 38.26635 ? 315 HOH   A O   1 
HETATM 922  O O   . HOH   C 3 .   ? -5.27007  13.34606  1.28699   1.000 37.86811 ? 316 HOH   A O   1 
HETATM 923  O O   . HOH   C 3 .   ? -1.82931  -1.60147  16.12756  1.000 27.45024 ? 317 HOH   A O   1 
HETATM 924  O O   . HOH   C 3 .   ? 4.30755   -11.10399 8.02689   1.000 31.91718 ? 318 HOH   A O   1 
HETATM 925  O O   . HOH   C 3 .   ? -5.57360  -5.46139  -15.74637 1.000 35.16652 ? 319 HOH   A O   1 
HETATM 926  O O   . HOH   C 3 .   ? 16.99257  0.43281   -10.58167 1.000 47.07947 ? 320 HOH   A O   1 
HETATM 927  O O   . HOH   C 3 .   ? 5.21642   -10.37892 -7.48690  1.000 36.74866 ? 321 HOH   A O   1 
HETATM 928  O O   . HOH   C 3 .   ? 0.86657   10.24030  -3.88679  1.000 24.06114 ? 322 HOH   A O   1 
HETATM 929  O O   . HOH   C 3 .   ? -7.04712  -6.16741  4.57438   1.000 22.50334 ? 323 HOH   A O   1 
HETATM 930  O O   . HOH   C 3 .   ? 4.16365   1.03788   -18.57381 1.000 39.03233 ? 324 HOH   A O   1 
HETATM 931  O O   . HOH   C 3 .   ? 3.20916   3.56887   13.99869  1.000 25.10565 ? 325 HOH   A O   1 
HETATM 932  O O   . HOH   C 3 .   ? -0.03668  11.90000  -5.85495  1.000 24.52118 ? 326 HOH   A O   1 
HETATM 933  O O   . HOH   C 3 .   ? 0.31988   4.53526   -20.00060 1.000 37.97657 ? 327 HOH   A O   1 
HETATM 934  O O   . HOH   C 3 .   ? 3.27280   10.65796  -7.88647  1.000 28.63751 ? 328 HOH   A O   1 
HETATM 935  O O   . HOH   C 3 .   ? 13.85987  5.01509   1.88559   1.000 24.08898 ? 329 HOH   A O   1 
HETATM 936  O O   . HOH   C 3 .   ? -8.54340  4.86595   -2.88849  1.000 27.96735 ? 330 HOH   A O   1 
HETATM 937  O O   . HOH   C 3 .   ? 3.88214   -11.70292 -13.68015 1.000 38.33240 ? 331 HOH   A O   1 
HETATM 938  O O   . HOH   C 3 .   ? 6.72196   5.28389   20.82278  1.000 37.93047 ? 332 HOH   A O   1 
HETATM 939  O O   . HOH   C 3 .   ? 4.54428   12.16834  1.92531   1.000 35.66431 ? 333 HOH   A O   1 
HETATM 940  O O   . HOH   C 3 .   ? 9.09845   0.99964   10.76405  1.000 31.93455 ? 334 HOH   A O   1 
HETATM 941  O O   . HOH   C 3 .   ? 8.22905   6.42311   -4.48672  1.000 23.70476 ? 335 HOH   A O   1 
HETATM 942  O O   . HOH   C 3 .   ? -4.38593  -10.83938 -8.57096  1.000 24.06665 ? 336 HOH   A O   1 
HETATM 943  O O   . HOH   C 3 .   ? -12.71955 0.59857   -2.59403  1.000 37.31748 ? 337 HOH   A O   1 
HETATM 944  O O   . HOH   C 3 .   ? -9.55167  -11.31164 -0.79413  1.000 28.25786 ? 338 HOH   A O   1 
HETATM 945  O O   . HOH   C 3 .   ? 10.69079  -6.52344  -2.57530  1.000 36.47822 ? 339 HOH   A O   1 
HETATM 946  O O   . HOH   C 3 .   ? 5.19381   -1.19284  16.88020  1.000 23.86306 ? 340 HOH   A O   1 
HETATM 947  O O   . HOH   C 3 .   ? 19.89580  -0.58398  1.49384   1.000 37.64871 ? 341 HOH   A O   1 
HETATM 948  O O   . HOH   C 3 .   ? -7.23857  2.87681   -4.52064  1.000 25.30911 ? 342 HOH   A O   1 
HETATM 949  O O   . HOH   C 3 .   ? -7.11412  -0.85781  -12.41573 1.000 39.69869 ? 343 HOH   A O   1 
HETATM 950  O O   . HOH   C 3 .   ? 10.99394  -0.24144  -2.63195  1.000 24.45095 ? 344 HOH   A O   1 
HETATM 951  O O   . HOH   C 3 .   ? -8.53306  -4.15097  8.43709   1.000 36.70064 ? 345 HOH   A O   1 
HETATM 952  O O   . HOH   C 3 .   ? -0.79386  -13.04768 -5.38978  1.000 31.13286 ? 346 HOH   A O   1 
HETATM 953  O O   . HOH   C 3 .   ? 12.90511  -2.98120  -1.11910  1.000 30.09711 ? 347 HOH   A O   1 
HETATM 954  O O   . HOH   C 3 .   ? -3.35823  -11.62613 2.91638   1.000 27.97995 ? 348 HOH   A O   1 
HETATM 955  O O   . HOH   C 3 .   ? 8.05808   -0.68828  7.34092   1.000 23.21149 ? 349 HOH   A O   1 
HETATM 956  O O   . HOH   C 3 .   ? -6.94522  -10.52673 -9.33297  1.000 23.66094 ? 350 HOH   A O   1 
HETATM 957  O O   . HOH   C 3 .   ? -9.72771  8.66928   -8.23926  1.000 33.72781 ? 351 HOH   A O   1 
HETATM 958  O O   . HOH   C 3 .   ? -3.93108  -10.81967 -4.89371  1.000 27.46888 ? 352 HOH   A O   1 
HETATM 959  O O   . HOH   C 3 .   ? -5.36311  -0.96723  -14.67213 1.000 27.28346 ? 353 HOH   A O   1 
HETATM 960  O O   . HOH   C 3 .   ? 2.51667   7.55092   -18.49077 1.000 34.07025 ? 354 HOH   A O   1 
HETATM 961  O O   . HOH   C 3 .   ? 1.40438   -2.67155  -16.75696 1.000 27.50146 ? 355 HOH   A O   1 
HETATM 962  O O   . HOH   C 3 .   ? 8.99120   -3.02559  8.59325   1.000 28.84451 ? 356 HOH   A O   1 
HETATM 963  O O   . HOH   C 3 .   ? 15.07246  -2.51780  -7.39670  1.000 37.04015 ? 357 HOH   A O   1 
HETATM 964  O O   . HOH   C 3 .   ? 1.10193   15.07680  1.44639   1.000 44.26752 ? 358 HOH   A O   1 
HETATM 965  O O   . HOH   C 3 .   ? -1.98507  -7.28199  9.20066   1.000 24.34570 ? 359 HOH   A O   1 
HETATM 966  O O   . HOH   C 3 .   ? 8.92283   -2.71938  -16.21711 1.000 37.50573 ? 360 HOH   A O   1 
HETATM 967  O O   . HOH   C 3 .   ? -13.57298 -9.35246  -0.64583  1.000 32.02214 ? 361 HOH   A O   1 
HETATM 968  O O   . HOH   C 3 .   ? -1.77809  -5.02097  13.61984  1.000 25.67358 ? 362 HOH   A O   1 
HETATM 969  O O   . HOH   C 3 .   ? -8.68450  4.86802   -10.55819 1.000 37.91187 ? 363 HOH   A O   1 
HETATM 970  O O   . HOH   C 3 .   ? 5.20358   9.06801   -6.80482  1.000 29.65366 ? 364 HOH   A O   1 
HETATM 971  O O   . HOH   C 3 .   ? 10.46136  0.32543   6.91752   1.000 27.05487 ? 365 HOH   A O   1 
HETATM 972  O O   . HOH   C 3 .   ? 2.55804   2.17457   11.82094  1.000 26.34270 ? 366 HOH   A O   1 
HETATM 973  O O   . HOH   C 3 .   ? 17.27521  -2.92075  -1.47424  1.000 36.00492 ? 367 HOH   A O   1 
HETATM 974  O O   . HOH   C 3 .   ? 14.67539  4.49997   -1.72532  1.000 28.54043 ? 368 HOH   A O   1 
HETATM 975  O O   . HOH   C 3 .   ? 5.00776   12.57153  4.69880   1.000 37.07127 ? 369 HOH   A O   1 
HETATM 976  O O   . HOH   C 3 .   ? -8.73266  2.23460   -13.37047 1.000 33.52761 ? 370 HOH   A O   1 
HETATM 977  O O   . HOH   C 3 .   ? -3.90701  -9.05365  9.41117   1.000 32.60917 ? 371 HOH   A O   1 
HETATM 978  O O   . HOH   C 3 .   ? 2.01999   10.07990  -11.56104 1.000 24.79735 ? 372 HOH   A O   1 
HETATM 979  O O   . HOH   C 3 .   ? -5.55454  -6.00006  12.11760  1.000 32.79493 ? 373 HOH   A O   1 
HETATM 980  O O   . HOH   C 3 .   ? 15.22040  -1.45073  -12.56238 1.000 33.16668 ? 374 HOH   A O   1 
HETATM 981  O O   . HOH   C 3 .   ? -10.65789 4.14362   -1.58307  1.000 33.98599 ? 375 HOH   A O   1 
HETATM 982  O O   . HOH   C 3 .   ? -4.31518  -15.49936 -10.67398 1.000 39.36080 ? 376 HOH   A O   1 
HETATM 983  O O   . HOH   C 3 .   ? 1.99849   -10.76846 -17.96652 1.000 37.03979 ? 377 HOH   A O   1 
HETATM 984  O O   . HOH   C 3 .   ? 5.21623   -6.29423  -16.30172 1.000 40.24744 ? 378 HOH   A O   1 
HETATM 985  O O   . HOH   C 3 .   ? 4.63243   10.91941  -12.51759 1.000 40.01329 ? 379 HOH   A O   1 
HETATM 986  O O   . HOH   C 3 .   ? 5.43666   -3.02591  -18.00642 1.000 42.42044 ? 380 HOH   A O   1 
HETATM 987  O O   . HOH   C 3 .   ? -3.25250  -6.19758  -17.68599 1.000 38.84651 ? 381 HOH   A O   1 
HETATM 988  O O   . HOH   C 3 .   ? -1.94420  -11.56024 6.70672   1.000 35.42683 ? 382 HOH   A O   1 
HETATM 989  O O   . HOH   C 3 .   ? 2.55061   -10.68094 5.66790   1.000 29.86312 ? 383 HOH   A O   1 
HETATM 990  O O   . HOH   C 3 .   ? 10.35042  4.65159   -9.60882  1.000 34.06386 ? 384 HOH   A O   1 
HETATM 991  O O   . HOH   C 3 .   ? -9.71767  -2.61803  -13.11863 1.000 38.65085 ? 385 HOH   A O   1 
HETATM 992  O O   . HOH   C 3 .   ? -12.32866 -5.90132  -11.58750 1.000 34.21154 ? 386 HOH   A O   1 
HETATM 993  O O   . HOH   C 3 .   ? 6.30196   -11.78051 -11.74243 1.000 37.31590 ? 387 HOH   A O   1 
HETATM 994  O O   . HOH   C 3 .   ? -12.26441 0.09980   -8.76898  1.000 37.09263 ? 388 HOH   A O   1 
HETATM 995  O O   . HOH   C 3 .   ? -2.06637  -1.28038  -17.62370 1.000 35.39049 ? 389 HOH   A O   1 
HETATM 996  O O   . HOH   C 3 .   ? 10.73691  6.02610   10.90797  1.000 37.09889 ? 390 HOH   A O   1 
HETATM 997  O O   . HOH   C 3 .   ? 14.15761  -10.18455 -7.58248  1.000 35.98398 ? 391 HOH   A O   1 
HETATM 998  O O   . HOH   C 3 .   ? -3.04437  -5.92698  11.61347  1.000 28.83082 ? 392 HOH   A O   1 
HETATM 999  O O   . HOH   C 3 .   ? 5.54479   9.85591   18.82803  1.000 41.01798 ? 393 HOH   A O   1 
HETATM 1000 O O   . HOH   C 3 .   ? -14.11227 -1.29573  -0.74919  1.000 35.39002 ? 394 HOH   A O   1 
HETATM 1001 O O   . HOH   C 3 .   ? 18.11719  3.37760   1.44751   1.000 35.38502 ? 395 HOH   A O   1 
HETATM 1002 O O   . HOH   C 3 .   ? 3.60215   -5.02175  -17.63846 1.000 35.09448 ? 396 HOH   A O   1 
HETATM 1003 O O   . HOH   C 3 .   ? 2.98459   10.64444  18.53327  1.000 54.82294 ? 397 HOH   A O   1 
# 
